data_3E3K
#
_entry.id   3E3K
#
_cell.length_a   158.700
_cell.length_b   158.700
_cell.length_c   134.600
_cell.angle_alpha   90.000
_cell.angle_beta   90.000
_cell.angle_gamma   120.000
#
_symmetry.space_group_name_H-M   'P 62'
#
loop_
_entity.id
_entity.type
_entity.pdbx_description
1 polymer 'Nickel-binding periplasmic protein'
2 non-polymer GLYCEROL
3 non-polymer 'ACETATE ION'
4 non-polymer 'SULFATE ION'
5 non-polymer '(2R)-butane-1,2,4-tricarboxylic acid'
6 non-polymer 'CHLORIDE ION'
7 water water
#
_entity_poly.entity_id   1
_entity_poly.type   'polypeptide(L)'
_entity_poly.pdbx_seq_one_letter_code
;AAPDEITTAWPVNVGPLNPHLYTPNQMFAQSMVYEPLVKYQADGSVIPWLAKSWTHSEDGKTWTFTLRDDVKFSNGEPFD
AEAAAENFRAVLDNRQRHAWLELANQIVDVKALSKTELQITLKSAYYPFLQELALPRPFRFIAPSQFKNHETMNGIKAPI
GTGPWILQESKLNQYDVFVRNENYWGEKPAIKKITFNVIPDPTTRAVAFETGDIDLLYGNEGLLPLDTFARFSQNPAYHT
QLSQPIETVMLALNTAKAPTNELAVREALNYAVNKKSLIDNALYGTQQVADTLFAPSVPYANLGLKPSQYDPQKAKALLE
KAGWTLPAGKDIREKNGQPLRIELSFIGTDALSKSMAEIIQADMRQIGADVSLIGEEESSIYARQRDGRFGMIFHRTWGA
PYDPHAFLSSMRVPSHADFQAQQGLADKPLIDKEIGEVLATHDETQRQALYRDILTRLHDEAVYLPISYISMMVVSKPEL
GNIPYAPIATEIPFEQIKPVKP
;
_entity_poly.pdbx_strand_id   A,B,C
#
loop_
_chem_comp.id
_chem_comp.type
_chem_comp.name
_chem_comp.formula
ACT non-polymer 'ACETATE ION' 'C2 H3 O2 -1'
CL non-polymer 'CHLORIDE ION' 'Cl -1'
GOL non-polymer GLYCEROL 'C3 H8 O3'
HCT non-polymer '(2R)-butane-1,2,4-tricarboxylic acid' 'C7 H10 O6'
SO4 non-polymer 'SULFATE ION' 'O4 S -2'
#
# COMPACT_ATOMS: atom_id res chain seq x y z
N ALA A 2 -23.60 -4.93 -33.45
CA ALA A 2 -22.45 -5.73 -33.96
C ALA A 2 -21.26 -5.61 -33.02
N PRO A 3 -21.12 -6.55 -32.06
CA PRO A 3 -20.02 -6.56 -31.07
C PRO A 3 -18.70 -6.96 -31.74
N ASP A 4 -18.79 -8.01 -32.54
CA ASP A 4 -17.68 -8.59 -33.28
C ASP A 4 -16.99 -7.51 -34.10
N GLU A 5 -17.71 -6.43 -34.39
CA GLU A 5 -17.22 -5.32 -35.18
C GLU A 5 -17.01 -4.06 -34.35
N ILE A 6 -16.05 -3.22 -34.76
CA ILE A 6 -15.76 -1.97 -34.06
C ILE A 6 -15.27 -0.90 -35.03
N THR A 7 -15.51 0.36 -34.68
CA THR A 7 -15.07 1.45 -35.54
C THR A 7 -14.12 2.37 -34.80
N THR A 8 -13.08 2.79 -35.51
CA THR A 8 -12.11 3.66 -34.90
C THR A 8 -11.84 4.80 -35.86
N ALA A 9 -10.74 5.51 -35.65
CA ALA A 9 -10.46 6.64 -36.52
C ALA A 9 -8.98 6.82 -36.75
N TRP A 10 -8.66 7.54 -37.82
CA TRP A 10 -7.29 7.84 -38.15
C TRP A 10 -7.30 9.08 -39.05
N PRO A 11 -6.32 9.98 -38.89
CA PRO A 11 -6.25 11.21 -39.68
C PRO A 11 -6.19 11.03 -41.19
N VAL A 12 -5.57 9.93 -41.62
CA VAL A 12 -5.40 9.66 -43.04
C VAL A 12 -5.66 8.19 -43.37
N ASN A 13 -5.80 7.89 -44.65
CA ASN A 13 -6.03 6.53 -45.10
C ASN A 13 -4.84 5.67 -44.74
N VAL A 14 -5.03 4.36 -44.75
CA VAL A 14 -3.99 3.40 -44.45
C VAL A 14 -2.86 3.41 -45.50
N GLY A 15 -3.21 3.82 -46.72
CA GLY A 15 -2.22 3.84 -47.78
C GLY A 15 -2.31 2.55 -48.58
N PRO A 16 -1.37 2.29 -49.50
CA PRO A 16 -1.34 1.08 -50.34
C PRO A 16 -0.99 -0.20 -49.58
N LEU A 17 -0.51 -0.04 -48.35
CA LEU A 17 -0.09 -1.17 -47.50
C LEU A 17 1.06 -1.93 -48.13
N ASN A 18 1.93 -1.20 -48.81
CA ASN A 18 3.10 -1.81 -49.42
C ASN A 18 3.97 -2.17 -48.23
N PRO A 19 4.30 -3.45 -48.08
CA PRO A 19 5.13 -3.91 -46.96
C PRO A 19 6.56 -3.41 -46.95
N HIS A 20 7.05 -2.98 -48.11
CA HIS A 20 8.43 -2.56 -48.18
C HIS A 20 8.62 -1.09 -48.46
N LEU A 21 7.57 -0.30 -48.23
CA LEU A 21 7.69 1.13 -48.46
C LEU A 21 7.24 1.92 -47.23
N TYR A 22 7.64 3.18 -47.17
CA TYR A 22 7.27 4.02 -46.04
C TYR A 22 6.10 4.91 -46.41
N THR A 23 6.23 6.21 -46.17
CA THR A 23 5.16 7.15 -46.48
C THR A 23 4.53 6.85 -47.83
N PRO A 24 3.18 6.85 -47.90
CA PRO A 24 2.22 7.10 -46.83
C PRO A 24 1.70 5.84 -46.14
N ASN A 25 2.40 4.72 -46.29
CA ASN A 25 1.95 3.48 -45.65
C ASN A 25 1.99 3.61 -44.14
N GLN A 26 0.83 3.75 -43.51
CA GLN A 26 0.77 3.87 -42.07
C GLN A 26 1.29 2.58 -41.44
N MET A 27 2.24 2.73 -40.51
CA MET A 27 2.83 1.58 -39.85
C MET A 27 1.89 0.63 -39.13
N PHE A 28 1.01 1.15 -38.26
CA PHE A 28 0.11 0.25 -37.53
C PHE A 28 -0.59 -0.68 -38.50
N ALA A 29 -1.07 -0.11 -39.61
CA ALA A 29 -1.78 -0.87 -40.63
C ALA A 29 -0.91 -1.97 -41.24
N GLN A 30 0.27 -1.59 -41.68
CA GLN A 30 1.24 -2.53 -42.23
C GLN A 30 1.43 -3.67 -41.26
N SER A 31 1.44 -3.36 -39.97
CA SER A 31 1.61 -4.38 -38.94
C SER A 31 0.36 -5.24 -38.74
N MET A 32 -0.76 -4.80 -39.29
CA MET A 32 -2.00 -5.57 -39.20
C MET A 32 -2.03 -6.70 -40.23
N VAL A 33 -1.57 -6.40 -41.44
CA VAL A 33 -1.55 -7.33 -42.57
C VAL A 33 -0.33 -8.26 -42.71
N TYR A 34 0.86 -7.67 -42.63
CA TYR A 34 2.08 -8.45 -42.76
C TYR A 34 2.74 -8.79 -41.42
N GLU A 35 3.45 -9.92 -41.40
CA GLU A 35 4.14 -10.41 -40.20
C GLU A 35 5.64 -10.60 -40.44
N PRO A 36 6.41 -10.81 -39.36
CA PRO A 36 7.87 -11.02 -39.36
C PRO A 36 8.25 -12.48 -39.13
N LEU A 37 9.52 -12.83 -39.37
CA LEU A 37 9.99 -14.19 -39.13
C LEU A 37 9.99 -14.42 -37.63
N VAL A 38 10.49 -13.41 -36.95
CA VAL A 38 10.62 -13.41 -35.51
C VAL A 38 9.83 -12.19 -34.96
N LYS A 39 9.21 -12.34 -33.78
CA LYS A 39 8.39 -11.26 -33.18
C LYS A 39 8.91 -10.63 -31.89
N TYR A 40 8.86 -9.30 -31.82
CA TYR A 40 9.35 -8.52 -30.68
C TYR A 40 8.57 -8.59 -29.37
N GLN A 41 9.31 -8.78 -28.27
CA GLN A 41 8.72 -8.86 -26.94
C GLN A 41 9.04 -7.62 -26.11
N ALA A 42 8.22 -7.39 -25.07
CA ALA A 42 8.40 -6.24 -24.21
C ALA A 42 9.75 -6.30 -23.50
N ASP A 43 10.09 -7.47 -22.96
CA ASP A 43 11.36 -7.64 -22.28
C ASP A 43 12.52 -7.33 -23.21
N GLY A 44 12.21 -6.92 -24.43
CA GLY A 44 13.26 -6.58 -25.39
C GLY A 44 13.71 -7.74 -26.24
N SER A 45 13.39 -8.95 -25.80
CA SER A 45 13.78 -10.14 -26.54
C SER A 45 12.85 -10.37 -27.72
N VAL A 46 12.83 -11.60 -28.18
CA VAL A 46 12.02 -12.00 -29.31
C VAL A 46 11.61 -13.46 -29.15
N ILE A 47 10.49 -13.82 -29.78
CA ILE A 47 10.00 -15.18 -29.77
C ILE A 47 9.81 -15.58 -31.22
N PRO A 48 9.84 -16.90 -31.52
CA PRO A 48 9.66 -17.31 -32.92
C PRO A 48 8.25 -16.98 -33.41
N TRP A 49 8.14 -16.65 -34.70
CA TRP A 49 6.85 -16.33 -35.29
C TRP A 49 6.73 -17.18 -36.56
N LEU A 50 6.93 -16.55 -37.72
CA LEU A 50 6.89 -17.25 -38.99
C LEU A 50 8.05 -18.25 -38.95
N ALA A 51 9.17 -17.82 -38.40
CA ALA A 51 10.30 -18.70 -38.28
C ALA A 51 9.99 -19.56 -37.05
N LYS A 52 9.75 -20.85 -37.24
CA LYS A 52 9.44 -21.72 -36.11
C LYS A 52 10.59 -21.76 -35.12
N SER A 53 11.80 -21.84 -35.65
CA SER A 53 13.04 -21.86 -34.86
C SER A 53 14.17 -21.61 -35.84
N TRP A 54 15.36 -21.28 -35.32
CA TRP A 54 16.48 -20.99 -36.21
C TRP A 54 17.83 -21.52 -35.72
N THR A 55 18.84 -21.35 -36.55
CA THR A 55 20.19 -21.80 -36.24
C THR A 55 21.21 -20.83 -36.85
N HIS A 56 22.36 -20.69 -36.20
CA HIS A 56 23.37 -19.78 -36.72
C HIS A 56 24.77 -20.36 -36.80
N SER A 57 25.51 -19.87 -37.78
CA SER A 57 26.90 -20.27 -37.99
C SER A 57 27.68 -19.87 -36.76
N GLU A 58 28.64 -20.72 -36.37
CA GLU A 58 29.46 -20.45 -35.21
C GLU A 58 30.06 -19.04 -35.29
N ASP A 59 30.39 -18.63 -36.51
CA ASP A 59 30.95 -17.31 -36.75
C ASP A 59 29.83 -16.26 -36.75
N GLY A 60 28.61 -16.73 -36.51
CA GLY A 60 27.44 -15.86 -36.45
C GLY A 60 27.07 -15.03 -37.65
N LYS A 61 27.64 -15.34 -38.82
CA LYS A 61 27.32 -14.57 -40.03
C LYS A 61 26.21 -15.21 -40.87
N THR A 62 26.12 -16.54 -40.80
CA THR A 62 25.14 -17.29 -41.57
C THR A 62 24.03 -17.84 -40.67
N TRP A 63 22.78 -17.51 -41.01
CA TRP A 63 21.64 -17.96 -40.23
C TRP A 63 20.67 -18.76 -41.07
N THR A 64 20.12 -19.81 -40.47
CA THR A 64 19.14 -20.65 -41.16
C THR A 64 17.88 -20.84 -40.32
N PHE A 65 16.78 -20.25 -40.79
CA PHE A 65 15.48 -20.33 -40.11
C PHE A 65 14.63 -21.48 -40.60
N THR A 66 13.90 -22.08 -39.66
CA THR A 66 13.00 -23.17 -39.97
C THR A 66 11.60 -22.56 -39.93
N LEU A 67 11.00 -22.38 -41.10
CA LEU A 67 9.67 -21.80 -41.22
C LEU A 67 8.55 -22.72 -40.80
N ARG A 68 7.35 -22.16 -40.67
CA ARG A 68 6.17 -22.94 -40.32
C ARG A 68 5.59 -23.39 -41.66
N ASP A 69 5.15 -24.64 -41.72
CA ASP A 69 4.57 -25.15 -42.96
C ASP A 69 3.08 -24.82 -42.99
N ASP A 70 2.43 -24.98 -41.85
CA ASP A 70 1.00 -24.74 -41.68
C ASP A 70 0.61 -23.26 -41.77
N VAL A 71 1.22 -22.54 -42.69
CA VAL A 71 0.92 -21.13 -42.84
C VAL A 71 0.60 -20.80 -44.28
N LYS A 72 -0.63 -20.38 -44.52
CA LYS A 72 -1.10 -20.05 -45.86
C LYS A 72 -1.28 -18.55 -46.02
N PHE A 73 -0.70 -17.99 -47.09
CA PHE A 73 -0.83 -16.55 -47.35
C PHE A 73 -2.32 -16.22 -47.37
N SER A 74 -2.65 -14.95 -47.25
CA SER A 74 -4.04 -14.51 -47.23
C SER A 74 -4.92 -15.08 -48.35
N ASN A 75 -4.43 -15.03 -49.58
CA ASN A 75 -5.18 -15.53 -50.73
C ASN A 75 -5.04 -17.03 -51.00
N GLY A 76 -5.00 -17.83 -49.95
CA GLY A 76 -4.88 -19.27 -50.11
C GLY A 76 -3.51 -19.76 -50.54
N GLU A 77 -2.71 -18.86 -51.13
CA GLU A 77 -1.36 -19.21 -51.57
C GLU A 77 -0.52 -19.67 -50.40
N PRO A 78 0.66 -20.25 -50.66
CA PRO A 78 1.50 -20.73 -49.57
C PRO A 78 2.65 -19.81 -49.20
N PHE A 79 3.00 -19.80 -47.92
CA PHE A 79 4.12 -19.00 -47.43
C PHE A 79 5.27 -19.96 -47.23
N ASP A 80 6.36 -19.75 -47.96
CA ASP A 80 7.52 -20.62 -47.85
C ASP A 80 8.79 -19.85 -48.15
N ALA A 81 9.93 -20.47 -47.84
CA ALA A 81 11.24 -19.86 -48.03
C ALA A 81 11.42 -19.12 -49.36
N GLU A 82 10.80 -19.65 -50.42
CA GLU A 82 10.93 -19.05 -51.73
C GLU A 82 10.27 -17.68 -51.80
N ALA A 83 9.07 -17.55 -51.22
CA ALA A 83 8.39 -16.26 -51.23
C ALA A 83 9.24 -15.33 -50.38
N ALA A 84 9.65 -15.84 -49.21
CA ALA A 84 10.48 -15.13 -48.27
C ALA A 84 11.70 -14.54 -48.96
N ALA A 85 12.52 -15.43 -49.53
CA ALA A 85 13.71 -14.98 -50.21
C ALA A 85 13.36 -13.94 -51.24
N GLU A 86 12.24 -14.13 -51.93
CA GLU A 86 11.84 -13.17 -52.94
C GLU A 86 11.53 -11.80 -52.36
N ASN A 87 10.92 -11.76 -51.17
CA ASN A 87 10.63 -10.48 -50.49
C ASN A 87 11.93 -9.78 -50.13
N PHE A 88 12.78 -10.45 -49.35
CA PHE A 88 14.08 -9.90 -48.97
C PHE A 88 14.75 -9.30 -50.22
N ARG A 89 14.85 -10.14 -51.25
CA ARG A 89 15.43 -9.76 -52.53
C ARG A 89 14.69 -8.54 -53.03
N ALA A 90 13.36 -8.58 -52.93
CA ALA A 90 12.54 -7.47 -53.38
C ALA A 90 12.95 -6.22 -52.59
N VAL A 91 13.08 -6.38 -51.28
CA VAL A 91 13.44 -5.26 -50.41
C VAL A 91 14.82 -4.73 -50.75
N LEU A 92 15.80 -5.62 -50.73
CA LEU A 92 17.18 -5.24 -50.99
C LEU A 92 17.41 -4.53 -52.33
N ASP A 93 16.61 -4.84 -53.35
CA ASP A 93 16.74 -4.17 -54.64
C ASP A 93 16.54 -2.67 -54.43
N ASN A 94 16.06 -2.32 -53.23
CA ASN A 94 15.79 -0.94 -52.89
C ASN A 94 16.66 -0.50 -51.72
N ARG A 95 17.62 -1.35 -51.38
CA ARG A 95 18.56 -1.14 -50.27
C ARG A 95 18.96 0.31 -50.00
N GLN A 96 19.18 1.07 -51.06
CA GLN A 96 19.58 2.47 -50.91
C GLN A 96 18.73 3.25 -49.90
N ARG A 97 17.41 3.11 -49.98
CA ARG A 97 16.53 3.85 -49.10
C ARG A 97 16.40 3.24 -47.70
N HIS A 98 16.66 1.94 -47.62
CA HIS A 98 16.60 1.22 -46.35
C HIS A 98 17.94 1.37 -45.62
N ALA A 99 18.75 2.30 -46.13
CA ALA A 99 20.06 2.57 -45.58
C ALA A 99 20.00 2.97 -44.09
N TRP A 100 18.90 3.57 -43.68
CA TRP A 100 18.70 4.02 -42.30
C TRP A 100 18.75 2.85 -41.30
N LEU A 101 18.34 1.66 -41.77
CA LEU A 101 18.29 0.46 -40.96
C LEU A 101 19.50 -0.41 -41.27
N GLU A 102 20.57 -0.24 -40.49
CA GLU A 102 21.81 -0.98 -40.72
C GLU A 102 21.69 -2.46 -41.10
N LEU A 103 20.56 -3.10 -40.86
CA LEU A 103 20.42 -4.49 -41.25
C LEU A 103 20.40 -4.52 -42.77
N ALA A 104 19.75 -3.52 -43.36
CA ALA A 104 19.64 -3.42 -44.80
C ALA A 104 20.99 -3.61 -45.48
N ASN A 105 21.93 -2.72 -45.22
CA ASN A 105 23.25 -2.80 -45.82
C ASN A 105 24.14 -3.74 -45.00
N GLN A 106 23.57 -4.89 -44.67
CA GLN A 106 24.24 -5.90 -43.86
C GLN A 106 23.94 -7.29 -44.40
N ILE A 107 22.80 -7.42 -45.07
CA ILE A 107 22.37 -8.69 -45.67
C ILE A 107 23.21 -8.96 -46.91
N VAL A 108 24.04 -9.99 -46.83
CA VAL A 108 24.92 -10.35 -47.95
C VAL A 108 24.07 -10.93 -49.07
N ASP A 109 23.20 -11.86 -48.69
CA ASP A 109 22.29 -12.50 -49.62
C ASP A 109 21.45 -13.51 -48.86
N VAL A 110 20.30 -13.83 -49.45
CA VAL A 110 19.37 -14.80 -48.89
C VAL A 110 19.05 -15.77 -50.02
N LYS A 111 18.79 -17.02 -49.66
CA LYS A 111 18.46 -18.03 -50.65
C LYS A 111 17.68 -19.15 -49.97
N ALA A 112 16.80 -19.79 -50.72
CA ALA A 112 15.97 -20.86 -50.18
C ALA A 112 16.56 -22.25 -50.20
N LEU A 113 16.75 -22.82 -49.03
CA LEU A 113 17.27 -24.19 -48.94
C LEU A 113 16.08 -25.10 -49.22
N SER A 114 15.57 -25.76 -48.19
CA SER A 114 14.42 -26.65 -48.31
C SER A 114 13.18 -25.82 -48.70
N LYS A 115 12.00 -26.44 -48.72
CA LYS A 115 10.78 -25.71 -49.03
C LYS A 115 10.49 -24.81 -47.85
N THR A 116 11.13 -25.13 -46.72
CA THR A 116 10.97 -24.39 -45.48
C THR A 116 12.26 -23.99 -44.78
N GLU A 117 13.41 -24.19 -45.42
CA GLU A 117 14.67 -23.80 -44.80
C GLU A 117 15.04 -22.48 -45.42
N LEU A 118 15.44 -21.51 -44.58
CA LEU A 118 15.83 -20.18 -45.04
C LEU A 118 17.20 -19.79 -44.51
N GLN A 119 18.13 -19.51 -45.42
CA GLN A 119 19.50 -19.18 -45.05
C GLN A 119 19.85 -17.72 -45.31
N ILE A 120 20.34 -17.08 -44.26
CA ILE A 120 20.72 -15.67 -44.35
C ILE A 120 22.16 -15.50 -43.91
N THR A 121 22.96 -14.86 -44.76
CA THR A 121 24.36 -14.61 -44.46
C THR A 121 24.53 -13.11 -44.44
N LEU A 122 25.27 -12.61 -43.45
CA LEU A 122 25.48 -11.18 -43.30
C LEU A 122 26.96 -10.86 -43.31
N LYS A 123 27.28 -9.60 -43.62
CA LYS A 123 28.68 -9.18 -43.64
C LYS A 123 29.31 -9.44 -42.29
N SER A 124 28.52 -9.35 -41.23
CA SER A 124 29.07 -9.55 -39.89
C SER A 124 28.12 -10.23 -38.93
N ALA A 125 28.64 -10.57 -37.76
CA ALA A 125 27.83 -11.17 -36.72
C ALA A 125 27.09 -9.98 -36.11
N TYR A 126 25.98 -9.61 -36.76
CA TYR A 126 25.13 -8.49 -36.38
C TYR A 126 24.23 -8.84 -35.20
N TYR A 127 24.50 -8.29 -34.02
CA TYR A 127 23.67 -8.58 -32.84
C TYR A 127 22.25 -8.00 -32.92
N PRO A 128 22.06 -6.91 -33.68
CA PRO A 128 20.70 -6.35 -33.77
C PRO A 128 19.91 -7.01 -34.91
N PHE A 129 20.37 -8.18 -35.35
CA PHE A 129 19.76 -8.93 -36.43
C PHE A 129 18.32 -9.31 -36.19
N LEU A 130 18.07 -10.09 -35.14
CA LEU A 130 16.71 -10.53 -34.83
C LEU A 130 15.76 -9.41 -34.43
N GLN A 131 16.17 -8.59 -33.47
CA GLN A 131 15.32 -7.49 -33.05
C GLN A 131 14.98 -6.59 -34.23
N GLU A 132 15.82 -6.57 -35.26
CA GLU A 132 15.57 -5.71 -36.42
C GLU A 132 14.71 -6.36 -37.51
N LEU A 133 14.52 -7.66 -37.42
CA LEU A 133 13.69 -8.36 -38.38
C LEU A 133 12.24 -8.19 -37.93
N ALA A 134 12.06 -8.18 -36.60
CA ALA A 134 10.74 -8.05 -36.00
C ALA A 134 10.06 -6.70 -36.28
N LEU A 135 10.82 -5.73 -36.77
CA LEU A 135 10.26 -4.42 -37.07
C LEU A 135 9.06 -4.51 -38.00
N PRO A 136 8.21 -3.48 -38.02
CA PRO A 136 7.03 -3.47 -38.89
C PRO A 136 7.35 -3.36 -40.38
N ARG A 137 8.58 -2.99 -40.69
CA ARG A 137 8.98 -2.83 -42.08
C ARG A 137 10.47 -2.45 -42.17
N PRO A 138 11.13 -2.77 -43.29
CA PRO A 138 10.60 -3.45 -44.47
C PRO A 138 10.67 -4.97 -44.59
N PHE A 139 11.18 -5.67 -43.58
CA PHE A 139 11.29 -7.12 -43.68
C PHE A 139 10.06 -7.96 -43.34
N ARG A 140 8.90 -7.48 -43.78
CA ARG A 140 7.63 -8.18 -43.60
C ARG A 140 7.35 -8.83 -44.97
N PHE A 141 6.34 -9.70 -45.07
CA PHE A 141 6.08 -10.36 -46.36
C PHE A 141 4.74 -10.22 -47.07
N ILE A 142 4.82 -9.91 -48.36
CA ILE A 142 3.65 -9.79 -49.23
C ILE A 142 3.82 -10.92 -50.23
N ALA A 143 2.73 -11.51 -50.70
CA ALA A 143 2.80 -12.61 -51.67
C ALA A 143 3.59 -12.21 -52.90
N PRO A 144 4.56 -13.05 -53.32
CA PRO A 144 5.39 -12.74 -54.50
C PRO A 144 4.50 -12.47 -55.72
N SER A 145 3.41 -13.21 -55.82
CA SER A 145 2.47 -13.06 -56.92
C SER A 145 1.73 -11.73 -56.83
N GLN A 146 2.40 -10.68 -56.36
CA GLN A 146 1.77 -9.37 -56.21
C GLN A 146 2.70 -8.20 -56.50
N PHE A 147 3.68 -8.40 -57.38
CA PHE A 147 4.62 -7.32 -57.72
C PHE A 147 4.27 -6.64 -59.04
N LYS A 148 4.95 -5.53 -59.29
CA LYS A 148 4.81 -4.77 -60.52
C LYS A 148 6.09 -5.14 -61.27
N ASN A 149 6.11 -6.39 -61.72
CA ASN A 149 7.22 -7.05 -62.43
C ASN A 149 7.71 -8.10 -61.46
N HIS A 150 8.85 -7.78 -60.87
CA HIS A 150 9.49 -8.61 -59.87
C HIS A 150 10.12 -7.56 -58.97
N GLU A 151 9.34 -6.49 -58.79
CA GLU A 151 9.74 -5.35 -57.99
C GLU A 151 8.56 -4.86 -57.13
N THR A 152 8.85 -4.48 -55.89
CA THR A 152 7.84 -3.94 -54.98
C THR A 152 8.15 -2.47 -54.79
N MET A 153 9.40 -2.09 -55.05
CA MET A 153 9.81 -0.69 -54.88
C MET A 153 9.01 0.20 -55.82
N ASN A 154 8.52 -0.40 -56.90
CA ASN A 154 7.73 0.30 -57.90
C ASN A 154 6.27 -0.12 -57.79
N GLY A 155 5.77 -0.19 -56.57
CA GLY A 155 4.39 -0.57 -56.36
C GLY A 155 4.18 -2.08 -56.28
N ILE A 156 3.00 -2.44 -55.81
CA ILE A 156 2.62 -3.84 -55.66
C ILE A 156 1.19 -3.97 -56.19
N LYS A 157 0.72 -5.20 -56.35
CA LYS A 157 -0.64 -5.42 -56.85
C LYS A 157 -1.67 -5.19 -55.75
N ALA A 158 -1.96 -6.23 -54.97
CA ALA A 158 -2.93 -6.17 -53.89
C ALA A 158 -2.31 -6.59 -52.56
N PRO A 159 -2.38 -5.72 -51.55
CA PRO A 159 -1.80 -6.00 -50.23
C PRO A 159 -2.26 -7.29 -49.54
N ILE A 160 -1.61 -8.40 -49.89
CA ILE A 160 -1.92 -9.69 -49.30
C ILE A 160 -0.74 -10.23 -48.45
N GLY A 161 -1.04 -10.60 -47.22
CA GLY A 161 -0.02 -11.12 -46.32
C GLY A 161 -0.55 -12.27 -45.47
N THR A 162 0.12 -12.60 -44.38
CA THR A 162 -0.34 -13.68 -43.53
C THR A 162 -0.92 -13.17 -42.22
N GLY A 163 -1.06 -11.85 -42.11
CA GLY A 163 -1.59 -11.25 -40.89
C GLY A 163 -2.97 -11.76 -40.52
N PRO A 164 -3.53 -11.32 -39.37
CA PRO A 164 -4.87 -11.80 -39.00
C PRO A 164 -5.91 -10.85 -39.56
N TRP A 165 -5.45 -9.75 -40.12
CA TRP A 165 -6.35 -8.75 -40.67
C TRP A 165 -6.14 -8.56 -42.17
N ILE A 166 -7.24 -8.58 -42.92
CA ILE A 166 -7.23 -8.43 -44.36
C ILE A 166 -7.88 -7.10 -44.73
N LEU A 167 -7.21 -6.26 -45.50
CA LEU A 167 -7.79 -4.99 -45.90
C LEU A 167 -8.89 -5.30 -46.92
N GLN A 168 -10.12 -5.47 -46.46
CA GLN A 168 -11.22 -5.77 -47.37
C GLN A 168 -11.63 -4.60 -48.27
N GLU A 169 -11.34 -3.37 -47.85
CA GLU A 169 -11.76 -2.24 -48.66
C GLU A 169 -11.18 -0.90 -48.20
N SER A 170 -10.88 -0.04 -49.16
CA SER A 170 -10.32 1.28 -48.90
C SER A 170 -10.88 2.33 -49.86
N LYS A 171 -11.34 3.44 -49.30
CA LYS A 171 -11.93 4.55 -50.06
C LYS A 171 -11.31 5.88 -49.64
N LEU A 172 -10.52 6.48 -50.53
CA LEU A 172 -9.82 7.74 -50.29
C LEU A 172 -10.59 8.81 -49.52
N ASN A 173 -9.97 9.32 -48.46
CA ASN A 173 -10.55 10.37 -47.64
C ASN A 173 -11.76 10.03 -46.78
N GLN A 174 -12.20 8.78 -46.81
CA GLN A 174 -13.35 8.45 -46.00
C GLN A 174 -13.08 7.36 -45.01
N TYR A 175 -12.71 6.18 -45.46
CA TYR A 175 -12.45 5.08 -44.55
C TYR A 175 -11.53 4.02 -45.12
N ASP A 176 -11.28 3.00 -44.30
CA ASP A 176 -10.43 1.86 -44.64
C ASP A 176 -11.07 0.75 -43.82
N VAL A 177 -11.36 -0.38 -44.45
CA VAL A 177 -11.98 -1.46 -43.72
C VAL A 177 -11.11 -2.72 -43.69
N PHE A 178 -11.08 -3.36 -42.54
CA PHE A 178 -10.31 -4.58 -42.36
C PHE A 178 -11.24 -5.64 -41.81
N VAL A 179 -11.08 -6.86 -42.29
CA VAL A 179 -11.90 -7.96 -41.81
C VAL A 179 -10.96 -8.99 -41.24
N ARG A 180 -11.45 -9.81 -40.31
CA ARG A 180 -10.62 -10.84 -39.72
C ARG A 180 -10.21 -11.84 -40.79
N ASN A 181 -8.94 -12.19 -40.84
CA ASN A 181 -8.47 -13.17 -41.81
C ASN A 181 -8.82 -14.53 -41.25
N GLU A 182 -9.89 -15.13 -41.78
CA GLU A 182 -10.38 -16.43 -41.34
C GLU A 182 -9.38 -17.57 -41.48
N ASN A 183 -8.40 -17.39 -42.36
CA ASN A 183 -7.40 -18.42 -42.55
C ASN A 183 -6.05 -17.98 -42.02
N TYR A 184 -6.05 -17.59 -40.76
CA TYR A 184 -4.82 -17.15 -40.09
C TYR A 184 -4.24 -18.36 -39.36
N TRP A 185 -2.92 -18.43 -39.30
CA TRP A 185 -2.23 -19.54 -38.65
C TRP A 185 -2.19 -19.53 -37.13
N GLY A 186 -2.36 -18.36 -36.53
CA GLY A 186 -2.34 -18.27 -35.07
C GLY A 186 -3.72 -18.24 -34.45
N GLU A 187 -3.83 -17.65 -33.26
CA GLU A 187 -5.11 -17.55 -32.56
C GLU A 187 -6.11 -16.66 -33.28
N LYS A 188 -7.39 -16.96 -33.11
CA LYS A 188 -8.47 -16.21 -33.75
C LYS A 188 -8.79 -14.90 -33.04
N PRO A 189 -8.58 -13.76 -33.72
CA PRO A 189 -8.85 -12.44 -33.17
C PRO A 189 -10.35 -12.31 -32.87
N ALA A 190 -10.70 -11.89 -31.65
CA ALA A 190 -12.10 -11.73 -31.28
C ALA A 190 -12.87 -10.78 -32.20
N ILE A 191 -12.24 -9.71 -32.64
CA ILE A 191 -12.91 -8.77 -33.52
C ILE A 191 -12.83 -9.30 -34.94
N LYS A 192 -13.94 -9.22 -35.68
CA LYS A 192 -13.98 -9.71 -37.05
C LYS A 192 -13.86 -8.59 -38.05
N LYS A 193 -14.31 -7.41 -37.68
CA LYS A 193 -14.24 -6.27 -38.57
C LYS A 193 -13.77 -5.02 -37.84
N ILE A 194 -13.00 -4.19 -38.53
CA ILE A 194 -12.51 -2.94 -37.97
C ILE A 194 -12.66 -1.94 -39.09
N THR A 195 -13.11 -0.73 -38.75
CA THR A 195 -13.30 0.30 -39.76
C THR A 195 -12.67 1.60 -39.32
N PHE A 196 -11.72 2.10 -40.11
CA PHE A 196 -11.05 3.35 -39.79
C PHE A 196 -11.67 4.53 -40.54
N ASN A 197 -12.22 5.49 -39.80
CA ASN A 197 -12.81 6.64 -40.44
C ASN A 197 -11.76 7.71 -40.62
N VAL A 198 -11.55 8.15 -41.85
CA VAL A 198 -10.55 9.17 -42.05
C VAL A 198 -11.14 10.49 -41.59
N ILE A 199 -10.55 11.01 -40.51
CA ILE A 199 -10.95 12.26 -39.88
C ILE A 199 -9.68 12.99 -39.45
N PRO A 200 -9.28 14.03 -40.19
CA PRO A 200 -8.07 14.85 -39.94
C PRO A 200 -8.04 15.65 -38.63
N ASP A 201 -9.07 16.46 -38.42
CA ASP A 201 -9.21 17.31 -37.24
C ASP A 201 -9.28 16.54 -35.91
N PRO A 202 -8.65 17.09 -34.84
CA PRO A 202 -8.67 16.44 -33.52
C PRO A 202 -9.99 16.73 -32.83
N THR A 203 -10.49 17.95 -33.00
CA THR A 203 -11.76 18.37 -32.42
C THR A 203 -12.92 17.57 -33.05
N THR A 204 -12.78 17.25 -34.33
CA THR A 204 -13.78 16.48 -35.04
C THR A 204 -13.75 15.06 -34.52
N ARG A 205 -12.55 14.53 -34.32
CA ARG A 205 -12.42 13.17 -33.82
C ARG A 205 -13.09 13.06 -32.45
N ALA A 206 -13.02 14.14 -31.68
CA ALA A 206 -13.62 14.17 -30.35
C ALA A 206 -15.14 14.10 -30.45
N VAL A 207 -15.74 14.95 -31.28
CA VAL A 207 -17.18 14.94 -31.45
C VAL A 207 -17.63 13.59 -32.01
N ALA A 208 -16.87 13.11 -32.99
CA ALA A 208 -17.13 11.82 -33.61
C ALA A 208 -17.30 10.75 -32.51
N PHE A 209 -16.40 10.74 -31.54
CA PHE A 209 -16.50 9.78 -30.47
C PHE A 209 -17.78 10.03 -29.65
N GLU A 210 -18.02 11.30 -29.30
CA GLU A 210 -19.20 11.68 -28.51
C GLU A 210 -20.56 11.26 -29.07
N THR A 211 -20.63 11.07 -30.38
CA THR A 211 -21.89 10.68 -31.01
C THR A 211 -22.22 9.22 -30.73
N GLY A 212 -21.20 8.47 -30.29
CA GLY A 212 -21.38 7.06 -30.02
C GLY A 212 -20.93 6.25 -31.23
N ASP A 213 -20.70 6.91 -32.35
CA ASP A 213 -20.27 6.21 -33.57
C ASP A 213 -18.82 5.69 -33.59
N ILE A 214 -18.02 6.08 -32.61
CA ILE A 214 -16.62 5.67 -32.54
C ILE A 214 -16.37 4.82 -31.29
N ASP A 215 -15.92 3.59 -31.51
CA ASP A 215 -15.63 2.66 -30.42
C ASP A 215 -14.33 2.94 -29.73
N LEU A 216 -13.34 3.39 -30.50
CA LEU A 216 -12.03 3.67 -29.92
C LEU A 216 -11.23 4.73 -30.67
N LEU A 217 -10.28 5.30 -29.95
CA LEU A 217 -9.39 6.34 -30.45
C LEU A 217 -8.04 5.97 -29.81
N TYR A 218 -7.07 5.64 -30.66
CA TYR A 218 -5.75 5.21 -30.23
C TYR A 218 -4.73 6.01 -31.05
N GLY A 219 -3.83 6.72 -30.37
CA GLY A 219 -2.83 7.54 -31.06
C GLY A 219 -1.91 8.23 -30.09
N ASN A 220 -1.21 9.28 -30.51
CA ASN A 220 -0.30 9.96 -29.61
C ASN A 220 -0.86 11.29 -29.12
N GLU A 221 0.02 12.22 -28.74
CA GLU A 221 -0.41 13.52 -28.22
C GLU A 221 -1.34 14.30 -29.11
N GLY A 222 -1.40 13.92 -30.37
CA GLY A 222 -2.27 14.65 -31.28
C GLY A 222 -3.67 14.10 -31.43
N LEU A 223 -3.93 12.91 -30.88
CA LEU A 223 -5.25 12.29 -31.02
C LEU A 223 -6.38 13.31 -31.03
N LEU A 224 -6.69 13.91 -29.89
CA LEU A 224 -7.74 14.92 -29.84
C LEU A 224 -7.20 16.01 -28.94
N PRO A 225 -7.90 17.16 -28.83
CA PRO A 225 -7.37 18.24 -27.96
C PRO A 225 -7.12 17.71 -26.55
N LEU A 226 -5.97 18.02 -26.00
CA LEU A 226 -5.60 17.54 -24.68
C LEU A 226 -6.47 17.99 -23.52
N ASP A 227 -7.16 19.12 -23.67
CA ASP A 227 -8.03 19.59 -22.60
C ASP A 227 -9.36 18.84 -22.65
N THR A 228 -9.79 18.50 -23.86
CA THR A 228 -11.04 17.75 -23.99
C THR A 228 -10.79 16.33 -23.48
N PHE A 229 -9.59 15.83 -23.71
CA PHE A 229 -9.21 14.50 -23.22
C PHE A 229 -9.26 14.52 -21.68
N ALA A 230 -8.82 15.63 -21.09
CA ALA A 230 -8.85 15.78 -19.64
C ALA A 230 -10.30 15.82 -19.15
N ARG A 231 -11.19 16.42 -19.95
CA ARG A 231 -12.59 16.46 -19.53
C ARG A 231 -13.10 15.02 -19.70
N PHE A 232 -12.70 14.40 -20.80
CA PHE A 232 -13.14 13.04 -21.11
C PHE A 232 -12.76 12.02 -20.05
N SER A 233 -11.56 12.13 -19.47
CA SER A 233 -11.12 11.19 -18.46
C SER A 233 -11.89 11.35 -17.17
N GLN A 234 -12.62 12.45 -17.04
CA GLN A 234 -13.40 12.73 -15.85
C GLN A 234 -14.82 12.19 -16.01
N ASN A 235 -15.14 11.80 -17.24
CA ASN A 235 -16.45 11.30 -17.61
C ASN A 235 -16.73 9.81 -17.33
N PRO A 236 -17.67 9.50 -16.42
CA PRO A 236 -18.03 8.13 -16.05
C PRO A 236 -18.44 7.20 -17.16
N ALA A 237 -18.89 7.74 -18.28
CA ALA A 237 -19.36 6.90 -19.36
C ALA A 237 -18.31 6.59 -20.41
N TYR A 238 -17.17 7.25 -20.31
CA TYR A 238 -16.09 7.01 -21.24
C TYR A 238 -14.99 6.25 -20.51
N HIS A 239 -13.94 5.98 -21.27
CA HIS A 239 -12.74 5.33 -20.74
C HIS A 239 -11.55 5.99 -21.45
N THR A 240 -10.54 6.33 -20.67
CA THR A 240 -9.36 6.98 -21.21
C THR A 240 -8.11 6.35 -20.58
N GLN A 241 -6.97 6.58 -21.22
CA GLN A 241 -5.70 6.06 -20.75
C GLN A 241 -4.56 6.92 -21.27
N LEU A 242 -3.61 7.22 -20.38
CA LEU A 242 -2.43 7.97 -20.76
C LEU A 242 -1.28 7.02 -20.45
N SER A 243 -0.64 6.49 -21.48
CA SER A 243 0.49 5.56 -21.26
C SER A 243 1.66 6.36 -20.67
N GLN A 244 2.73 5.68 -20.28
CA GLN A 244 3.88 6.43 -19.79
C GLN A 244 4.60 6.81 -21.08
N PRO A 245 5.51 7.78 -21.03
CA PRO A 245 6.26 8.23 -22.20
C PRO A 245 6.81 7.12 -23.10
N ILE A 246 6.80 7.38 -24.41
CA ILE A 246 7.29 6.40 -25.36
C ILE A 246 8.38 6.96 -26.30
N GLU A 247 8.43 8.28 -26.47
CA GLU A 247 9.40 8.89 -27.36
C GLU A 247 9.45 10.37 -27.08
N THR A 248 10.50 11.04 -27.55
CA THR A 248 10.60 12.46 -27.29
C THR A 248 10.39 13.35 -28.51
N VAL A 249 9.79 14.51 -28.28
CA VAL A 249 9.56 15.47 -29.33
C VAL A 249 10.47 16.66 -29.02
N MET A 250 11.08 17.22 -30.04
CA MET A 250 11.99 18.34 -29.86
C MET A 250 12.14 19.10 -31.17
N LEU A 251 12.99 20.11 -31.16
CA LEU A 251 13.28 20.85 -32.37
C LEU A 251 14.66 20.36 -32.76
N ALA A 252 14.95 20.41 -34.04
CA ALA A 252 16.27 20.01 -34.52
C ALA A 252 16.83 21.32 -35.07
N LEU A 253 18.00 21.69 -34.59
CA LEU A 253 18.67 22.91 -35.00
C LEU A 253 19.65 22.59 -36.12
N ASN A 254 19.73 23.47 -37.10
CA ASN A 254 20.58 23.24 -38.25
C ASN A 254 22.00 23.78 -38.07
N THR A 255 22.92 22.90 -37.70
CA THR A 255 24.31 23.32 -37.48
C THR A 255 25.02 23.80 -38.73
N ALA A 256 24.63 23.25 -39.88
CA ALA A 256 25.24 23.60 -41.15
C ALA A 256 24.56 24.78 -41.82
N LYS A 257 24.03 25.71 -41.02
CA LYS A 257 23.34 26.87 -41.58
C LYS A 257 23.24 28.01 -40.58
N ALA A 258 23.42 29.24 -41.06
CA ALA A 258 23.37 30.43 -40.21
C ALA A 258 21.95 30.79 -39.84
N PRO A 259 21.74 31.26 -38.60
CA PRO A 259 22.78 31.43 -37.58
C PRO A 259 22.91 30.20 -36.67
N THR A 260 22.15 29.15 -36.96
CA THR A 260 22.20 27.95 -36.17
C THR A 260 23.51 27.19 -36.38
N ASN A 261 24.45 27.84 -37.05
CA ASN A 261 25.74 27.23 -37.31
C ASN A 261 26.66 27.59 -36.15
N GLU A 262 26.20 28.48 -35.29
CA GLU A 262 26.98 28.91 -34.13
C GLU A 262 26.51 28.27 -32.83
N LEU A 263 27.41 27.54 -32.16
CA LEU A 263 27.09 26.88 -30.90
C LEU A 263 26.46 27.84 -29.90
N ALA A 264 26.97 29.06 -29.87
CA ALA A 264 26.44 30.05 -28.95
C ALA A 264 24.94 30.30 -29.17
N VAL A 265 24.54 30.48 -30.43
CA VAL A 265 23.15 30.71 -30.74
C VAL A 265 22.31 29.50 -30.36
N ARG A 266 22.81 28.30 -30.62
CA ARG A 266 22.10 27.08 -30.28
C ARG A 266 21.92 26.91 -28.77
N GLU A 267 22.95 27.24 -28.01
CA GLU A 267 22.87 27.12 -26.57
C GLU A 267 21.88 28.16 -26.06
N ALA A 268 21.97 29.37 -26.58
CA ALA A 268 21.08 30.45 -26.17
C ALA A 268 19.62 30.14 -26.49
N LEU A 269 19.38 29.37 -27.54
CA LEU A 269 18.02 29.02 -27.92
C LEU A 269 17.45 28.06 -26.89
N ASN A 270 18.33 27.34 -26.25
CA ASN A 270 17.95 26.39 -25.26
C ASN A 270 17.58 27.02 -23.93
N TYR A 271 18.33 28.00 -23.52
CA TYR A 271 18.07 28.72 -22.28
C TYR A 271 16.92 29.71 -22.38
N ALA A 272 16.50 30.04 -23.61
CA ALA A 272 15.44 31.02 -23.81
C ALA A 272 14.03 30.47 -23.75
N VAL A 273 13.85 29.21 -24.11
CA VAL A 273 12.52 28.62 -24.09
C VAL A 273 12.12 28.11 -22.69
N ASN A 274 10.90 28.44 -22.26
CA ASN A 274 10.42 27.97 -20.96
C ASN A 274 9.59 26.72 -21.23
N LYS A 275 10.23 25.56 -21.12
CA LYS A 275 9.57 24.28 -21.38
C LYS A 275 8.27 24.12 -20.62
N LYS A 276 8.35 24.17 -19.32
CA LYS A 276 7.15 24.00 -18.56
C LYS A 276 6.04 24.88 -19.01
N SER A 277 6.26 26.16 -19.01
CA SER A 277 5.19 27.04 -19.43
C SER A 277 4.65 26.59 -20.78
N LEU A 278 5.54 26.10 -21.64
CA LEU A 278 5.12 25.64 -22.96
C LEU A 278 4.28 24.38 -22.78
N ILE A 279 4.83 23.42 -22.03
CA ILE A 279 4.15 22.14 -21.76
C ILE A 279 2.80 22.33 -21.09
N ASP A 280 2.78 23.04 -19.97
CA ASP A 280 1.53 23.26 -19.25
C ASP A 280 0.51 23.97 -20.11
N ASN A 281 0.96 24.95 -20.90
CA ASN A 281 0.04 25.71 -21.72
C ASN A 281 -0.39 25.07 -23.04
N ALA A 282 0.53 24.40 -23.74
CA ALA A 282 0.20 23.81 -25.03
C ALA A 282 -0.14 22.33 -24.98
N LEU A 283 0.47 21.62 -24.05
CA LEU A 283 0.20 20.20 -23.91
C LEU A 283 -0.69 19.94 -22.68
N TYR A 284 -1.21 21.02 -22.11
CA TYR A 284 -2.13 20.95 -20.99
C TYR A 284 -1.64 20.16 -19.77
N GLY A 285 -0.34 20.22 -19.51
CA GLY A 285 0.25 19.52 -18.39
C GLY A 285 0.14 18.00 -18.46
N THR A 286 -0.39 17.50 -19.57
CA THR A 286 -0.59 16.08 -19.78
C THR A 286 0.64 15.25 -20.18
N GLN A 287 1.71 15.90 -20.60
CA GLN A 287 2.92 15.19 -21.00
C GLN A 287 4.04 15.72 -20.13
N GLN A 288 5.26 15.20 -20.25
CA GLN A 288 6.33 15.69 -19.40
C GLN A 288 7.53 16.37 -20.07
N VAL A 289 8.19 17.24 -19.31
CA VAL A 289 9.31 18.00 -19.85
C VAL A 289 10.49 17.12 -20.21
N ALA A 290 11.18 17.50 -21.30
CA ALA A 290 12.35 16.78 -21.79
C ALA A 290 13.61 17.62 -21.78
N ASP A 291 14.64 17.12 -21.11
CA ASP A 291 15.91 17.83 -21.04
C ASP A 291 16.93 17.30 -22.04
N THR A 292 16.90 16.00 -22.30
CA THR A 292 17.84 15.36 -23.20
C THR A 292 17.15 14.67 -24.35
N LEU A 293 17.87 14.50 -25.47
CA LEU A 293 17.34 13.84 -26.65
C LEU A 293 16.55 12.59 -26.24
N PHE A 294 17.14 11.73 -25.42
CA PHE A 294 16.44 10.55 -24.94
C PHE A 294 16.18 10.72 -23.45
N ALA A 295 15.13 10.09 -22.95
CA ALA A 295 14.85 10.19 -21.53
C ALA A 295 15.87 9.30 -20.82
N PRO A 296 16.13 9.56 -19.54
CA PRO A 296 17.11 8.73 -18.83
C PRO A 296 16.68 7.29 -18.67
N SER A 297 15.40 7.00 -18.95
CA SER A 297 14.88 5.65 -18.81
C SER A 297 15.11 4.79 -20.05
N VAL A 298 15.75 5.35 -21.06
CA VAL A 298 16.03 4.62 -22.27
C VAL A 298 17.36 3.91 -22.12
N PRO A 299 17.38 2.59 -22.35
CA PRO A 299 18.62 1.82 -22.21
C PRO A 299 19.80 2.58 -22.78
N TYR A 300 20.89 2.60 -22.02
CA TYR A 300 22.11 3.30 -22.42
C TYR A 300 22.07 4.82 -22.27
N ALA A 301 20.87 5.40 -22.12
CA ALA A 301 20.76 6.86 -22.05
C ALA A 301 20.81 7.59 -20.69
N ASN A 302 20.90 6.86 -19.59
CA ASN A 302 20.99 7.46 -18.26
C ASN A 302 22.45 7.90 -18.09
N LEU A 303 22.79 9.07 -18.63
CA LEU A 303 24.16 9.58 -18.61
C LEU A 303 24.50 10.79 -17.76
N GLY A 304 23.53 11.30 -17.00
CA GLY A 304 23.76 12.46 -16.17
C GLY A 304 24.01 13.74 -16.94
N LEU A 305 23.49 13.87 -18.15
CA LEU A 305 23.69 15.07 -18.96
C LEU A 305 23.06 16.29 -18.29
N LYS A 306 23.74 17.43 -18.34
CA LYS A 306 23.27 18.67 -17.72
C LYS A 306 22.08 19.31 -18.44
N PRO A 307 20.93 19.49 -17.75
CA PRO A 307 19.72 20.10 -18.32
C PRO A 307 19.87 21.60 -18.50
N SER A 308 19.42 22.13 -19.63
CA SER A 308 19.50 23.58 -19.85
C SER A 308 18.22 24.16 -19.30
N GLN A 309 18.35 24.96 -18.24
CA GLN A 309 17.18 25.57 -17.63
C GLN A 309 16.77 26.90 -18.25
N TYR A 310 15.50 27.24 -18.11
CA TYR A 310 14.96 28.49 -18.63
C TYR A 310 15.74 29.64 -17.99
N ASP A 311 16.52 30.35 -18.80
CA ASP A 311 17.29 31.45 -18.26
C ASP A 311 17.55 32.58 -19.28
N PRO A 312 16.53 33.38 -19.58
CA PRO A 312 16.66 34.49 -20.52
C PRO A 312 17.94 35.26 -20.24
N GLN A 313 18.24 35.39 -18.95
CA GLN A 313 19.42 36.09 -18.49
C GLN A 313 20.67 35.50 -19.15
N LYS A 314 20.91 34.21 -18.91
CA LYS A 314 22.07 33.53 -19.48
C LYS A 314 22.01 33.59 -21.01
N ALA A 315 20.82 33.35 -21.55
CA ALA A 315 20.57 33.36 -22.97
C ALA A 315 21.17 34.55 -23.71
N LYS A 316 20.66 35.74 -23.46
CA LYS A 316 21.15 36.94 -24.14
C LYS A 316 22.61 37.26 -23.85
N ALA A 317 23.15 36.76 -22.75
CA ALA A 317 24.55 37.00 -22.41
C ALA A 317 25.46 36.22 -23.36
N LEU A 318 25.11 34.96 -23.61
CA LEU A 318 25.85 34.09 -24.52
C LEU A 318 25.83 34.69 -25.92
N LEU A 319 24.62 35.02 -26.36
CA LEU A 319 24.34 35.59 -27.66
C LEU A 319 25.21 36.82 -27.97
N GLU A 320 25.27 37.76 -27.02
CA GLU A 320 26.05 38.97 -27.24
C GLU A 320 27.55 38.70 -27.29
N LYS A 321 28.06 37.88 -26.37
CA LYS A 321 29.48 37.56 -26.37
C LYS A 321 29.79 36.92 -27.72
N ALA A 322 28.79 36.27 -28.29
CA ALA A 322 28.91 35.60 -29.58
C ALA A 322 28.85 36.60 -30.73
N GLY A 323 28.87 37.89 -30.39
CA GLY A 323 28.84 38.91 -31.41
C GLY A 323 27.50 39.36 -31.97
N TRP A 324 26.40 38.97 -31.33
CA TRP A 324 25.09 39.39 -31.80
C TRP A 324 24.61 40.47 -30.85
N THR A 325 24.86 41.73 -31.24
CA THR A 325 24.52 42.89 -30.43
C THR A 325 23.21 43.60 -30.83
N LEU A 326 22.69 44.44 -29.93
CA LEU A 326 21.46 45.20 -30.15
C LEU A 326 21.69 46.59 -30.70
N PRO A 327 21.15 46.88 -31.90
CA PRO A 327 21.32 48.21 -32.50
C PRO A 327 20.27 49.18 -31.97
N ALA A 328 20.65 50.45 -31.88
CA ALA A 328 19.75 51.49 -31.42
C ALA A 328 18.45 51.44 -32.18
N GLY A 329 17.33 51.49 -31.46
CA GLY A 329 16.01 51.47 -32.07
C GLY A 329 15.52 50.15 -32.65
N LYS A 330 16.14 49.04 -32.25
CA LYS A 330 15.72 47.74 -32.77
C LYS A 330 15.59 46.74 -31.62
N ASP A 331 14.66 45.81 -31.78
CA ASP A 331 14.42 44.77 -30.78
C ASP A 331 15.28 43.55 -31.07
N ILE A 332 15.60 43.33 -32.34
CA ILE A 332 16.39 42.19 -32.77
C ILE A 332 17.87 42.45 -32.94
N ARG A 333 18.68 41.44 -32.60
CA ARG A 333 20.13 41.51 -32.67
C ARG A 333 20.71 41.42 -34.07
N GLU A 334 21.83 42.09 -34.28
CA GLU A 334 22.48 42.06 -35.59
C GLU A 334 23.97 41.78 -35.45
N LYS A 335 24.52 41.08 -36.44
CA LYS A 335 25.93 40.75 -36.44
C LYS A 335 26.47 41.07 -37.83
N ASN A 336 27.55 41.85 -37.87
CA ASN A 336 28.17 42.22 -39.13
C ASN A 336 27.11 42.63 -40.16
N GLY A 337 25.98 43.16 -39.69
CA GLY A 337 24.95 43.62 -40.60
C GLY A 337 23.63 42.87 -40.65
N GLN A 338 23.66 41.56 -40.40
CA GLN A 338 22.44 40.76 -40.44
C GLN A 338 21.74 40.60 -39.09
N PRO A 339 20.40 40.54 -39.11
CA PRO A 339 19.60 40.37 -37.91
C PRO A 339 19.60 38.88 -37.53
N LEU A 340 19.39 38.59 -36.25
CA LEU A 340 19.37 37.20 -35.80
C LEU A 340 18.04 36.54 -36.12
N ARG A 341 17.78 36.35 -37.40
CA ARG A 341 16.55 35.73 -37.85
C ARG A 341 16.77 34.24 -38.04
N ILE A 342 15.75 33.44 -37.72
CA ILE A 342 15.81 32.00 -37.82
C ILE A 342 14.43 31.49 -38.21
N GLU A 343 14.34 30.63 -39.23
CA GLU A 343 13.04 30.15 -39.64
C GLU A 343 12.74 28.79 -39.04
N LEU A 344 11.50 28.63 -38.59
CA LEU A 344 11.03 27.40 -37.97
C LEU A 344 9.90 26.78 -38.83
N SER A 345 10.17 25.62 -39.41
CA SER A 345 9.18 24.95 -40.26
C SER A 345 8.36 23.94 -39.46
N PHE A 346 7.10 23.80 -39.86
CA PHE A 346 6.21 22.88 -39.16
C PHE A 346 4.98 22.65 -40.03
N ILE A 347 4.25 21.58 -39.75
CA ILE A 347 3.04 21.27 -40.52
C ILE A 347 2.00 22.32 -40.20
N GLY A 348 1.91 23.32 -41.07
CA GLY A 348 0.96 24.41 -40.89
C GLY A 348 -0.42 23.99 -40.44
N THR A 349 -0.88 22.81 -40.84
CA THR A 349 -2.21 22.35 -40.44
C THR A 349 -2.19 21.50 -39.19
N ASP A 350 -1.14 21.65 -38.40
CA ASP A 350 -1.05 20.92 -37.15
C ASP A 350 -1.21 21.89 -36.01
N ALA A 351 -2.40 21.88 -35.42
CA ALA A 351 -2.74 22.76 -34.32
C ALA A 351 -1.70 22.74 -33.19
N LEU A 352 -1.15 21.56 -32.90
CA LEU A 352 -0.14 21.45 -31.83
C LEU A 352 1.19 22.09 -32.17
N SER A 353 1.69 21.80 -33.37
CA SER A 353 2.96 22.36 -33.80
C SER A 353 2.87 23.87 -33.86
N LYS A 354 1.77 24.39 -34.37
CA LYS A 354 1.59 25.83 -34.49
C LYS A 354 1.63 26.55 -33.15
N SER A 355 1.09 25.89 -32.12
CA SER A 355 1.05 26.47 -30.78
C SER A 355 2.43 26.55 -30.14
N MET A 356 3.16 25.44 -30.14
CA MET A 356 4.47 25.46 -29.56
C MET A 356 5.30 26.43 -30.38
N ALA A 357 5.00 26.48 -31.67
CA ALA A 357 5.70 27.37 -32.58
C ALA A 357 5.58 28.81 -32.13
N GLU A 358 4.35 29.30 -31.96
CA GLU A 358 4.15 30.68 -31.55
C GLU A 358 4.74 31.01 -30.20
N ILE A 359 4.68 30.04 -29.29
CA ILE A 359 5.26 30.21 -27.96
C ILE A 359 6.76 30.33 -28.07
N ILE A 360 7.36 29.44 -28.84
CA ILE A 360 8.80 29.48 -29.02
C ILE A 360 9.17 30.82 -29.64
N GLN A 361 8.43 31.20 -30.66
CA GLN A 361 8.67 32.47 -31.34
C GLN A 361 8.74 33.63 -30.36
N ALA A 362 7.73 33.73 -29.49
CA ALA A 362 7.65 34.78 -28.49
C ALA A 362 8.74 34.68 -27.46
N ASP A 363 9.15 33.45 -27.16
CA ASP A 363 10.21 33.24 -26.18
C ASP A 363 11.55 33.72 -26.72
N MET A 364 11.83 33.39 -27.96
CA MET A 364 13.08 33.78 -28.61
C MET A 364 13.17 35.29 -28.77
N ARG A 365 12.04 35.94 -29.07
CA ARG A 365 12.05 37.38 -29.27
C ARG A 365 12.52 38.15 -28.04
N GLN A 366 12.46 37.50 -26.88
CA GLN A 366 12.89 38.13 -25.65
C GLN A 366 14.39 38.08 -25.47
N ILE A 367 15.10 37.43 -26.39
CA ILE A 367 16.56 37.39 -26.32
C ILE A 367 17.17 38.01 -27.58
N GLY A 368 16.36 38.77 -28.31
CA GLY A 368 16.82 39.43 -29.52
C GLY A 368 16.84 38.59 -30.80
N ALA A 369 16.15 37.45 -30.80
CA ALA A 369 16.14 36.60 -31.97
C ALA A 369 14.75 36.57 -32.61
N ASP A 370 14.72 36.75 -33.91
CA ASP A 370 13.46 36.79 -34.65
C ASP A 370 13.19 35.54 -35.47
N VAL A 371 12.31 34.67 -34.97
CA VAL A 371 11.99 33.45 -35.71
C VAL A 371 10.72 33.59 -36.53
N SER A 372 10.79 33.14 -37.77
CA SER A 372 9.66 33.19 -38.69
C SER A 372 9.02 31.83 -38.80
N LEU A 373 7.71 31.78 -38.63
CA LEU A 373 6.98 30.53 -38.70
C LEU A 373 6.60 30.24 -40.14
N ILE A 374 6.98 29.05 -40.62
CA ILE A 374 6.66 28.65 -41.98
C ILE A 374 5.84 27.38 -41.94
N GLY A 375 4.53 27.55 -41.79
CA GLY A 375 3.64 26.41 -41.73
C GLY A 375 3.40 25.92 -43.13
N GLU A 376 3.77 24.68 -43.41
CA GLU A 376 3.60 24.14 -44.75
C GLU A 376 3.03 22.75 -44.82
N GLU A 377 2.80 22.32 -46.06
CA GLU A 377 2.25 21.03 -46.36
C GLU A 377 3.22 20.03 -45.77
N GLU A 378 2.71 18.89 -45.31
CA GLU A 378 3.57 17.87 -44.74
C GLU A 378 4.64 17.41 -45.74
N SER A 379 4.30 17.45 -47.03
CA SER A 379 5.22 17.02 -48.08
C SER A 379 6.43 17.95 -48.19
N SER A 380 6.21 19.25 -48.02
CA SER A 380 7.30 20.22 -48.10
C SER A 380 8.16 20.16 -46.85
N ILE A 381 7.56 19.72 -45.74
CA ILE A 381 8.27 19.60 -44.48
C ILE A 381 9.24 18.43 -44.53
N TYR A 382 8.74 17.26 -44.95
CA TYR A 382 9.59 16.09 -45.07
C TYR A 382 10.64 16.38 -46.13
N ALA A 383 10.30 17.26 -47.07
CA ALA A 383 11.22 17.65 -48.14
C ALA A 383 12.41 18.43 -47.59
N ARG A 384 12.12 19.48 -46.82
CA ARG A 384 13.15 20.32 -46.22
C ARG A 384 14.03 19.53 -45.24
N GLN A 385 13.55 18.37 -44.80
CA GLN A 385 14.29 17.57 -43.85
C GLN A 385 15.44 16.81 -44.49
N ARG A 386 15.24 16.40 -45.74
CA ARG A 386 16.30 15.72 -46.47
C ARG A 386 17.15 16.86 -47.01
N ASP A 387 16.50 17.75 -47.74
CA ASP A 387 17.16 18.91 -48.33
C ASP A 387 18.05 19.65 -47.32
N GLY A 388 17.55 19.81 -46.10
CA GLY A 388 18.29 20.52 -45.08
C GLY A 388 17.98 22.01 -45.19
N ARG A 389 16.80 22.33 -45.70
CA ARG A 389 16.39 23.72 -45.84
C ARG A 389 15.60 24.16 -44.63
N PHE A 390 16.26 24.29 -43.49
CA PHE A 390 15.57 24.72 -42.30
C PHE A 390 16.47 25.33 -41.24
N GLY A 391 15.86 26.09 -40.34
CA GLY A 391 16.60 26.71 -39.25
C GLY A 391 16.37 25.84 -38.04
N MET A 392 15.10 25.65 -37.70
CA MET A 392 14.69 24.81 -36.58
C MET A 392 13.51 23.99 -37.09
N ILE A 393 13.37 22.77 -36.59
CA ILE A 393 12.29 21.95 -37.10
C ILE A 393 11.75 20.94 -36.09
N PHE A 394 10.45 20.92 -35.89
CA PHE A 394 9.89 19.93 -34.98
C PHE A 394 10.35 18.56 -35.48
N HIS A 395 10.65 17.67 -34.54
CA HIS A 395 11.13 16.35 -34.87
C HIS A 395 10.88 15.49 -33.62
N ARG A 396 10.85 14.17 -33.79
CA ARG A 396 10.61 13.30 -32.64
C ARG A 396 11.32 11.97 -32.80
N THR A 397 11.50 11.25 -31.69
CA THR A 397 12.16 9.96 -31.76
C THR A 397 11.12 8.90 -32.13
N TRP A 398 11.50 7.62 -32.07
CA TRP A 398 10.57 6.59 -32.50
C TRP A 398 10.03 5.62 -31.47
N GLY A 399 10.43 5.77 -30.21
CA GLY A 399 9.94 4.87 -29.19
C GLY A 399 10.58 3.52 -29.37
N ALA A 400 10.18 2.54 -28.57
CA ALA A 400 10.76 1.21 -28.67
C ALA A 400 10.27 0.45 -29.89
N PRO A 401 11.15 -0.40 -30.49
CA PRO A 401 12.53 -0.65 -30.05
C PRO A 401 13.57 0.15 -30.86
N TYR A 402 13.12 1.14 -31.60
CA TYR A 402 14.04 1.97 -32.39
C TYR A 402 14.99 2.76 -31.51
N ASP A 403 14.44 3.39 -30.48
CA ASP A 403 15.24 4.19 -29.57
C ASP A 403 16.01 3.26 -28.65
N PRO A 404 17.32 3.42 -28.54
CA PRO A 404 18.13 4.44 -29.22
C PRO A 404 18.95 3.97 -30.42
N HIS A 405 19.15 2.65 -30.58
CA HIS A 405 20.02 2.18 -31.66
C HIS A 405 19.64 2.45 -33.11
N ALA A 406 18.40 2.18 -33.50
CA ALA A 406 17.98 2.42 -34.88
C ALA A 406 17.94 3.91 -35.16
N PHE A 407 17.37 4.68 -34.24
CA PHE A 407 17.30 6.12 -34.41
C PHE A 407 18.70 6.72 -34.54
N LEU A 408 19.69 6.12 -33.89
CA LEU A 408 21.06 6.65 -33.99
C LEU A 408 21.61 6.25 -35.35
N SER A 409 21.41 4.98 -35.70
CA SER A 409 21.86 4.45 -36.97
C SER A 409 21.44 5.39 -38.09
N SER A 410 20.17 5.74 -38.06
CA SER A 410 19.58 6.63 -39.02
C SER A 410 20.33 7.97 -39.19
N MET A 411 20.94 8.47 -38.13
CA MET A 411 21.66 9.75 -38.22
C MET A 411 22.79 9.78 -39.24
N ARG A 412 23.34 8.62 -39.57
CA ARG A 412 24.43 8.53 -40.53
C ARG A 412 23.96 8.76 -41.97
N VAL A 413 22.81 8.18 -42.31
CA VAL A 413 22.26 8.34 -43.65
C VAL A 413 22.02 9.81 -43.97
N PRO A 414 22.51 10.29 -45.13
CA PRO A 414 22.33 11.69 -45.52
C PRO A 414 20.88 11.96 -45.98
N SER A 415 20.04 10.93 -45.90
CA SER A 415 18.65 11.07 -46.32
C SER A 415 17.69 11.26 -45.14
N HIS A 416 17.97 12.26 -44.31
CA HIS A 416 17.09 12.55 -43.18
C HIS A 416 17.44 13.84 -42.42
N ALA A 417 16.52 14.26 -41.55
CA ALA A 417 16.67 15.48 -40.77
C ALA A 417 17.86 15.44 -39.84
N ASP A 418 18.00 14.34 -39.13
CA ASP A 418 19.07 14.22 -38.18
C ASP A 418 20.45 14.34 -38.81
N PHE A 419 20.65 13.67 -39.95
CA PHE A 419 21.93 13.81 -40.63
C PHE A 419 22.13 15.27 -40.98
N GLN A 420 21.17 15.78 -41.74
CA GLN A 420 21.18 17.15 -42.19
C GLN A 420 21.47 18.19 -41.13
N ALA A 421 20.82 18.07 -39.98
CA ALA A 421 21.01 19.03 -38.90
C ALA A 421 22.40 18.93 -38.27
N GLN A 422 22.96 17.73 -38.30
CA GLN A 422 24.28 17.46 -37.73
C GLN A 422 25.44 17.74 -38.68
N GLN A 423 25.11 18.04 -39.93
CA GLN A 423 26.12 18.31 -40.94
C GLN A 423 27.25 19.25 -40.54
N GLY A 424 26.91 20.50 -40.22
CA GLY A 424 27.91 21.48 -39.85
C GLY A 424 28.62 21.27 -38.53
N LEU A 425 28.73 20.01 -38.09
CA LEU A 425 29.40 19.68 -36.84
C LEU A 425 30.79 19.10 -37.13
N ALA A 426 31.82 19.68 -36.53
CA ALA A 426 33.19 19.18 -36.71
C ALA A 426 33.27 17.76 -36.18
N ASP A 427 32.30 17.41 -35.34
CA ASP A 427 32.21 16.10 -34.71
C ASP A 427 31.57 15.02 -35.57
N LYS A 428 30.73 15.45 -36.51
CA LYS A 428 29.96 14.53 -37.35
C LYS A 428 30.68 13.27 -37.84
N PRO A 429 31.80 13.43 -38.55
CA PRO A 429 32.49 12.22 -39.02
C PRO A 429 32.72 11.21 -37.90
N LEU A 430 33.19 11.70 -36.75
CA LEU A 430 33.49 10.87 -35.59
C LEU A 430 32.25 10.27 -34.95
N ILE A 431 31.18 11.05 -34.95
CA ILE A 431 29.90 10.64 -34.38
C ILE A 431 29.34 9.48 -35.20
N ASP A 432 29.39 9.61 -36.53
CA ASP A 432 28.87 8.53 -37.39
C ASP A 432 29.77 7.30 -37.25
N LYS A 433 31.04 7.55 -36.95
CA LYS A 433 32.01 6.47 -36.78
C LYS A 433 31.64 5.63 -35.56
N GLU A 434 31.29 6.31 -34.47
CA GLU A 434 30.93 5.65 -33.23
C GLU A 434 29.55 4.98 -33.25
N ILE A 435 28.67 5.45 -34.14
CA ILE A 435 27.33 4.87 -34.27
C ILE A 435 27.42 3.51 -34.96
N GLY A 436 28.33 3.43 -35.93
CA GLY A 436 28.52 2.17 -36.62
C GLY A 436 29.20 1.24 -35.65
N GLU A 437 30.06 1.81 -34.81
CA GLU A 437 30.75 0.98 -33.83
C GLU A 437 29.81 0.50 -32.72
N VAL A 438 28.83 1.33 -32.37
CA VAL A 438 27.88 0.93 -31.35
C VAL A 438 27.05 -0.23 -31.91
N LEU A 439 26.75 -0.14 -33.20
CA LEU A 439 25.97 -1.20 -33.85
C LEU A 439 26.81 -2.44 -34.09
N ALA A 440 28.12 -2.32 -33.92
CA ALA A 440 29.02 -3.43 -34.18
C ALA A 440 29.65 -4.17 -33.02
N THR A 441 29.56 -3.65 -31.80
CA THR A 441 30.23 -4.34 -30.71
C THR A 441 29.39 -5.26 -29.85
N HIS A 442 29.97 -6.41 -29.50
CA HIS A 442 29.33 -7.40 -28.66
C HIS A 442 29.71 -7.20 -27.21
N ASP A 443 30.50 -6.17 -26.93
CA ASP A 443 30.93 -5.88 -25.57
C ASP A 443 30.07 -4.80 -24.92
N GLU A 444 29.23 -5.20 -23.97
CA GLU A 444 28.35 -4.27 -23.31
C GLU A 444 29.06 -3.04 -22.76
N THR A 445 30.25 -3.23 -22.22
CA THR A 445 30.94 -2.07 -21.67
C THR A 445 31.43 -1.15 -22.78
N GLN A 446 31.75 -1.71 -23.95
CA GLN A 446 32.19 -0.86 -25.03
C GLN A 446 30.98 -0.11 -25.53
N ARG A 447 29.85 -0.79 -25.51
CA ARG A 447 28.60 -0.22 -25.97
C ARG A 447 28.13 0.94 -25.09
N GLN A 448 28.24 0.74 -23.79
CA GLN A 448 27.83 1.76 -22.83
C GLN A 448 28.62 3.01 -23.04
N ALA A 449 29.93 2.87 -23.20
CA ALA A 449 30.82 4.00 -23.39
C ALA A 449 30.54 4.73 -24.70
N LEU A 450 30.22 3.97 -25.75
CA LEU A 450 29.95 4.57 -27.05
C LEU A 450 28.71 5.43 -27.00
N TYR A 451 27.61 4.86 -26.51
CA TYR A 451 26.38 5.62 -26.44
C TYR A 451 26.65 6.89 -25.64
N ARG A 452 27.49 6.78 -24.63
CA ARG A 452 27.83 7.93 -23.82
C ARG A 452 28.54 8.98 -24.60
N ASP A 453 29.49 8.58 -25.41
CA ASP A 453 30.22 9.58 -26.15
C ASP A 453 29.38 10.27 -27.21
N ILE A 454 28.60 9.49 -27.95
CA ILE A 454 27.74 10.01 -29.00
C ILE A 454 26.73 10.99 -28.40
N LEU A 455 25.87 10.47 -27.53
CA LEU A 455 24.82 11.24 -26.88
C LEU A 455 25.32 12.47 -26.13
N THR A 456 26.55 12.42 -25.62
CA THR A 456 27.09 13.56 -24.90
C THR A 456 27.53 14.65 -25.86
N ARG A 457 27.99 14.25 -27.05
CA ARG A 457 28.40 15.21 -28.05
C ARG A 457 27.15 15.88 -28.61
N LEU A 458 26.20 15.07 -29.08
CA LEU A 458 24.96 15.61 -29.62
C LEU A 458 24.37 16.60 -28.61
N HIS A 459 24.41 16.22 -27.33
CA HIS A 459 23.86 17.05 -26.27
C HIS A 459 24.66 18.31 -26.00
N ASP A 460 25.98 18.18 -25.81
CA ASP A 460 26.81 19.34 -25.54
C ASP A 460 26.88 20.30 -26.70
N GLU A 461 26.84 19.77 -27.92
CA GLU A 461 26.91 20.63 -29.09
C GLU A 461 25.57 21.31 -29.39
N ALA A 462 24.58 21.01 -28.56
CA ALA A 462 23.23 21.58 -28.67
C ALA A 462 22.59 21.44 -30.05
N VAL A 463 22.54 20.22 -30.56
CA VAL A 463 21.94 19.93 -31.85
C VAL A 463 20.42 20.06 -31.81
N TYR A 464 19.82 19.60 -30.70
CA TYR A 464 18.38 19.62 -30.53
C TYR A 464 17.91 20.53 -29.39
N LEU A 465 16.60 20.70 -29.31
CA LEU A 465 16.04 21.46 -28.22
C LEU A 465 14.89 20.58 -27.74
N PRO A 466 15.22 19.61 -26.86
CA PRO A 466 14.23 18.68 -26.30
C PRO A 466 13.08 19.48 -25.73
N ILE A 467 11.85 19.06 -25.98
CA ILE A 467 10.73 19.81 -25.46
C ILE A 467 9.95 18.97 -24.45
N SER A 468 9.55 17.77 -24.85
CA SER A 468 8.78 16.93 -23.97
C SER A 468 8.80 15.48 -24.38
N TYR A 469 8.51 14.59 -23.44
CA TYR A 469 8.44 13.17 -23.72
C TYR A 469 6.95 12.93 -23.77
N ILE A 470 6.45 12.50 -24.93
CA ILE A 470 5.03 12.30 -25.09
C ILE A 470 4.52 10.90 -24.90
N SER A 471 3.22 10.80 -24.66
CA SER A 471 2.54 9.54 -24.38
C SER A 471 1.52 9.12 -25.43
N MET A 472 1.03 7.90 -25.27
CA MET A 472 0.01 7.36 -26.16
C MET A 472 -1.28 7.53 -25.38
N MET A 473 -2.35 7.98 -26.04
CA MET A 473 -3.61 8.11 -25.34
C MET A 473 -4.68 7.25 -25.95
N VAL A 474 -5.67 6.91 -25.14
CA VAL A 474 -6.77 6.08 -25.61
C VAL A 474 -8.09 6.60 -25.07
N VAL A 475 -9.11 6.57 -25.92
CA VAL A 475 -10.44 6.97 -25.53
C VAL A 475 -11.29 5.87 -26.11
N SER A 476 -12.09 5.22 -25.26
CA SER A 476 -12.87 4.10 -25.73
C SER A 476 -14.16 3.91 -24.97
N LYS A 477 -15.04 3.10 -25.56
CA LYS A 477 -16.32 2.75 -24.96
C LYS A 477 -15.94 1.74 -23.91
N PRO A 478 -16.47 1.90 -22.68
CA PRO A 478 -16.17 0.99 -21.58
C PRO A 478 -16.37 -0.51 -21.83
N GLU A 479 -17.22 -0.86 -22.75
CA GLU A 479 -17.42 -2.24 -23.03
C GLU A 479 -16.23 -2.96 -23.60
N LEU A 480 -15.27 -2.24 -24.14
CA LEU A 480 -14.06 -2.85 -24.70
C LEU A 480 -12.97 -3.15 -23.65
N GLY A 481 -13.22 -2.82 -22.40
CA GLY A 481 -12.25 -3.10 -21.35
C GLY A 481 -10.97 -2.31 -21.47
N ASN A 482 -9.90 -2.87 -20.91
CA ASN A 482 -8.59 -2.24 -20.94
C ASN A 482 -7.98 -2.38 -22.34
N ILE A 483 -7.51 -1.28 -22.91
CA ILE A 483 -6.90 -1.32 -24.22
C ILE A 483 -5.41 -1.53 -24.02
N PRO A 484 -4.88 -2.66 -24.49
CA PRO A 484 -3.46 -2.95 -24.32
C PRO A 484 -2.52 -2.16 -25.23
N TYR A 485 -1.26 -2.13 -24.84
CA TYR A 485 -0.25 -1.43 -25.62
C TYR A 485 0.67 -2.48 -26.26
N ALA A 486 1.09 -2.22 -27.50
CA ALA A 486 1.97 -3.14 -28.22
C ALA A 486 3.43 -2.85 -27.89
N PRO A 487 4.25 -3.90 -27.72
CA PRO A 487 5.66 -3.68 -27.41
C PRO A 487 6.32 -2.74 -28.41
N ILE A 488 5.94 -2.85 -29.68
CA ILE A 488 6.47 -1.94 -30.68
C ILE A 488 5.58 -0.69 -30.58
N ALA A 489 6.20 0.43 -30.27
CA ALA A 489 5.48 1.67 -30.12
C ALA A 489 4.54 2.04 -31.27
N THR A 490 4.89 1.72 -32.51
CA THR A 490 4.04 2.11 -33.64
C THR A 490 2.87 1.21 -34.01
N GLU A 491 2.73 0.07 -33.31
CA GLU A 491 1.63 -0.83 -33.60
C GLU A 491 0.42 -0.64 -32.67
N ILE A 492 -0.75 -1.08 -33.12
CA ILE A 492 -1.97 -1.01 -32.31
C ILE A 492 -2.39 -2.49 -32.21
N PRO A 493 -2.37 -3.07 -31.01
CA PRO A 493 -2.72 -4.47 -30.73
C PRO A 493 -4.17 -4.89 -30.83
N PHE A 494 -4.85 -4.49 -31.89
CA PHE A 494 -6.25 -4.85 -32.08
C PHE A 494 -6.65 -6.28 -31.76
N GLU A 495 -5.78 -7.25 -32.05
CA GLU A 495 -6.08 -8.66 -31.80
C GLU A 495 -6.27 -9.02 -30.34
N GLN A 496 -5.86 -8.14 -29.45
CA GLN A 496 -5.99 -8.42 -28.04
C GLN A 496 -7.28 -7.90 -27.43
N ILE A 497 -7.97 -7.04 -28.17
CA ILE A 497 -9.22 -6.44 -27.71
C ILE A 497 -10.41 -7.41 -27.65
N LYS A 498 -10.81 -7.76 -26.43
CA LYS A 498 -11.93 -8.66 -26.21
C LYS A 498 -13.19 -7.85 -25.90
N PRO A 499 -14.08 -7.67 -26.88
CA PRO A 499 -15.32 -6.91 -26.69
C PRO A 499 -16.28 -7.44 -25.60
N VAL A 500 -17.57 -7.31 -25.83
CA VAL A 500 -18.59 -7.77 -24.87
C VAL A 500 -19.74 -8.50 -25.56
N PRO B 3 34.26 -13.71 -9.85
CA PRO B 3 34.13 -13.53 -11.31
C PRO B 3 32.92 -14.29 -11.83
N ASP B 4 31.95 -13.57 -12.41
CA ASP B 4 30.77 -14.24 -12.94
C ASP B 4 30.20 -15.00 -11.74
N GLU B 5 30.19 -14.24 -10.64
CA GLU B 5 29.73 -14.58 -9.29
C GLU B 5 29.76 -13.17 -8.65
N ILE B 6 28.58 -12.57 -8.49
CA ILE B 6 28.48 -11.19 -8.00
C ILE B 6 28.16 -10.91 -6.53
N THR B 7 28.24 -9.62 -6.18
CA THR B 7 27.95 -9.16 -4.82
C THR B 7 27.12 -7.87 -4.77
N THR B 8 26.03 -7.90 -4.01
CA THR B 8 25.17 -6.73 -3.83
C THR B 8 25.02 -6.42 -2.34
N ALA B 9 24.05 -5.56 -2.04
CA ALA B 9 23.77 -5.16 -0.66
C ALA B 9 22.27 -4.97 -0.46
N TRP B 10 21.81 -5.19 0.77
CA TRP B 10 20.40 -5.01 1.09
C TRP B 10 20.26 -4.47 2.50
N PRO B 11 19.29 -3.60 2.74
CA PRO B 11 19.12 -3.03 4.07
C PRO B 11 19.02 -4.04 5.21
N VAL B 12 18.44 -5.20 4.93
CA VAL B 12 18.30 -6.22 5.96
C VAL B 12 18.70 -7.59 5.48
N ASN B 13 18.56 -8.58 6.35
CA ASN B 13 18.87 -9.94 5.95
C ASN B 13 17.73 -10.44 5.10
N VAL B 14 18.06 -11.36 4.22
CA VAL B 14 17.10 -11.95 3.31
C VAL B 14 15.90 -12.50 4.09
N GLY B 15 16.15 -13.05 5.27
CA GLY B 15 15.08 -13.58 6.09
C GLY B 15 15.04 -15.08 6.20
N PRO B 16 14.04 -15.64 6.91
CA PRO B 16 13.88 -17.09 7.11
C PRO B 16 13.60 -17.82 5.80
N LEU B 17 13.04 -17.09 4.84
CA LEU B 17 12.69 -17.64 3.54
C LEU B 17 11.57 -18.68 3.59
N ASN B 18 10.51 -18.36 4.33
CA ASN B 18 9.35 -19.24 4.44
C ASN B 18 8.51 -18.86 3.22
N PRO B 19 8.24 -19.83 2.34
CA PRO B 19 7.45 -19.49 1.15
C PRO B 19 6.03 -19.05 1.45
N HIS B 20 5.54 -19.38 2.64
CA HIS B 20 4.17 -19.03 3.00
C HIS B 20 4.02 -17.93 4.01
N LEU B 21 5.05 -17.09 4.13
CA LEU B 21 4.99 -15.99 5.08
C LEU B 21 5.55 -14.66 4.59
N TYR B 22 5.26 -13.60 5.33
CA TYR B 22 5.69 -12.26 4.94
C TYR B 22 6.91 -11.75 5.71
N THR B 23 6.99 -10.43 5.89
CA THR B 23 8.13 -9.84 6.60
C THR B 23 8.37 -10.64 7.86
N PRO B 24 9.64 -10.81 8.28
CA PRO B 24 10.90 -10.35 7.70
C PRO B 24 11.37 -11.02 6.40
N ASN B 25 10.55 -11.89 5.84
CA ASN B 25 10.92 -12.54 4.61
C ASN B 25 11.01 -11.49 3.50
N GLN B 26 12.09 -11.54 2.72
CA GLN B 26 12.26 -10.61 1.61
C GLN B 26 11.72 -11.27 0.34
N MET B 27 10.70 -10.65 -0.25
CA MET B 27 10.07 -11.16 -1.47
C MET B 27 11.03 -11.51 -2.59
N PHE B 28 11.98 -10.61 -2.89
CA PHE B 28 12.91 -10.86 -4.00
C PHE B 28 13.65 -12.20 -3.83
N ALA B 29 13.98 -12.54 -2.59
CA ALA B 29 14.69 -13.79 -2.32
C ALA B 29 13.74 -14.99 -2.33
N GLN B 30 12.54 -14.80 -1.78
CA GLN B 30 11.53 -15.85 -1.80
C GLN B 30 11.32 -16.18 -3.28
N SER B 31 11.46 -15.18 -4.14
CA SER B 31 11.29 -15.43 -5.57
C SER B 31 12.51 -16.11 -6.18
N MET B 32 13.64 -16.09 -5.48
CA MET B 32 14.85 -16.76 -5.98
C MET B 32 14.82 -18.29 -5.70
N VAL B 33 14.26 -18.65 -4.55
CA VAL B 33 14.15 -20.04 -4.16
C VAL B 33 12.89 -20.73 -4.69
N TYR B 34 11.74 -20.09 -4.53
CA TYR B 34 10.50 -20.71 -4.96
C TYR B 34 9.87 -20.20 -6.25
N GLU B 35 9.12 -21.07 -6.89
CA GLU B 35 8.46 -20.75 -8.14
C GLU B 35 6.96 -20.91 -8.06
N PRO B 36 6.26 -20.54 -9.15
CA PRO B 36 4.80 -20.67 -9.15
C PRO B 36 4.27 -21.67 -10.19
N LEU B 37 2.98 -22.01 -10.07
CA LEU B 37 2.36 -22.93 -11.02
C LEU B 37 2.43 -22.21 -12.37
N VAL B 38 2.05 -20.94 -12.36
CA VAL B 38 2.08 -20.15 -13.58
C VAL B 38 2.91 -18.86 -13.33
N LYS B 39 3.54 -18.32 -14.37
CA LYS B 39 4.39 -17.13 -14.20
C LYS B 39 3.97 -15.86 -14.97
N TYR B 40 3.97 -14.74 -14.24
CA TYR B 40 3.59 -13.43 -14.74
C TYR B 40 4.39 -12.86 -15.89
N GLN B 41 3.72 -12.20 -16.82
CA GLN B 41 4.39 -11.61 -17.97
C GLN B 41 4.24 -10.11 -18.04
N ALA B 42 5.19 -9.48 -18.74
CA ALA B 42 5.24 -8.04 -18.91
C ALA B 42 4.03 -7.46 -19.63
N ASP B 43 3.48 -8.20 -20.58
CA ASP B 43 2.32 -7.70 -21.31
C ASP B 43 1.05 -7.85 -20.47
N GLY B 44 1.20 -8.30 -19.23
CA GLY B 44 0.06 -8.46 -18.35
C GLY B 44 -0.45 -9.88 -18.29
N SER B 45 0.01 -10.72 -19.22
CA SER B 45 -0.44 -12.11 -19.27
C SER B 45 0.28 -13.02 -18.27
N VAL B 46 0.08 -14.32 -18.46
CA VAL B 46 0.66 -15.32 -17.58
C VAL B 46 1.13 -16.48 -18.46
N ILE B 47 2.25 -17.10 -18.14
CA ILE B 47 2.73 -18.23 -18.93
C ILE B 47 2.99 -19.43 -18.03
N PRO B 48 2.89 -20.64 -18.60
CA PRO B 48 3.13 -21.86 -17.82
C PRO B 48 4.53 -21.90 -17.20
N TRP B 49 4.63 -22.56 -16.06
CA TRP B 49 5.90 -22.71 -15.37
C TRP B 49 5.85 -24.11 -14.75
N LEU B 50 5.69 -24.22 -13.44
CA LEU B 50 5.61 -25.56 -12.86
C LEU B 50 4.40 -26.25 -13.46
N ALA B 51 3.31 -25.50 -13.62
CA ALA B 51 2.11 -26.05 -14.25
C ALA B 51 2.37 -25.89 -15.76
N LYS B 52 2.42 -27.01 -16.48
CA LYS B 52 2.69 -27.01 -17.92
C LYS B 52 1.49 -26.65 -18.77
N SER B 53 0.31 -27.05 -18.31
CA SER B 53 -0.93 -26.77 -19.03
C SER B 53 -2.10 -26.86 -18.06
N TRP B 54 -3.28 -26.48 -18.53
CA TRP B 54 -4.45 -26.52 -17.67
C TRP B 54 -5.77 -26.38 -18.41
N THR B 55 -6.84 -26.83 -17.77
CA THR B 55 -8.19 -26.72 -18.31
C THR B 55 -9.07 -26.36 -17.12
N HIS B 56 -10.34 -26.09 -17.39
CA HIS B 56 -11.26 -25.74 -16.31
C HIS B 56 -12.69 -26.01 -16.75
N SER B 57 -13.57 -26.19 -15.79
CA SER B 57 -14.98 -26.47 -16.07
C SER B 57 -15.65 -25.35 -16.87
N GLU B 58 -16.93 -25.52 -17.16
CA GLU B 58 -17.69 -24.52 -17.92
C GLU B 58 -17.90 -23.25 -17.09
N ASP B 59 -18.22 -23.47 -15.82
CA ASP B 59 -18.47 -22.40 -14.86
C ASP B 59 -17.19 -21.76 -14.30
N GLY B 60 -16.05 -22.15 -14.83
CA GLY B 60 -14.78 -21.60 -14.38
C GLY B 60 -14.48 -21.72 -12.89
N LYS B 61 -15.02 -22.72 -12.21
CA LYS B 61 -14.75 -22.87 -10.77
C LYS B 61 -13.82 -24.06 -10.48
N THR B 62 -13.65 -24.92 -11.48
CA THR B 62 -12.76 -26.08 -11.34
C THR B 62 -11.64 -26.02 -12.36
N TRP B 63 -10.42 -25.96 -11.84
CA TRP B 63 -9.23 -25.88 -12.66
C TRP B 63 -8.33 -27.09 -12.47
N THR B 64 -7.88 -27.67 -13.57
CA THR B 64 -7.00 -28.82 -13.51
C THR B 64 -5.69 -28.51 -14.22
N PHE B 65 -4.62 -28.44 -13.42
CA PHE B 65 -3.28 -28.14 -13.91
C PHE B 65 -2.45 -29.39 -14.15
N THR B 66 -1.78 -29.44 -15.28
CA THR B 66 -0.93 -30.56 -15.61
C THR B 66 0.49 -30.13 -15.29
N LEU B 67 0.99 -30.52 -14.12
CA LEU B 67 2.34 -30.15 -13.72
C LEU B 67 3.33 -30.81 -14.67
N ARG B 68 4.55 -30.30 -14.71
CA ARG B 68 5.57 -30.91 -15.55
C ARG B 68 6.16 -32.04 -14.70
N ASP B 69 6.72 -33.05 -15.37
CA ASP B 69 7.24 -34.20 -14.66
C ASP B 69 8.75 -34.32 -14.58
N ASP B 70 9.47 -33.24 -14.85
CA ASP B 70 10.92 -33.29 -14.81
C ASP B 70 11.49 -32.23 -13.87
N VAL B 71 10.74 -31.95 -12.81
CA VAL B 71 11.16 -30.96 -11.82
C VAL B 71 11.40 -31.54 -10.45
N LYS B 72 12.57 -31.29 -9.91
CA LYS B 72 12.93 -31.77 -8.56
C LYS B 72 13.40 -30.59 -7.72
N PHE B 73 13.02 -30.56 -6.45
CA PHE B 73 13.47 -29.47 -5.59
C PHE B 73 14.99 -29.47 -5.60
N SER B 74 15.60 -28.41 -5.11
CA SER B 74 17.06 -28.31 -5.11
C SER B 74 17.75 -29.42 -4.34
N ASN B 75 16.99 -30.12 -3.50
CA ASN B 75 17.56 -31.21 -2.71
C ASN B 75 17.30 -32.58 -3.35
N GLY B 76 17.18 -32.61 -4.67
CA GLY B 76 16.95 -33.87 -5.36
C GLY B 76 15.51 -34.37 -5.34
N GLU B 77 14.83 -34.15 -4.22
CA GLU B 77 13.43 -34.58 -4.06
C GLU B 77 12.57 -34.14 -5.25
N PRO B 78 11.51 -34.91 -5.56
CA PRO B 78 10.66 -34.54 -6.69
C PRO B 78 9.49 -33.59 -6.43
N PHE B 79 9.17 -32.78 -7.43
CA PHE B 79 8.05 -31.87 -7.32
C PHE B 79 6.88 -32.54 -8.04
N ASP B 80 5.73 -32.61 -7.37
CA ASP B 80 4.55 -33.24 -7.94
C ASP B 80 3.23 -32.79 -7.29
N ALA B 81 2.13 -33.24 -7.87
CA ALA B 81 0.79 -32.87 -7.40
C ALA B 81 0.55 -33.03 -5.90
N GLU B 82 1.10 -34.07 -5.28
CA GLU B 82 0.86 -34.21 -3.84
C GLU B 82 1.66 -33.13 -3.11
N ALA B 83 2.83 -32.80 -3.63
CA ALA B 83 3.66 -31.77 -3.03
C ALA B 83 2.88 -30.46 -3.19
N ALA B 84 2.54 -30.15 -4.44
CA ALA B 84 1.79 -28.95 -4.76
C ALA B 84 0.60 -28.83 -3.80
N ALA B 85 -0.18 -29.91 -3.69
CA ALA B 85 -1.33 -29.90 -2.80
C ALA B 85 -0.85 -29.70 -1.38
N GLU B 86 0.25 -30.37 -1.04
CA GLU B 86 0.81 -30.24 0.29
C GLU B 86 0.97 -28.77 0.66
N ASN B 87 1.49 -27.97 -0.27
CA ASN B 87 1.71 -26.55 -0.01
C ASN B 87 0.43 -25.75 0.17
N PHE B 88 -0.52 -25.93 -0.75
CA PHE B 88 -1.79 -25.22 -0.65
C PHE B 88 -2.46 -25.47 0.69
N ARG B 89 -2.31 -26.67 1.23
CA ARG B 89 -2.91 -27.00 2.51
C ARG B 89 -2.19 -26.24 3.61
N ALA B 90 -0.87 -26.27 3.55
CA ALA B 90 -0.03 -25.60 4.53
C ALA B 90 -0.41 -24.12 4.59
N VAL B 91 -0.66 -23.55 3.41
CA VAL B 91 -1.04 -22.15 3.27
C VAL B 91 -2.41 -21.90 3.86
N LEU B 92 -3.42 -22.48 3.22
CA LEU B 92 -4.80 -22.35 3.64
C LEU B 92 -5.05 -22.75 5.09
N ASP B 93 -4.13 -23.51 5.70
CA ASP B 93 -4.30 -23.86 7.11
C ASP B 93 -4.13 -22.57 7.91
N ASN B 94 -3.49 -21.58 7.29
CA ASN B 94 -3.25 -20.29 7.93
C ASN B 94 -4.07 -19.24 7.17
N ARG B 95 -5.00 -19.72 6.36
CA ARG B 95 -5.88 -18.91 5.52
C ARG B 95 -6.07 -17.45 5.96
N GLN B 96 -6.32 -17.24 7.26
CA GLN B 96 -6.53 -15.91 7.79
C GLN B 96 -5.43 -14.89 7.50
N ARG B 97 -4.18 -15.32 7.55
CA ARG B 97 -3.05 -14.40 7.32
C ARG B 97 -2.96 -13.88 5.88
N HIS B 98 -3.70 -14.52 4.97
CA HIS B 98 -3.68 -14.14 3.57
C HIS B 98 -4.96 -13.49 3.09
N ALA B 99 -5.83 -13.12 4.02
CA ALA B 99 -7.09 -12.50 3.64
C ALA B 99 -6.96 -11.24 2.77
N TRP B 100 -5.74 -10.67 2.69
CA TRP B 100 -5.49 -9.46 1.89
C TRP B 100 -5.53 -9.79 0.40
N LEU B 101 -5.23 -11.04 0.08
CA LEU B 101 -5.23 -11.53 -1.28
C LEU B 101 -6.56 -12.26 -1.38
N GLU B 102 -7.36 -11.99 -2.41
CA GLU B 102 -8.65 -12.65 -2.51
C GLU B 102 -8.59 -14.14 -2.84
N LEU B 103 -7.64 -14.55 -3.67
CA LEU B 103 -7.51 -15.95 -4.05
C LEU B 103 -7.50 -16.85 -2.80
N ALA B 104 -6.94 -16.33 -1.71
CA ALA B 104 -6.85 -17.09 -0.47
C ALA B 104 -8.21 -17.46 0.09
N ASN B 105 -9.20 -16.59 -0.09
CA ASN B 105 -10.55 -16.85 0.40
C ASN B 105 -11.40 -17.40 -0.74
N GLN B 106 -10.73 -17.80 -1.82
CA GLN B 106 -11.41 -18.33 -2.98
C GLN B 106 -11.20 -19.83 -3.18
N ILE B 107 -10.01 -20.32 -2.87
CA ILE B 107 -9.72 -21.74 -3.02
C ILE B 107 -10.50 -22.52 -1.98
N VAL B 108 -11.35 -23.43 -2.45
CA VAL B 108 -12.15 -24.25 -1.55
C VAL B 108 -11.59 -25.66 -1.40
N ASP B 109 -10.82 -26.10 -2.40
CA ASP B 109 -10.25 -27.42 -2.35
C ASP B 109 -9.13 -27.62 -3.37
N VAL B 110 -8.00 -28.14 -2.88
CA VAL B 110 -6.85 -28.44 -3.73
C VAL B 110 -6.51 -29.90 -3.50
N LYS B 111 -6.80 -30.74 -4.50
CA LYS B 111 -6.54 -32.17 -4.40
C LYS B 111 -5.72 -32.68 -5.57
N ALA B 112 -4.73 -33.52 -5.26
CA ALA B 112 -3.90 -34.09 -6.30
C ALA B 112 -4.57 -35.33 -6.89
N LEU B 113 -4.93 -35.24 -8.16
CA LEU B 113 -5.58 -36.35 -8.85
C LEU B 113 -4.62 -37.49 -9.10
N SER B 114 -3.68 -37.29 -10.03
CA SER B 114 -2.69 -38.33 -10.30
C SER B 114 -1.38 -37.93 -9.62
N LYS B 115 -0.28 -37.98 -10.36
CA LYS B 115 1.00 -37.61 -9.79
C LYS B 115 1.41 -36.27 -10.39
N THR B 116 0.82 -35.97 -11.55
CA THR B 116 1.09 -34.74 -12.28
C THR B 116 -0.16 -33.87 -12.45
N GLU B 117 -1.30 -34.36 -11.97
CA GLU B 117 -2.55 -33.62 -12.09
C GLU B 117 -2.93 -32.99 -10.76
N LEU B 118 -3.05 -31.66 -10.77
CA LEU B 118 -3.42 -30.90 -9.57
C LEU B 118 -4.78 -30.26 -9.84
N GLN B 119 -5.73 -30.54 -8.97
CA GLN B 119 -7.07 -29.98 -9.12
C GLN B 119 -7.46 -29.02 -8.00
N ILE B 120 -7.71 -27.77 -8.40
CA ILE B 120 -8.09 -26.71 -7.49
C ILE B 120 -9.53 -26.31 -7.80
N THR B 121 -10.34 -26.11 -6.77
CA THR B 121 -11.71 -25.69 -7.01
C THR B 121 -11.94 -24.38 -6.25
N LEU B 122 -12.60 -23.44 -6.92
CA LEU B 122 -12.88 -22.14 -6.31
C LEU B 122 -14.34 -22.02 -5.95
N LYS B 123 -14.67 -21.13 -5.02
CA LYS B 123 -16.05 -20.94 -4.63
C LYS B 123 -16.75 -20.03 -5.65
N SER B 124 -16.07 -19.76 -6.76
CA SER B 124 -16.61 -18.92 -7.83
C SER B 124 -15.59 -18.88 -8.95
N ALA B 125 -15.96 -18.26 -10.07
CA ALA B 125 -15.02 -18.12 -11.18
C ALA B 125 -14.25 -16.82 -10.96
N TYR B 126 -13.22 -16.90 -10.13
CA TYR B 126 -12.37 -15.78 -9.76
C TYR B 126 -11.40 -15.41 -10.87
N TYR B 127 -11.67 -14.32 -11.59
CA TYR B 127 -10.82 -13.94 -12.71
C TYR B 127 -9.34 -13.63 -12.40
N PRO B 128 -9.03 -13.08 -11.22
CA PRO B 128 -7.62 -12.78 -10.91
C PRO B 128 -6.84 -14.04 -10.53
N PHE B 129 -7.51 -15.18 -10.66
CA PHE B 129 -6.95 -16.50 -10.34
C PHE B 129 -5.49 -16.77 -10.72
N LEU B 130 -5.25 -17.01 -12.01
CA LEU B 130 -3.90 -17.28 -12.50
C LEU B 130 -2.93 -16.19 -12.05
N GLN B 131 -3.34 -14.95 -12.20
CA GLN B 131 -2.50 -13.86 -11.80
C GLN B 131 -2.06 -13.96 -10.37
N GLU B 132 -2.98 -14.12 -9.44
CA GLU B 132 -2.60 -14.25 -8.04
C GLU B 132 -1.81 -15.50 -7.63
N LEU B 133 -1.80 -16.51 -8.49
CA LEU B 133 -1.04 -17.71 -8.23
C LEU B 133 0.39 -17.47 -8.71
N ALA B 134 0.55 -16.41 -9.49
CA ALA B 134 1.85 -16.04 -10.06
C ALA B 134 2.70 -15.17 -9.11
N LEU B 135 2.05 -14.46 -8.21
CA LEU B 135 2.74 -13.60 -7.27
C LEU B 135 3.77 -14.37 -6.47
N PRO B 136 4.83 -13.70 -6.01
CA PRO B 136 5.88 -14.33 -5.22
C PRO B 136 5.39 -15.03 -3.95
N ARG B 137 4.25 -14.61 -3.44
CA ARG B 137 3.69 -15.24 -2.24
C ARG B 137 2.20 -14.98 -2.07
N PRO B 138 1.48 -15.90 -1.42
CA PRO B 138 1.99 -17.15 -0.83
C PRO B 138 1.90 -18.47 -1.61
N PHE B 139 1.42 -18.47 -2.85
CA PHE B 139 1.28 -19.76 -3.53
C PHE B 139 2.44 -20.34 -4.33
N ARG B 140 3.59 -20.44 -3.66
CA ARG B 140 4.78 -21.02 -4.26
C ARG B 140 5.10 -22.27 -3.45
N PHE B 141 6.02 -23.10 -3.96
CA PHE B 141 6.28 -24.38 -3.32
C PHE B 141 7.63 -24.72 -2.72
N ILE B 142 7.54 -25.40 -1.58
CA ILE B 142 8.70 -25.87 -0.84
C ILE B 142 8.56 -27.38 -0.76
N ALA B 143 9.65 -28.06 -0.37
CA ALA B 143 9.63 -29.50 -0.25
C ALA B 143 8.80 -29.82 0.99
N PRO B 144 7.70 -30.59 0.83
CA PRO B 144 6.88 -30.90 1.99
C PRO B 144 7.74 -31.44 3.14
N SER B 145 8.81 -32.13 2.77
CA SER B 145 9.75 -32.70 3.73
C SER B 145 10.39 -31.64 4.61
N GLN B 146 10.05 -30.37 4.37
CA GLN B 146 10.62 -29.29 5.15
C GLN B 146 9.69 -28.66 6.17
N PHE B 147 8.42 -29.04 6.14
CA PHE B 147 7.43 -28.50 7.08
C PHE B 147 7.81 -28.85 8.52
N LYS B 148 7.77 -27.87 9.41
CA LYS B 148 8.06 -28.14 10.81
C LYS B 148 6.77 -28.79 11.26
N ASN B 149 6.85 -30.08 11.60
CA ASN B 149 5.69 -30.85 11.99
C ASN B 149 5.02 -31.21 10.67
N HIS B 150 3.83 -30.67 10.43
CA HIS B 150 3.12 -30.95 9.18
C HIS B 150 2.62 -29.65 8.57
N GLU B 151 3.10 -28.54 9.10
CA GLU B 151 2.71 -27.22 8.63
C GLU B 151 3.95 -26.40 8.29
N THR B 152 3.74 -25.15 7.87
CA THR B 152 4.82 -24.25 7.54
C THR B 152 4.61 -23.00 8.37
N MET B 153 3.35 -22.67 8.64
CA MET B 153 3.01 -21.48 9.42
C MET B 153 3.73 -21.40 10.76
N ASN B 154 4.15 -22.56 11.25
CA ASN B 154 4.83 -22.64 12.54
C ASN B 154 6.31 -22.37 12.33
N GLY B 155 6.74 -22.51 11.08
CA GLY B 155 8.13 -22.30 10.71
C GLY B 155 8.52 -23.41 9.74
N ILE B 156 9.73 -23.39 9.21
CA ILE B 156 10.16 -24.46 8.30
C ILE B 156 11.56 -24.93 8.65
N LYS B 157 11.98 -26.06 8.09
CA LYS B 157 13.32 -26.56 8.37
C LYS B 157 14.25 -25.75 7.49
N ALA B 158 14.57 -26.29 6.32
CA ALA B 158 15.46 -25.61 5.38
C ALA B 158 14.65 -25.08 4.19
N PRO B 159 15.02 -23.91 3.65
CA PRO B 159 14.29 -23.34 2.52
C PRO B 159 14.56 -24.03 1.18
N ILE B 160 14.05 -25.25 1.02
CA ILE B 160 14.23 -26.01 -0.21
C ILE B 160 13.09 -25.78 -1.19
N GLY B 161 13.44 -25.28 -2.37
CA GLY B 161 12.46 -25.01 -3.41
C GLY B 161 12.93 -25.53 -4.77
N THR B 162 12.17 -25.26 -5.82
CA THR B 162 12.53 -25.71 -7.16
C THR B 162 13.18 -24.59 -7.92
N GLY B 163 13.40 -23.47 -7.25
CA GLY B 163 14.00 -22.31 -7.89
C GLY B 163 15.49 -22.38 -8.20
N PRO B 164 15.97 -21.50 -9.09
CA PRO B 164 17.36 -21.40 -9.54
C PRO B 164 18.40 -20.94 -8.51
N TRP B 165 17.97 -20.45 -7.36
CA TRP B 165 18.93 -20.00 -6.38
C TRP B 165 18.71 -20.71 -5.06
N ILE B 166 19.78 -21.25 -4.49
CA ILE B 166 19.68 -21.96 -3.22
C ILE B 166 20.32 -21.15 -2.11
N LEU B 167 19.52 -20.74 -1.14
CA LEU B 167 20.04 -20.00 -0.01
C LEU B 167 21.11 -20.91 0.58
N GLN B 168 22.37 -20.49 0.44
CA GLN B 168 23.50 -21.27 0.92
C GLN B 168 24.00 -20.93 2.30
N GLU B 169 23.70 -19.71 2.77
CA GLU B 169 24.13 -19.27 4.10
C GLU B 169 23.61 -17.89 4.54
N SER B 170 23.37 -17.75 5.84
CA SER B 170 22.89 -16.49 6.41
C SER B 170 23.61 -16.15 7.71
N LYS B 171 23.98 -14.89 7.84
CA LYS B 171 24.66 -14.42 9.03
C LYS B 171 23.99 -13.12 9.44
N LEU B 172 23.05 -13.23 10.38
CA LEU B 172 22.28 -12.09 10.85
C LEU B 172 23.06 -10.78 10.88
N ASN B 173 22.53 -9.78 10.18
CA ASN B 173 23.13 -8.45 10.12
C ASN B 173 24.50 -8.38 9.44
N GLN B 174 24.96 -9.50 8.93
CA GLN B 174 26.24 -9.55 8.25
C GLN B 174 26.05 -9.74 6.74
N TYR B 175 25.71 -10.97 6.33
CA TYR B 175 25.51 -11.27 4.93
C TYR B 175 24.63 -12.51 4.71
N ASP B 176 24.20 -12.69 3.46
CA ASP B 176 23.39 -13.81 3.03
C ASP B 176 23.96 -14.23 1.67
N VAL B 177 24.21 -15.52 1.49
CA VAL B 177 24.78 -16.00 0.23
C VAL B 177 23.93 -17.05 -0.46
N PHE B 178 23.79 -16.89 -1.77
CA PHE B 178 23.03 -17.81 -2.59
C PHE B 178 23.99 -18.36 -3.63
N VAL B 179 23.74 -19.59 -4.09
CA VAL B 179 24.57 -20.20 -5.13
C VAL B 179 23.59 -20.65 -6.19
N ARG B 180 24.08 -20.96 -7.38
CA ARG B 180 23.19 -21.39 -8.44
C ARG B 180 22.74 -22.82 -8.21
N ASN B 181 21.59 -23.16 -8.77
CA ASN B 181 21.02 -24.50 -8.66
C ASN B 181 21.41 -25.24 -9.94
N GLU B 182 22.39 -26.13 -9.81
CA GLU B 182 22.90 -26.90 -10.94
C GLU B 182 21.87 -27.88 -11.46
N ASN B 183 20.91 -28.24 -10.62
CA ASN B 183 19.87 -29.17 -11.04
C ASN B 183 18.56 -28.47 -11.28
N TYR B 184 18.65 -27.21 -11.73
CA TYR B 184 17.45 -26.44 -12.00
C TYR B 184 16.78 -27.04 -13.23
N TRP B 185 15.45 -27.10 -13.21
CA TRP B 185 14.73 -27.69 -14.32
C TRP B 185 14.79 -26.90 -15.62
N GLY B 186 14.90 -25.58 -15.52
CA GLY B 186 14.95 -24.76 -16.72
C GLY B 186 16.32 -24.20 -17.03
N GLU B 187 16.33 -23.15 -17.85
CA GLU B 187 17.57 -22.46 -18.26
C GLU B 187 18.49 -22.16 -17.08
N LYS B 188 19.78 -22.39 -17.26
CA LYS B 188 20.74 -22.14 -16.19
C LYS B 188 21.26 -20.69 -16.20
N PRO B 189 21.34 -20.06 -15.02
CA PRO B 189 21.82 -18.68 -14.86
C PRO B 189 23.33 -18.60 -15.04
N ALA B 190 23.77 -17.57 -15.76
CA ALA B 190 25.19 -17.35 -16.00
C ALA B 190 25.95 -17.12 -14.69
N ILE B 191 25.25 -16.59 -13.69
CA ILE B 191 25.86 -16.30 -12.39
C ILE B 191 25.85 -17.46 -11.43
N LYS B 192 27.04 -17.91 -11.04
CA LYS B 192 27.20 -19.03 -10.12
C LYS B 192 26.77 -18.70 -8.71
N LYS B 193 27.10 -17.51 -8.20
CA LYS B 193 26.68 -17.18 -6.83
C LYS B 193 26.56 -15.70 -6.52
N ILE B 194 25.58 -15.37 -5.69
CA ILE B 194 25.31 -14.00 -5.31
C ILE B 194 25.48 -13.84 -3.82
N THR B 195 26.06 -12.72 -3.42
CA THR B 195 26.27 -12.43 -2.01
C THR B 195 25.57 -11.10 -1.74
N PHE B 196 24.68 -11.10 -0.74
CA PHE B 196 23.95 -9.90 -0.33
C PHE B 196 24.56 -9.43 0.98
N ASN B 197 25.20 -8.27 0.98
CA ASN B 197 25.79 -7.75 2.23
C ASN B 197 24.79 -6.87 2.95
N VAL B 198 24.54 -7.16 4.21
CA VAL B 198 23.59 -6.36 4.97
C VAL B 198 24.20 -5.02 5.33
N ILE B 199 23.67 -3.96 4.74
CA ILE B 199 24.15 -2.61 4.99
C ILE B 199 22.95 -1.70 5.11
N PRO B 200 22.50 -1.47 6.35
CA PRO B 200 21.34 -0.60 6.65
C PRO B 200 21.44 0.84 6.20
N ASP B 201 22.63 1.43 6.23
CA ASP B 201 22.72 2.83 5.83
C ASP B 201 22.93 3.05 4.32
N PRO B 202 22.22 4.04 3.75
CA PRO B 202 22.26 4.42 2.33
C PRO B 202 23.66 4.88 1.94
N THR B 203 24.24 5.76 2.76
CA THR B 203 25.56 6.28 2.48
C THR B 203 26.57 5.16 2.42
N THR B 204 26.53 4.27 3.41
CA THR B 204 27.45 3.12 3.48
C THR B 204 27.30 2.24 2.24
N ARG B 205 26.08 2.10 1.76
CA ARG B 205 25.83 1.30 0.56
C ARG B 205 26.49 2.01 -0.62
N ALA B 206 26.50 3.34 -0.59
CA ALA B 206 27.12 4.13 -1.65
C ALA B 206 28.62 3.92 -1.56
N VAL B 207 29.17 4.27 -0.40
CA VAL B 207 30.58 4.09 -0.15
C VAL B 207 31.00 2.66 -0.50
N ALA B 208 30.11 1.70 -0.26
CA ALA B 208 30.39 0.28 -0.53
C ALA B 208 30.54 -0.01 -2.02
N PHE B 209 29.77 0.69 -2.84
CA PHE B 209 29.83 0.50 -4.27
C PHE B 209 31.08 1.15 -4.86
N GLU B 210 31.36 2.35 -4.37
CA GLU B 210 32.50 3.13 -4.81
C GLU B 210 33.81 2.38 -4.65
N THR B 211 34.06 1.88 -3.44
CA THR B 211 35.31 1.14 -3.16
C THR B 211 35.47 -0.13 -4.00
N GLY B 212 34.47 -0.45 -4.80
CA GLY B 212 34.56 -1.63 -5.62
C GLY B 212 34.04 -2.85 -4.87
N ASP B 213 33.70 -2.65 -3.59
CA ASP B 213 33.19 -3.73 -2.77
C ASP B 213 31.99 -4.44 -3.42
N ILE B 214 31.02 -3.66 -3.92
CA ILE B 214 29.82 -4.18 -4.54
C ILE B 214 29.83 -4.07 -6.07
N ASP B 215 29.18 -5.02 -6.75
CA ASP B 215 29.12 -5.02 -8.20
C ASP B 215 27.79 -4.52 -8.72
N LEU B 216 26.80 -4.51 -7.84
CA LEU B 216 25.44 -4.15 -8.23
C LEU B 216 24.58 -3.66 -7.08
N LEU B 217 23.72 -2.69 -7.36
CA LEU B 217 22.77 -2.19 -6.38
C LEU B 217 21.48 -2.12 -7.18
N TYR B 218 20.57 -3.06 -6.91
CA TYR B 218 19.29 -3.11 -7.60
C TYR B 218 18.17 -2.90 -6.58
N GLY B 219 17.40 -1.83 -6.76
CA GLY B 219 16.32 -1.54 -5.84
C GLY B 219 15.56 -0.25 -6.14
N ASN B 220 14.70 0.16 -5.22
CA ASN B 220 13.93 1.38 -5.40
C ASN B 220 14.80 2.60 -5.19
N GLU B 221 14.26 3.77 -5.51
CA GLU B 221 15.04 4.99 -5.40
C GLU B 221 15.68 5.34 -4.06
N GLY B 222 15.09 4.90 -2.97
CA GLY B 222 15.70 5.20 -1.67
C GLY B 222 16.93 4.33 -1.41
N LEU B 223 17.18 3.36 -2.27
CA LEU B 223 18.31 2.44 -2.10
C LEU B 223 19.63 3.16 -1.83
N LEU B 224 19.75 4.38 -2.31
CA LEU B 224 20.95 5.19 -2.07
C LEU B 224 20.63 6.65 -2.29
N PRO B 225 21.21 7.53 -1.47
CA PRO B 225 20.97 8.96 -1.59
C PRO B 225 20.90 9.39 -3.05
N LEU B 226 19.84 10.12 -3.40
CA LEU B 226 19.64 10.53 -4.78
C LEU B 226 20.65 11.49 -5.40
N ASP B 227 21.31 12.33 -4.60
CA ASP B 227 22.31 13.22 -5.17
C ASP B 227 23.52 12.38 -5.53
N THR B 228 23.80 11.38 -4.72
CA THR B 228 24.92 10.50 -4.99
C THR B 228 24.67 9.75 -6.28
N PHE B 229 23.44 9.29 -6.47
CA PHE B 229 23.07 8.56 -7.68
C PHE B 229 23.28 9.41 -8.94
N ALA B 230 22.92 10.68 -8.87
CA ALA B 230 23.08 11.57 -10.00
C ALA B 230 24.56 11.79 -10.30
N ARG B 231 25.38 11.72 -9.27
CA ARG B 231 26.81 11.88 -9.45
C ARG B 231 27.33 10.57 -10.00
N PHE B 232 26.62 9.48 -9.70
CA PHE B 232 27.02 8.17 -10.18
C PHE B 232 26.79 8.06 -11.68
N SER B 233 25.65 8.55 -12.13
CA SER B 233 25.26 8.47 -13.54
C SER B 233 26.05 9.36 -14.50
N GLN B 234 26.95 10.18 -13.96
CA GLN B 234 27.78 11.06 -14.76
C GLN B 234 29.16 10.47 -14.83
N ASN B 235 29.41 9.48 -13.96
CA ASN B 235 30.69 8.80 -13.85
C ASN B 235 30.91 7.72 -14.90
N PRO B 236 31.85 7.93 -15.83
CA PRO B 236 32.13 6.94 -16.88
C PRO B 236 32.61 5.60 -16.37
N ALA B 237 33.13 5.54 -15.16
CA ALA B 237 33.58 4.23 -14.67
C ALA B 237 32.39 3.34 -14.36
N TYR B 238 31.26 3.96 -14.01
CA TYR B 238 30.05 3.19 -13.67
C TYR B 238 28.96 3.16 -14.74
N HIS B 239 27.95 2.36 -14.46
CA HIS B 239 26.77 2.24 -15.29
C HIS B 239 25.51 2.45 -14.40
N THR B 240 24.61 3.33 -14.84
CA THR B 240 23.40 3.57 -14.07
C THR B 240 22.15 3.37 -14.93
N GLN B 241 21.03 3.13 -14.26
CA GLN B 241 19.74 2.96 -14.91
C GLN B 241 18.67 3.46 -13.94
N LEU B 242 17.70 4.19 -14.49
CA LEU B 242 16.57 4.71 -13.74
C LEU B 242 15.36 4.34 -14.61
N SER B 243 14.65 3.30 -14.23
CA SER B 243 13.50 2.86 -14.99
C SER B 243 12.40 3.90 -15.00
N GLN B 244 11.29 3.55 -15.63
CA GLN B 244 10.13 4.44 -15.65
C GLN B 244 9.41 4.20 -14.31
N PRO B 245 8.59 5.17 -13.85
CA PRO B 245 7.91 4.98 -12.57
C PRO B 245 7.20 3.64 -12.44
N ILE B 246 7.42 2.95 -11.33
CA ILE B 246 6.78 1.65 -11.11
C ILE B 246 5.71 1.70 -10.03
N GLU B 247 5.74 2.74 -9.21
CA GLU B 247 4.76 2.88 -8.14
C GLU B 247 4.84 4.25 -7.47
N THR B 248 3.79 4.62 -6.76
CA THR B 248 3.78 5.92 -6.09
C THR B 248 4.17 5.86 -4.61
N VAL B 249 4.81 6.92 -4.14
CA VAL B 249 5.22 7.02 -2.74
C VAL B 249 4.38 8.13 -2.14
N MET B 250 3.91 7.90 -0.92
CA MET B 250 3.05 8.87 -0.26
C MET B 250 2.97 8.63 1.23
N LEU B 251 2.26 9.54 1.89
CA LEU B 251 1.99 9.44 3.33
C LEU B 251 0.56 8.93 3.43
N ALA B 252 0.32 7.98 4.32
CA ALA B 252 -1.04 7.47 4.55
C ALA B 252 -1.52 8.27 5.75
N LEU B 253 -2.58 9.04 5.58
CA LEU B 253 -3.12 9.86 6.65
C LEU B 253 -4.16 9.13 7.54
N ASN B 254 -3.81 8.93 8.81
CA ASN B 254 -4.71 8.24 9.72
C ASN B 254 -6.01 9.00 10.01
N THR B 255 -7.10 8.63 9.35
CA THR B 255 -8.39 9.30 9.59
C THR B 255 -8.99 8.87 10.91
N ALA B 256 -8.51 7.77 11.46
CA ALA B 256 -9.04 7.29 12.72
C ALA B 256 -8.53 8.14 13.86
N LYS B 257 -7.22 8.36 13.87
CA LYS B 257 -6.58 9.15 14.92
C LYS B 257 -6.68 10.63 14.59
N ALA B 258 -6.48 11.48 15.58
CA ALA B 258 -6.55 12.91 15.37
C ALA B 258 -5.11 13.44 15.43
N PRO B 259 -4.87 14.67 14.93
CA PRO B 259 -5.78 15.63 14.32
C PRO B 259 -6.04 15.34 12.86
N THR B 260 -5.56 14.18 12.40
CA THR B 260 -5.71 13.81 11.00
C THR B 260 -7.06 13.20 10.74
N ASN B 261 -7.85 13.05 11.79
CA ASN B 261 -9.17 12.49 11.61
C ASN B 261 -10.08 13.55 11.04
N GLU B 262 -9.56 14.77 10.91
CA GLU B 262 -10.32 15.87 10.35
C GLU B 262 -10.03 16.05 8.87
N LEU B 263 -11.08 16.18 8.06
CA LEU B 263 -10.90 16.37 6.63
C LEU B 263 -10.15 17.67 6.38
N ALA B 264 -10.37 18.65 7.26
CA ALA B 264 -9.74 19.94 7.13
C ALA B 264 -8.24 19.80 7.26
N VAL B 265 -7.79 19.24 8.37
CA VAL B 265 -6.38 19.02 8.65
C VAL B 265 -5.73 18.26 7.51
N ARG B 266 -6.43 17.24 7.00
CA ARG B 266 -5.90 16.44 5.91
C ARG B 266 -5.82 17.22 4.60
N GLU B 267 -6.84 18.00 4.28
CA GLU B 267 -6.80 18.76 3.05
C GLU B 267 -5.67 19.77 3.08
N ALA B 268 -5.63 20.58 4.12
CA ALA B 268 -4.58 21.58 4.24
C ALA B 268 -3.23 20.91 4.23
N LEU B 269 -3.17 19.70 4.76
CA LEU B 269 -1.91 18.98 4.81
C LEU B 269 -1.40 18.66 3.41
N ASN B 270 -2.30 18.51 2.46
CA ASN B 270 -1.91 18.22 1.08
C ASN B 270 -1.44 19.47 0.35
N TYR B 271 -2.10 20.60 0.63
CA TYR B 271 -1.74 21.87 0.01
C TYR B 271 -0.48 22.48 0.64
N ALA B 272 -0.02 21.94 1.77
CA ALA B 272 1.15 22.52 2.41
C ALA B 272 2.50 21.99 1.94
N VAL B 273 2.50 20.88 1.22
CA VAL B 273 3.75 20.29 0.73
C VAL B 273 4.13 20.88 -0.62
N ASN B 274 5.34 21.40 -0.71
CA ASN B 274 5.83 21.96 -1.96
C ASN B 274 6.41 20.77 -2.73
N LYS B 275 5.53 20.11 -3.48
CA LYS B 275 5.91 18.93 -4.21
C LYS B 275 7.12 19.04 -5.12
N LYS B 276 7.14 20.02 -6.02
CA LYS B 276 8.26 20.18 -6.94
C LYS B 276 9.54 20.38 -6.13
N SER B 277 9.57 21.44 -5.33
CA SER B 277 10.71 21.74 -4.48
C SER B 277 11.16 20.45 -3.80
N LEU B 278 10.19 19.72 -3.27
CA LEU B 278 10.48 18.48 -2.57
C LEU B 278 11.22 17.49 -3.45
N ILE B 279 10.70 17.23 -4.64
CA ILE B 279 11.31 16.30 -5.57
C ILE B 279 12.64 16.81 -6.10
N ASP B 280 12.75 18.13 -6.27
CA ASP B 280 14.00 18.75 -6.75
C ASP B 280 15.11 18.36 -5.77
N ASN B 281 14.75 18.27 -4.49
CA ASN B 281 15.65 17.84 -3.45
C ASN B 281 15.24 16.38 -3.27
N ALA B 282 15.97 15.62 -2.46
CA ALA B 282 15.62 14.22 -2.22
C ALA B 282 15.54 13.36 -3.50
N LEU B 283 14.83 13.85 -4.52
CA LEU B 283 14.69 13.13 -5.78
C LEU B 283 15.40 13.87 -6.90
N TYR B 284 16.17 14.89 -6.51
CA TYR B 284 16.96 15.70 -7.43
C TYR B 284 16.42 15.76 -8.85
N GLY B 285 15.16 16.17 -8.96
CA GLY B 285 14.50 16.31 -10.26
C GLY B 285 14.38 15.04 -11.09
N THR B 286 14.70 13.90 -10.49
CA THR B 286 14.64 12.65 -11.22
C THR B 286 13.21 12.18 -11.51
N GLN B 287 12.31 12.40 -10.55
CA GLN B 287 10.91 11.99 -10.67
C GLN B 287 9.90 13.09 -10.95
N GLN B 288 8.64 12.70 -11.07
CA GLN B 288 7.55 13.66 -11.33
C GLN B 288 6.58 13.69 -10.14
N VAL B 289 5.92 14.82 -9.98
CA VAL B 289 4.96 15.03 -8.90
C VAL B 289 3.73 14.15 -8.99
N ALA B 290 3.34 13.55 -7.87
CA ALA B 290 2.17 12.67 -7.83
C ALA B 290 0.91 13.39 -7.28
N ASP B 291 -0.18 13.33 -8.03
CA ASP B 291 -1.41 14.00 -7.61
C ASP B 291 -2.48 13.07 -7.13
N THR B 292 -2.26 11.78 -7.32
CA THR B 292 -3.24 10.79 -6.90
C THR B 292 -2.60 9.52 -6.43
N LEU B 293 -3.37 8.73 -5.69
CA LEU B 293 -2.92 7.45 -5.15
C LEU B 293 -2.19 6.67 -6.24
N PHE B 294 -2.81 6.59 -7.40
CA PHE B 294 -2.21 5.88 -8.51
C PHE B 294 -1.82 6.82 -9.63
N ALA B 295 -0.79 6.45 -10.37
CA ALA B 295 -0.36 7.23 -11.51
C ALA B 295 -1.51 7.15 -12.50
N PRO B 296 -1.75 8.23 -13.26
CA PRO B 296 -2.86 8.14 -14.22
C PRO B 296 -2.56 7.14 -15.34
N SER B 297 -1.33 6.65 -15.39
CA SER B 297 -0.98 5.63 -16.39
C SER B 297 -1.30 4.22 -15.86
N VAL B 298 -1.75 4.14 -14.61
CA VAL B 298 -2.08 2.85 -14.01
C VAL B 298 -3.44 2.40 -14.53
N PRO B 299 -3.62 1.10 -14.74
CA PRO B 299 -4.89 0.57 -15.24
C PRO B 299 -6.05 0.99 -14.35
N TYR B 300 -7.12 1.44 -14.99
CA TYR B 300 -8.34 1.89 -14.32
C TYR B 300 -8.18 3.19 -13.54
N ALA B 301 -7.00 3.79 -13.60
CA ALA B 301 -6.80 4.98 -12.81
C ALA B 301 -6.73 6.33 -13.52
N ASN B 302 -7.09 6.38 -14.81
CA ASN B 302 -7.08 7.65 -15.51
C ASN B 302 -8.44 8.30 -15.23
N LEU B 303 -8.57 8.98 -14.11
CA LEU B 303 -9.86 9.55 -13.74
C LEU B 303 -10.06 11.06 -13.78
N GLY B 304 -9.00 11.83 -14.00
CA GLY B 304 -9.15 13.27 -14.06
C GLY B 304 -9.32 13.87 -12.68
N LEU B 305 -8.93 13.11 -11.67
CA LEU B 305 -9.06 13.56 -10.29
C LEU B 305 -8.35 14.88 -10.11
N LYS B 306 -8.97 15.75 -9.31
CA LYS B 306 -8.42 17.08 -9.04
C LYS B 306 -7.12 17.08 -8.25
N PRO B 307 -6.06 17.63 -8.84
CA PRO B 307 -4.75 17.68 -8.16
C PRO B 307 -4.78 18.77 -7.11
N SER B 308 -3.94 18.62 -6.08
CA SER B 308 -3.89 19.63 -5.03
C SER B 308 -2.64 20.47 -5.20
N GLN B 309 -2.84 21.74 -5.55
CA GLN B 309 -1.75 22.68 -5.75
C GLN B 309 -1.13 23.14 -4.44
N TYR B 310 0.19 23.20 -4.39
CA TYR B 310 0.89 23.67 -3.21
C TYR B 310 0.36 25.09 -2.98
N ASP B 311 -0.23 25.32 -1.82
CA ASP B 311 -0.83 26.62 -1.49
C ASP B 311 -0.88 26.79 0.03
N PRO B 312 0.17 27.36 0.63
CA PRO B 312 0.18 27.56 2.08
C PRO B 312 -0.93 28.48 2.57
N GLN B 313 -1.34 29.41 1.72
CA GLN B 313 -2.38 30.36 2.09
C GLN B 313 -3.68 29.60 2.37
N LYS B 314 -4.08 28.77 1.42
CA LYS B 314 -5.29 27.99 1.56
C LYS B 314 -5.14 27.01 2.72
N ALA B 315 -3.99 26.33 2.74
CA ALA B 315 -3.74 25.35 3.79
C ALA B 315 -3.98 25.94 5.17
N LYS B 316 -3.28 27.01 5.51
CA LYS B 316 -3.47 27.58 6.84
C LYS B 316 -4.79 28.29 7.11
N ALA B 317 -5.70 28.27 6.14
CA ALA B 317 -7.01 28.86 6.37
C ALA B 317 -7.88 27.68 6.82
N LEU B 318 -7.74 26.56 6.10
CA LEU B 318 -8.49 25.36 6.44
C LEU B 318 -8.28 25.05 7.90
N LEU B 319 -7.06 25.20 8.41
CA LEU B 319 -6.82 24.93 9.82
C LEU B 319 -7.52 25.94 10.71
N GLU B 320 -7.57 27.19 10.23
CA GLU B 320 -8.21 28.29 10.94
C GLU B 320 -9.70 28.01 11.07
N LYS B 321 -10.38 27.98 9.92
CA LYS B 321 -11.82 27.72 9.86
C LYS B 321 -12.13 26.28 10.31
N ALA B 322 -11.54 25.84 11.40
CA ALA B 322 -11.74 24.47 11.86
C ALA B 322 -11.25 24.29 13.28
N GLY B 323 -10.98 25.41 13.95
CA GLY B 323 -10.55 25.37 15.33
C GLY B 323 -9.06 25.34 15.63
N TRP B 324 -8.24 25.38 14.59
CA TRP B 324 -6.81 25.39 14.80
C TRP B 324 -6.35 26.78 14.41
N THR B 325 -6.14 27.61 15.42
CA THR B 325 -5.75 28.98 15.14
C THR B 325 -4.42 29.34 15.79
N LEU B 326 -3.84 30.45 15.33
CA LEU B 326 -2.57 30.94 15.83
C LEU B 326 -2.65 31.60 17.21
N PRO B 327 -2.02 30.98 18.22
CA PRO B 327 -1.98 31.43 19.62
C PRO B 327 -1.58 32.88 19.85
N ALA B 328 -1.15 33.56 18.78
CA ALA B 328 -0.71 34.95 18.90
C ALA B 328 0.50 34.97 19.84
N GLY B 329 1.69 34.91 19.25
CA GLY B 329 2.91 34.89 20.04
C GLY B 329 3.75 33.73 19.61
N LYS B 330 3.10 32.60 19.37
CA LYS B 330 3.75 31.37 18.92
C LYS B 330 3.34 31.11 17.47
N ASP B 331 3.93 30.09 16.86
CA ASP B 331 3.62 29.78 15.48
C ASP B 331 2.84 28.48 15.27
N ILE B 332 2.90 27.59 16.25
CA ILE B 332 2.18 26.33 16.18
C ILE B 332 0.76 26.50 16.69
N ARG B 333 -0.22 26.14 15.86
CA ARG B 333 -1.65 26.27 16.18
C ARG B 333 -2.17 25.32 17.27
N GLU B 334 -3.23 25.78 17.95
CA GLU B 334 -3.88 25.03 19.03
C GLU B 334 -5.40 24.97 18.80
N LYS B 335 -6.03 23.98 19.44
CA LYS B 335 -7.47 23.75 19.39
C LYS B 335 -7.85 23.32 20.81
N ASN B 336 -8.60 24.17 21.51
CA ASN B 336 -9.00 23.90 22.89
C ASN B 336 -7.77 23.85 23.80
N GLY B 337 -6.65 24.37 23.31
CA GLY B 337 -5.45 24.36 24.10
C GLY B 337 -4.55 23.19 23.77
N GLN B 338 -4.73 22.64 22.56
CA GLN B 338 -3.90 21.52 22.11
C GLN B 338 -3.04 21.92 20.92
N PRO B 339 -1.72 21.68 21.01
CA PRO B 339 -0.86 22.01 19.88
C PRO B 339 -1.20 21.10 18.70
N LEU B 340 -1.14 21.65 17.48
CA LEU B 340 -1.41 20.91 16.26
C LEU B 340 -0.31 19.88 15.96
N ARG B 341 0.13 19.15 16.99
CA ARG B 341 1.17 18.14 16.81
C ARG B 341 0.74 16.89 16.02
N ILE B 342 1.50 16.56 14.98
CA ILE B 342 1.22 15.37 14.19
C ILE B 342 2.48 14.54 14.16
N GLU B 343 2.34 13.23 14.21
CA GLU B 343 3.51 12.37 14.18
C GLU B 343 3.65 11.84 12.75
N LEU B 344 4.89 11.73 12.29
CA LEU B 344 5.21 11.27 10.94
C LEU B 344 6.18 10.09 11.09
N SER B 345 5.81 8.93 10.55
CA SER B 345 6.62 7.72 10.69
C SER B 345 7.21 7.16 9.40
N PHE B 346 8.43 6.64 9.49
CA PHE B 346 9.12 6.10 8.32
C PHE B 346 10.26 5.18 8.70
N ILE B 347 10.77 4.41 7.75
CA ILE B 347 11.89 3.51 8.01
C ILE B 347 13.18 4.32 7.80
N GLY B 348 14.13 4.17 8.72
CA GLY B 348 15.38 4.90 8.60
C GLY B 348 16.34 4.41 7.53
N THR B 349 16.30 3.12 7.24
CA THR B 349 17.18 2.56 6.23
C THR B 349 16.69 2.92 4.82
N ASP B 350 16.04 4.08 4.72
CA ASP B 350 15.48 4.58 3.47
C ASP B 350 15.85 6.06 3.28
N ALA B 351 16.81 6.30 2.39
CA ALA B 351 17.28 7.66 2.12
C ALA B 351 16.20 8.58 1.58
N LEU B 352 15.23 7.98 0.90
CA LEU B 352 14.15 8.73 0.28
C LEU B 352 13.13 9.29 1.26
N SER B 353 12.76 8.49 2.25
CA SER B 353 11.77 8.94 3.22
C SER B 353 12.37 9.87 4.26
N LYS B 354 13.57 9.55 4.73
CA LYS B 354 14.22 10.39 5.72
C LYS B 354 14.40 11.79 5.15
N SER B 355 14.60 11.84 3.85
CA SER B 355 14.81 13.09 3.13
C SER B 355 13.53 13.90 2.96
N MET B 356 12.46 13.21 2.56
CA MET B 356 11.16 13.86 2.36
C MET B 356 10.56 14.14 3.73
N ALA B 357 10.76 13.21 4.65
CA ALA B 357 10.22 13.37 6.00
C ALA B 357 10.63 14.72 6.54
N GLU B 358 11.95 14.92 6.59
CA GLU B 358 12.53 16.16 7.09
C GLU B 358 12.04 17.40 6.36
N ILE B 359 11.86 17.30 5.05
CA ILE B 359 11.36 18.45 4.28
C ILE B 359 9.90 18.69 4.63
N ILE B 360 9.09 17.64 4.54
CA ILE B 360 7.67 17.71 4.88
C ILE B 360 7.49 18.38 6.25
N GLN B 361 8.20 17.86 7.24
CA GLN B 361 8.18 18.40 8.59
C GLN B 361 8.41 19.89 8.49
N ALA B 362 9.42 20.25 7.71
CA ALA B 362 9.81 21.64 7.50
C ALA B 362 8.70 22.55 6.98
N ASP B 363 8.33 22.43 5.71
CA ASP B 363 7.29 23.30 5.20
C ASP B 363 5.89 23.01 5.74
N MET B 364 5.85 22.19 6.78
CA MET B 364 4.59 21.86 7.44
C MET B 364 4.41 22.90 8.54
N ARG B 365 5.50 23.17 9.26
CA ARG B 365 5.48 24.15 10.34
C ARG B 365 5.21 25.54 9.79
N GLN B 366 5.19 25.67 8.47
CA GLN B 366 4.92 26.98 7.87
C GLN B 366 3.42 27.28 7.87
N ILE B 367 2.60 26.32 8.30
CA ILE B 367 1.16 26.55 8.37
C ILE B 367 0.68 26.35 9.80
N GLY B 368 1.64 26.24 10.72
CA GLY B 368 1.29 26.10 12.12
C GLY B 368 1.20 24.69 12.62
N ALA B 369 1.57 23.72 11.78
CA ALA B 369 1.51 22.33 12.16
C ALA B 369 2.87 21.83 12.60
N ASP B 370 2.90 21.16 13.75
CA ASP B 370 4.13 20.64 14.32
C ASP B 370 4.19 19.11 14.22
N VAL B 371 4.98 18.61 13.28
CA VAL B 371 5.11 17.18 13.10
C VAL B 371 6.44 16.69 13.61
N SER B 372 6.43 15.55 14.29
CA SER B 372 7.63 14.93 14.81
C SER B 372 7.84 13.79 13.85
N LEU B 373 9.06 13.28 13.74
CA LEU B 373 9.33 12.15 12.86
C LEU B 373 9.81 10.97 13.68
N ILE B 374 9.50 9.77 13.22
CA ILE B 374 9.92 8.60 13.95
C ILE B 374 10.41 7.46 13.06
N GLY B 375 11.68 7.53 12.70
CA GLY B 375 12.28 6.51 11.87
C GLY B 375 12.39 5.28 12.74
N GLU B 376 12.02 4.13 12.20
CA GLU B 376 12.09 2.89 12.97
C GLU B 376 12.37 1.71 12.08
N GLU B 377 12.75 0.60 12.71
CA GLU B 377 13.05 -0.62 11.99
C GLU B 377 11.84 -0.92 11.10
N GLU B 378 12.03 -1.54 9.96
CA GLU B 378 10.84 -1.80 9.16
C GLU B 378 9.94 -2.73 9.93
N SER B 379 10.54 -3.71 10.57
CA SER B 379 9.72 -4.63 11.33
C SER B 379 8.82 -3.85 12.29
N SER B 380 9.30 -2.68 12.71
CA SER B 380 8.56 -1.83 13.62
C SER B 380 7.48 -1.06 12.86
N ILE B 381 7.90 -0.25 11.90
CA ILE B 381 6.98 0.55 11.11
C ILE B 381 5.84 -0.31 10.58
N TYR B 382 6.15 -1.56 10.25
CA TYR B 382 5.17 -2.50 9.75
C TYR B 382 4.01 -2.62 10.71
N ALA B 383 4.32 -2.95 11.96
CA ALA B 383 3.30 -3.10 12.98
C ALA B 383 2.42 -1.86 13.08
N ARG B 384 3.05 -0.69 13.24
CA ARG B 384 2.30 0.56 13.34
C ARG B 384 1.28 0.66 12.21
N GLN B 385 1.63 0.13 11.04
CA GLN B 385 0.69 0.20 9.95
C GLN B 385 -0.51 -0.71 10.23
N ARG B 386 -0.24 -1.93 10.66
CA ARG B 386 -1.29 -2.91 10.95
C ARG B 386 -2.24 -2.53 12.09
N ASP B 387 -1.72 -1.89 13.13
CA ASP B 387 -2.54 -1.52 14.28
C ASP B 387 -2.92 -0.04 14.40
N GLY B 388 -2.77 0.71 13.32
CA GLY B 388 -3.13 2.11 13.34
C GLY B 388 -2.42 3.00 14.35
N ARG B 389 -1.25 2.55 14.79
CA ARG B 389 -0.46 3.31 15.76
C ARG B 389 0.38 4.33 15.01
N PHE B 390 -0.26 5.38 14.48
CA PHE B 390 0.46 6.41 13.73
C PHE B 390 -0.44 7.58 13.32
N GLY B 391 0.19 8.68 12.91
CA GLY B 391 -0.54 9.87 12.48
C GLY B 391 -0.46 9.93 10.97
N MET B 392 0.76 10.02 10.46
CA MET B 392 1.04 10.01 9.03
C MET B 392 2.18 9.05 8.97
N ILE B 393 2.15 8.16 7.98
CA ILE B 393 3.19 7.18 7.87
C ILE B 393 3.56 6.92 6.42
N PHE B 394 4.85 7.00 6.09
CA PHE B 394 5.29 6.78 4.71
C PHE B 394 4.75 5.43 4.29
N HIS B 395 4.20 5.39 3.08
CA HIS B 395 3.59 4.17 2.53
C HIS B 395 3.62 4.29 1.00
N ARG B 396 3.74 3.16 0.32
CA ARG B 396 3.80 3.15 -1.14
C ARG B 396 2.93 2.04 -1.77
N THR B 397 2.56 2.21 -3.05
CA THR B 397 1.77 1.18 -3.75
C THR B 397 2.76 0.08 -4.16
N TRP B 398 2.29 -1.01 -4.76
CA TRP B 398 3.21 -2.11 -5.04
C TRP B 398 3.51 -2.51 -6.46
N GLY B 399 3.58 -1.56 -7.38
CA GLY B 399 3.86 -1.88 -8.77
C GLY B 399 3.02 -3.01 -9.37
N ALA B 400 3.40 -3.44 -10.57
CA ALA B 400 2.70 -4.51 -11.26
C ALA B 400 3.10 -5.83 -10.64
N PRO B 401 2.16 -6.81 -10.57
CA PRO B 401 0.77 -6.75 -11.02
C PRO B 401 -0.17 -6.38 -9.89
N TYR B 402 0.41 -5.98 -8.75
CA TYR B 402 -0.39 -5.62 -7.59
C TYR B 402 -1.32 -4.43 -7.79
N ASP B 403 -0.84 -3.42 -8.52
CA ASP B 403 -1.62 -2.22 -8.75
C ASP B 403 -2.52 -2.35 -9.97
N PRO B 404 -3.84 -2.11 -9.81
CA PRO B 404 -4.56 -1.72 -8.59
C PRO B 404 -5.35 -2.76 -7.80
N HIS B 405 -5.83 -3.81 -8.43
CA HIS B 405 -6.67 -4.79 -7.76
C HIS B 405 -6.14 -5.43 -6.47
N ALA B 406 -4.93 -5.97 -6.49
CA ALA B 406 -4.43 -6.60 -5.28
C ALA B 406 -4.07 -5.56 -4.22
N PHE B 407 -3.72 -4.35 -4.64
CA PHE B 407 -3.41 -3.31 -3.68
C PHE B 407 -4.72 -2.96 -3.03
N LEU B 408 -5.74 -2.71 -3.84
CA LEU B 408 -7.06 -2.39 -3.29
C LEU B 408 -7.56 -3.52 -2.39
N SER B 409 -7.45 -4.76 -2.86
CA SER B 409 -7.88 -5.90 -2.08
C SER B 409 -7.28 -5.97 -0.68
N SER B 410 -6.13 -5.36 -0.47
CA SER B 410 -5.46 -5.39 0.83
C SER B 410 -6.01 -4.35 1.81
N MET B 411 -6.83 -3.44 1.30
CA MET B 411 -7.41 -2.41 2.12
C MET B 411 -8.49 -2.93 3.06
N ARG B 412 -8.97 -4.13 2.79
CA ARG B 412 -10.04 -4.70 3.59
C ARG B 412 -9.59 -5.31 4.90
N VAL B 413 -8.34 -5.76 4.93
CA VAL B 413 -7.81 -6.36 6.14
C VAL B 413 -6.59 -5.58 6.61
N PRO B 414 -6.45 -5.40 7.92
CA PRO B 414 -5.26 -4.65 8.35
C PRO B 414 -4.01 -5.42 7.97
N SER B 415 -3.50 -5.19 6.76
CA SER B 415 -2.28 -5.86 6.30
C SER B 415 -1.13 -4.86 6.19
N HIS B 416 -1.48 -3.63 5.88
CA HIS B 416 -0.50 -2.56 5.78
C HIS B 416 -1.06 -1.32 6.47
N ALA B 417 -1.09 -0.17 5.81
CA ALA B 417 -1.59 1.01 6.51
C ALA B 417 -2.99 1.47 6.14
N ASP B 418 -3.44 1.10 4.95
CA ASP B 418 -4.74 1.52 4.45
C ASP B 418 -5.95 1.17 5.31
N PHE B 419 -6.13 -0.11 5.65
CA PHE B 419 -7.27 -0.50 6.48
C PHE B 419 -7.44 0.44 7.67
N GLN B 420 -6.42 0.54 8.52
CA GLN B 420 -6.49 1.44 9.67
C GLN B 420 -6.67 2.89 9.23
N ALA B 421 -5.90 3.28 8.22
CA ALA B 421 -5.93 4.65 7.73
C ALA B 421 -7.32 5.14 7.31
N GLN B 422 -8.13 4.22 6.80
CA GLN B 422 -9.46 4.57 6.33
C GLN B 422 -10.56 4.32 7.36
N GLN B 423 -10.17 3.87 8.55
CA GLN B 423 -11.12 3.58 9.64
C GLN B 423 -11.97 4.75 10.15
N GLY B 424 -11.61 5.97 9.81
CA GLY B 424 -12.39 7.11 10.27
C GLY B 424 -13.35 7.58 9.19
N LEU B 425 -13.34 6.90 8.06
CA LEU B 425 -14.23 7.25 6.94
C LEU B 425 -15.60 6.58 7.04
N ALA B 426 -16.66 7.31 6.68
CA ALA B 426 -17.98 6.72 6.74
C ALA B 426 -18.24 5.70 5.63
N ASP B 427 -17.78 5.98 4.41
CA ASP B 427 -17.99 5.06 3.30
C ASP B 427 -17.12 3.83 3.39
N LYS B 428 -16.19 3.81 4.34
CA LYS B 428 -15.31 2.67 4.46
C LYS B 428 -15.98 1.32 4.15
N PRO B 429 -17.07 0.98 4.87
CA PRO B 429 -17.75 -0.29 4.62
C PRO B 429 -18.16 -0.40 3.15
N LEU B 430 -18.69 0.70 2.62
CA LEU B 430 -19.11 0.75 1.22
C LEU B 430 -17.92 0.59 0.30
N ILE B 431 -16.81 1.25 0.65
CA ILE B 431 -15.60 1.18 -0.15
C ILE B 431 -15.17 -0.26 -0.15
N ASP B 432 -15.11 -0.88 1.03
CA ASP B 432 -14.71 -2.27 1.12
C ASP B 432 -15.68 -3.16 0.36
N LYS B 433 -16.97 -2.88 0.47
CA LYS B 433 -17.93 -3.71 -0.21
C LYS B 433 -17.66 -3.65 -1.71
N GLU B 434 -17.43 -2.44 -2.20
CA GLU B 434 -17.18 -2.27 -3.61
C GLU B 434 -15.88 -2.89 -4.08
N ILE B 435 -14.87 -2.94 -3.21
CA ILE B 435 -13.62 -3.52 -3.63
C ILE B 435 -13.84 -5.00 -3.84
N GLY B 436 -14.78 -5.56 -3.08
CA GLY B 436 -15.10 -6.97 -3.26
C GLY B 436 -15.81 -7.09 -4.60
N GLU B 437 -16.74 -6.17 -4.86
CA GLU B 437 -17.48 -6.21 -6.11
C GLU B 437 -16.60 -6.09 -7.35
N VAL B 438 -15.59 -5.22 -7.31
CA VAL B 438 -14.72 -5.03 -8.45
C VAL B 438 -13.93 -6.31 -8.70
N LEU B 439 -13.55 -6.98 -7.62
CA LEU B 439 -12.82 -8.24 -7.68
C LEU B 439 -13.66 -9.39 -8.28
N ALA B 440 -14.98 -9.31 -8.10
CA ALA B 440 -15.90 -10.33 -8.56
C ALA B 440 -16.52 -10.17 -9.95
N THR B 441 -16.81 -8.94 -10.33
CA THR B 441 -17.43 -8.64 -11.61
C THR B 441 -16.66 -9.08 -12.86
N HIS B 442 -17.40 -9.49 -13.87
CA HIS B 442 -16.77 -9.89 -15.12
C HIS B 442 -17.17 -8.88 -16.18
N ASP B 443 -17.95 -7.87 -15.77
CA ASP B 443 -18.41 -6.82 -16.66
C ASP B 443 -17.45 -5.62 -16.69
N GLU B 444 -16.91 -5.32 -17.86
CA GLU B 444 -15.96 -4.23 -18.04
C GLU B 444 -16.46 -2.81 -17.75
N THR B 445 -17.75 -2.56 -17.95
CA THR B 445 -18.25 -1.23 -17.68
C THR B 445 -18.40 -1.07 -16.16
N GLN B 446 -19.02 -2.06 -15.53
CA GLN B 446 -19.23 -2.03 -14.09
C GLN B 446 -17.88 -1.92 -13.36
N ARG B 447 -16.91 -2.74 -13.79
CA ARG B 447 -15.58 -2.76 -13.20
C ARG B 447 -14.94 -1.38 -13.26
N GLN B 448 -15.01 -0.75 -14.43
CA GLN B 448 -14.48 0.58 -14.61
C GLN B 448 -15.25 1.52 -13.68
N ALA B 449 -16.55 1.31 -13.58
CA ALA B 449 -17.37 2.12 -12.69
C ALA B 449 -17.03 1.97 -11.21
N LEU B 450 -16.66 0.77 -10.78
CA LEU B 450 -16.33 0.53 -9.37
C LEU B 450 -14.97 1.09 -8.99
N TYR B 451 -14.01 0.94 -9.89
CA TYR B 451 -12.66 1.45 -9.68
C TYR B 451 -12.71 2.97 -9.60
N ARG B 452 -13.51 3.58 -10.47
CA ARG B 452 -13.62 5.03 -10.45
C ARG B 452 -14.26 5.50 -9.15
N ASP B 453 -15.23 4.76 -8.62
CA ASP B 453 -15.87 5.19 -7.37
C ASP B 453 -14.97 5.04 -6.14
N ILE B 454 -14.33 3.89 -6.02
CA ILE B 454 -13.43 3.63 -4.91
C ILE B 454 -12.30 4.65 -4.83
N LEU B 455 -11.59 4.84 -5.93
CA LEU B 455 -10.47 5.78 -5.97
C LEU B 455 -10.92 7.23 -5.81
N THR B 456 -12.10 7.58 -6.30
CA THR B 456 -12.59 8.95 -6.14
C THR B 456 -12.92 9.22 -4.67
N ARG B 457 -13.54 8.23 -4.01
CA ARG B 457 -13.87 8.37 -2.60
C ARG B 457 -12.57 8.55 -1.83
N LEU B 458 -11.62 7.66 -2.03
CA LEU B 458 -10.35 7.79 -1.32
C LEU B 458 -9.64 9.10 -1.67
N HIS B 459 -9.91 9.63 -2.86
CA HIS B 459 -9.28 10.89 -3.28
C HIS B 459 -9.97 12.08 -2.65
N ASP B 460 -11.30 12.13 -2.75
CA ASP B 460 -12.08 13.24 -2.18
C ASP B 460 -11.94 13.33 -0.68
N GLU B 461 -12.05 12.19 0.00
CA GLU B 461 -11.92 12.16 1.44
C GLU B 461 -10.48 12.40 1.87
N ALA B 462 -9.59 12.60 0.90
CA ALA B 462 -8.17 12.88 1.16
C ALA B 462 -7.48 11.97 2.18
N VAL B 463 -7.49 10.67 1.93
CA VAL B 463 -6.87 9.70 2.83
C VAL B 463 -5.35 9.73 2.71
N TYR B 464 -4.85 10.16 1.57
CA TYR B 464 -3.41 10.19 1.39
C TYR B 464 -2.84 11.54 1.01
N LEU B 465 -1.52 11.63 1.16
CA LEU B 465 -0.78 12.80 0.73
C LEU B 465 0.18 12.16 -0.28
N PRO B 466 -0.24 12.08 -1.56
CA PRO B 466 0.60 11.49 -2.61
C PRO B 466 1.77 12.43 -2.88
N ILE B 467 2.97 11.88 -3.02
CA ILE B 467 4.11 12.72 -3.25
C ILE B 467 4.65 12.62 -4.67
N SER B 468 5.38 11.54 -4.95
CA SER B 468 5.94 11.35 -6.27
C SER B 468 5.75 9.91 -6.75
N TYR B 469 6.05 9.68 -8.02
CA TYR B 469 5.97 8.34 -8.59
C TYR B 469 7.42 7.88 -8.65
N ILE B 470 7.73 6.74 -8.05
CA ILE B 470 9.11 6.27 -8.08
C ILE B 470 9.36 5.12 -9.06
N SER B 471 10.64 4.95 -9.42
CA SER B 471 11.05 3.88 -10.33
C SER B 471 12.23 3.11 -9.79
N MET B 472 12.61 2.06 -10.52
CA MET B 472 13.75 1.22 -10.17
C MET B 472 15.02 1.98 -10.47
N MET B 473 16.00 1.81 -9.61
CA MET B 473 17.27 2.48 -9.77
C MET B 473 18.29 1.37 -9.79
N VAL B 474 19.21 1.44 -10.75
CA VAL B 474 20.26 0.43 -10.86
C VAL B 474 21.61 1.09 -10.99
N VAL B 475 22.59 0.59 -10.24
CA VAL B 475 23.96 1.07 -10.29
C VAL B 475 24.82 -0.18 -10.40
N SER B 476 25.62 -0.29 -11.46
CA SER B 476 26.43 -1.49 -11.61
C SER B 476 27.75 -1.29 -12.33
N LYS B 477 28.64 -2.26 -12.14
CA LYS B 477 29.93 -2.23 -12.82
C LYS B 477 29.57 -2.62 -14.23
N PRO B 478 30.06 -1.88 -15.23
CA PRO B 478 29.75 -2.18 -16.63
C PRO B 478 29.95 -3.66 -17.00
N GLU B 479 30.97 -4.28 -16.44
CA GLU B 479 31.26 -5.68 -16.73
C GLU B 479 30.02 -6.57 -16.69
N LEU B 480 29.08 -6.25 -15.80
CA LEU B 480 27.87 -7.04 -15.65
C LEU B 480 26.92 -6.92 -16.82
N GLY B 481 27.21 -5.98 -17.70
CA GLY B 481 26.37 -5.79 -18.88
C GLY B 481 25.06 -5.11 -18.56
N ASN B 482 24.14 -5.13 -19.51
CA ASN B 482 22.83 -4.54 -19.34
C ASN B 482 21.96 -5.25 -18.29
N ILE B 483 21.41 -4.46 -17.36
CA ILE B 483 20.58 -4.96 -16.26
C ILE B 483 19.09 -4.80 -16.54
N PRO B 484 18.38 -5.94 -16.67
CA PRO B 484 16.94 -5.98 -16.94
C PRO B 484 16.02 -5.84 -15.72
N TYR B 485 14.75 -5.56 -16.00
CA TYR B 485 13.74 -5.42 -14.95
C TYR B 485 12.75 -6.61 -14.98
N ALA B 486 12.29 -7.02 -13.81
CA ALA B 486 11.34 -8.11 -13.72
C ALA B 486 9.92 -7.56 -13.94
N PRO B 487 9.06 -8.33 -14.61
CA PRO B 487 7.69 -7.89 -14.85
C PRO B 487 7.07 -7.57 -13.49
N ILE B 488 7.48 -8.35 -12.50
CA ILE B 488 7.02 -8.16 -11.14
C ILE B 488 8.03 -7.23 -10.47
N ALA B 489 7.59 -6.01 -10.19
CA ALA B 489 8.42 -4.96 -9.58
C ALA B 489 9.18 -5.35 -8.32
N THR B 490 8.74 -6.36 -7.57
CA THR B 490 9.49 -6.71 -6.36
C THR B 490 10.43 -7.89 -6.54
N GLU B 491 10.62 -8.32 -7.79
CA GLU B 491 11.54 -9.42 -8.04
C GLU B 491 12.78 -8.81 -8.68
N ILE B 492 13.88 -9.55 -8.70
CA ILE B 492 15.11 -9.06 -9.31
C ILE B 492 15.61 -10.19 -10.19
N PRO B 493 15.57 -9.99 -11.52
CA PRO B 493 15.99 -10.95 -12.54
C PRO B 493 17.46 -11.35 -12.57
N PHE B 494 17.99 -11.79 -11.43
CA PHE B 494 19.38 -12.20 -11.39
C PHE B 494 19.69 -13.29 -12.41
N GLU B 495 18.77 -14.24 -12.59
CA GLU B 495 19.02 -15.33 -13.53
C GLU B 495 19.01 -14.90 -14.99
N GLN B 496 19.11 -13.60 -15.24
CA GLN B 496 19.13 -13.07 -16.60
C GLN B 496 20.31 -12.12 -16.83
N ILE B 497 21.01 -11.79 -15.75
CA ILE B 497 22.16 -10.92 -15.83
C ILE B 497 23.24 -11.73 -16.54
N LYS B 498 23.86 -11.14 -17.57
CA LYS B 498 24.87 -11.83 -18.35
C LYS B 498 26.20 -11.07 -18.46
N PRO B 499 27.15 -11.34 -17.56
CA PRO B 499 28.47 -10.70 -17.51
C PRO B 499 29.30 -10.75 -18.81
N VAL B 500 29.42 -11.93 -19.40
CA VAL B 500 30.18 -12.09 -20.64
C VAL B 500 31.62 -11.55 -20.53
N LYS B 501 32.59 -12.36 -20.97
CA LYS B 501 33.99 -11.96 -20.93
C LYS B 501 35.01 -13.02 -21.37
N PRO B 502 34.77 -14.32 -21.05
CA PRO B 502 35.69 -15.38 -21.44
C PRO B 502 35.91 -15.53 -22.94
N ALA C 2 -24.36 -29.12 55.32
CA ALA C 2 -24.90 -27.81 54.83
C ALA C 2 -24.48 -26.64 55.72
N PRO C 3 -24.62 -26.80 57.05
CA PRO C 3 -24.23 -25.69 57.94
C PRO C 3 -22.79 -25.27 57.68
N ASP C 4 -22.52 -23.97 57.76
CA ASP C 4 -21.19 -23.44 57.50
C ASP C 4 -20.56 -24.16 56.31
N GLU C 5 -21.08 -23.88 55.12
CA GLU C 5 -20.62 -24.48 53.87
C GLU C 5 -21.61 -24.02 52.80
N ILE C 6 -21.36 -22.84 52.24
CA ILE C 6 -22.25 -22.28 51.22
C ILE C 6 -21.86 -22.62 49.79
N THR C 7 -22.79 -22.43 48.87
CA THR C 7 -22.53 -22.68 47.46
C THR C 7 -23.12 -21.51 46.66
N THR C 8 -22.35 -20.96 45.73
CA THR C 8 -22.83 -19.84 44.95
C THR C 8 -22.86 -20.19 43.47
N ALA C 9 -22.42 -19.27 42.63
CA ALA C 9 -22.39 -19.45 41.18
C ALA C 9 -21.76 -18.23 40.53
N TRP C 10 -21.11 -18.45 39.38
CA TRP C 10 -20.47 -17.37 38.65
C TRP C 10 -20.56 -17.68 37.16
N PRO C 11 -20.66 -16.64 36.31
CA PRO C 11 -20.76 -16.86 34.86
C PRO C 11 -19.57 -17.59 34.27
N VAL C 12 -18.40 -17.41 34.88
CA VAL C 12 -17.19 -18.06 34.39
C VAL C 12 -16.42 -18.72 35.53
N ASN C 13 -15.42 -19.52 35.18
CA ASN C 13 -14.59 -20.19 36.18
C ASN C 13 -13.79 -19.11 36.89
N VAL C 14 -13.20 -19.47 38.01
CA VAL C 14 -12.39 -18.53 38.76
C VAL C 14 -11.12 -18.28 37.97
N GLY C 15 -10.53 -19.36 37.46
CA GLY C 15 -9.31 -19.26 36.70
C GLY C 15 -8.13 -19.91 37.41
N PRO C 16 -6.89 -19.58 37.01
CA PRO C 16 -5.68 -20.15 37.61
C PRO C 16 -5.37 -19.46 38.94
N LEU C 17 -5.93 -18.27 39.10
CA LEU C 17 -5.76 -17.46 40.30
C LEU C 17 -4.37 -16.84 40.39
N ASN C 18 -3.89 -16.33 39.25
CA ASN C 18 -2.58 -15.69 39.19
C ASN C 18 -2.65 -14.39 39.98
N PRO C 19 -1.84 -14.27 41.04
CA PRO C 19 -1.79 -13.10 41.91
C PRO C 19 -1.46 -11.79 41.20
N HIS C 20 -0.78 -11.89 40.07
CA HIS C 20 -0.36 -10.69 39.36
C HIS C 20 -0.94 -10.47 37.98
N LEU C 21 -1.68 -11.44 37.45
CA LEU C 21 -2.28 -11.27 36.14
C LEU C 21 -3.71 -10.75 36.28
N TYR C 22 -4.37 -10.53 35.15
CA TYR C 22 -5.74 -10.03 35.15
C TYR C 22 -6.65 -11.09 34.57
N THR C 23 -7.51 -10.71 33.63
CA THR C 23 -8.39 -11.70 33.02
C THR C 23 -7.58 -12.92 32.58
N PRO C 24 -8.15 -14.13 32.67
CA PRO C 24 -9.48 -14.49 33.14
C PRO C 24 -9.58 -14.62 34.66
N ASN C 25 -8.66 -14.00 35.38
CA ASN C 25 -8.69 -14.04 36.85
C ASN C 25 -9.85 -13.16 37.33
N GLN C 26 -10.68 -13.71 38.21
CA GLN C 26 -11.82 -13.01 38.78
C GLN C 26 -11.34 -12.28 40.02
N MET C 27 -11.40 -10.95 40.00
CA MET C 27 -10.90 -10.15 41.12
C MET C 27 -11.37 -10.54 42.52
N PHE C 28 -12.60 -11.00 42.66
CA PHE C 28 -13.11 -11.39 43.97
C PHE C 28 -12.37 -12.63 44.45
N ALA C 29 -12.16 -13.57 43.54
CA ALA C 29 -11.48 -14.82 43.85
C ALA C 29 -10.03 -14.63 44.26
N GLN C 30 -9.35 -13.67 43.64
CA GLN C 30 -7.95 -13.40 43.96
C GLN C 30 -7.86 -12.80 45.36
N SER C 31 -8.76 -11.87 45.65
CA SER C 31 -8.80 -11.20 46.95
C SER C 31 -9.09 -12.18 48.11
N MET C 32 -9.72 -13.29 47.77
CA MET C 32 -10.06 -14.35 48.73
C MET C 32 -8.82 -15.15 49.15
N VAL C 33 -7.92 -15.39 48.20
CA VAL C 33 -6.70 -16.17 48.43
C VAL C 33 -5.44 -15.38 48.75
N TYR C 34 -5.37 -14.13 48.27
CA TYR C 34 -4.20 -13.29 48.52
C TYR C 34 -4.58 -11.97 49.19
N GLU C 35 -3.84 -11.60 50.23
CA GLU C 35 -4.10 -10.37 50.97
C GLU C 35 -2.98 -9.36 50.74
N PRO C 36 -3.29 -8.06 50.99
CA PRO C 36 -2.36 -6.93 50.82
C PRO C 36 -1.59 -6.56 52.08
N LEU C 37 -0.61 -5.68 51.94
CA LEU C 37 0.19 -5.23 53.08
C LEU C 37 -0.64 -4.24 53.88
N VAL C 38 -1.71 -3.77 53.26
CA VAL C 38 -2.57 -2.78 53.88
C VAL C 38 -4.02 -2.98 53.39
N LYS C 39 -4.99 -2.83 54.29
CA LYS C 39 -6.41 -3.03 53.93
C LYS C 39 -7.20 -1.74 53.76
N TYR C 40 -8.01 -1.70 52.71
CA TYR C 40 -8.83 -0.54 52.40
C TYR C 40 -10.06 -0.38 53.31
N GLN C 41 -10.35 0.86 53.69
CA GLN C 41 -11.49 1.17 54.56
C GLN C 41 -12.50 2.06 53.83
N ALA C 42 -13.78 1.96 54.24
CA ALA C 42 -14.85 2.74 53.63
C ALA C 42 -14.62 4.24 53.72
N ASP C 43 -14.15 4.70 54.87
CA ASP C 43 -13.90 6.13 55.05
C ASP C 43 -12.81 6.59 54.10
N GLY C 44 -12.18 5.64 53.41
CA GLY C 44 -11.13 5.99 52.47
C GLY C 44 -9.75 5.86 53.09
N SER C 45 -9.71 5.47 54.36
CA SER C 45 -8.43 5.30 55.04
C SER C 45 -7.83 3.96 54.69
N VAL C 46 -6.91 3.51 55.54
CA VAL C 46 -6.22 2.26 55.35
C VAL C 46 -5.77 1.75 56.71
N ILE C 47 -6.00 0.47 56.98
CA ILE C 47 -5.60 -0.10 58.25
C ILE C 47 -4.51 -1.14 58.04
N PRO C 48 -3.58 -1.26 58.99
CA PRO C 48 -2.48 -2.22 58.88
C PRO C 48 -3.03 -3.63 58.65
N TRP C 49 -2.26 -4.43 57.91
CA TRP C 49 -2.67 -5.80 57.61
C TRP C 49 -1.40 -6.65 57.63
N LEU C 50 -1.04 -7.24 56.49
CA LEU C 50 0.16 -8.06 56.41
C LEU C 50 1.34 -7.21 56.90
N ALA C 51 1.06 -5.94 57.15
CA ALA C 51 2.04 -5.00 57.65
C ALA C 51 1.41 -4.42 58.91
N LYS C 52 2.21 -4.18 59.96
CA LYS C 52 1.67 -3.65 61.21
C LYS C 52 1.96 -2.17 61.45
N SER C 53 3.18 -1.73 61.13
CA SER C 53 3.53 -0.33 61.32
C SER C 53 4.63 0.10 60.35
N TRP C 54 4.32 1.12 59.57
CA TRP C 54 5.24 1.65 58.57
C TRP C 54 5.70 3.05 58.97
N THR C 55 6.72 3.54 58.25
CA THR C 55 7.25 4.87 58.47
C THR C 55 7.80 5.36 57.12
N HIS C 56 7.98 6.67 56.99
CA HIS C 56 8.47 7.23 55.73
C HIS C 56 9.48 8.35 55.94
N SER C 57 10.21 8.67 54.87
CA SER C 57 11.19 9.74 54.92
C SER C 57 10.47 11.09 54.88
N GLU C 58 11.19 12.18 55.13
CA GLU C 58 10.59 13.51 55.12
C GLU C 58 10.19 13.95 53.71
N ASP C 59 10.85 13.38 52.70
CA ASP C 59 10.53 13.72 51.32
C ASP C 59 9.34 12.87 50.89
N GLY C 60 9.03 11.86 51.70
CA GLY C 60 7.91 10.98 51.41
C GLY C 60 8.00 10.06 50.22
N LYS C 61 9.20 9.55 49.92
CA LYS C 61 9.32 8.61 48.79
C LYS C 61 9.98 7.31 49.25
N THR C 62 10.52 7.31 50.46
CA THR C 62 11.16 6.12 51.02
C THR C 62 10.27 5.58 52.15
N TRP C 63 9.53 4.52 51.86
CA TRP C 63 8.65 3.93 52.86
C TRP C 63 9.12 2.54 53.30
N THR C 64 9.18 2.36 54.61
CA THR C 64 9.60 1.11 55.20
C THR C 64 8.52 0.57 56.13
N PHE C 65 7.85 -0.50 55.69
CA PHE C 65 6.77 -1.10 56.46
C PHE C 65 7.27 -2.23 57.34
N THR C 66 6.68 -2.33 58.54
CA THR C 66 7.04 -3.38 59.48
C THR C 66 5.96 -4.45 59.38
N LEU C 67 6.27 -5.52 58.65
CA LEU C 67 5.34 -6.62 58.46
C LEU C 67 4.88 -7.27 59.77
N ARG C 68 4.69 -8.58 59.74
CA ARG C 68 4.24 -9.34 60.90
C ARG C 68 5.08 -10.59 61.12
N ASP C 69 5.81 -10.63 62.24
CA ASP C 69 6.66 -11.77 62.56
C ASP C 69 5.84 -13.01 62.92
N ASP C 70 4.58 -13.06 62.49
CA ASP C 70 3.72 -14.19 62.79
C ASP C 70 2.67 -14.52 61.74
N VAL C 71 3.08 -14.69 60.48
CA VAL C 71 2.14 -15.02 59.40
C VAL C 71 2.69 -16.11 58.49
N LYS C 72 1.98 -17.25 58.44
CA LYS C 72 2.37 -18.39 57.61
C LYS C 72 1.35 -18.63 56.50
N PHE C 73 1.84 -18.98 55.32
CA PHE C 73 0.99 -19.25 54.16
C PHE C 73 -0.07 -20.31 54.38
N SER C 74 -0.56 -20.87 53.27
CA SER C 74 -1.59 -21.90 53.29
C SER C 74 -0.96 -23.23 52.90
N ASN C 75 0.26 -23.45 53.38
CA ASN C 75 1.00 -24.67 53.08
C ASN C 75 1.98 -24.90 54.24
N GLY C 76 2.43 -23.81 54.84
CA GLY C 76 3.37 -23.90 55.94
C GLY C 76 4.47 -22.85 55.84
N GLU C 77 4.95 -22.63 54.62
CA GLU C 77 6.02 -21.67 54.37
C GLU C 77 5.77 -20.34 55.07
N PRO C 78 6.82 -19.69 55.54
CA PRO C 78 6.74 -18.40 56.24
C PRO C 78 6.52 -17.19 55.32
N PHE C 79 6.09 -16.09 55.90
CA PHE C 79 5.87 -14.85 55.17
C PHE C 79 6.70 -13.77 55.86
N ASP C 80 7.82 -13.42 55.25
CA ASP C 80 8.72 -12.41 55.81
C ASP C 80 8.99 -11.30 54.81
N ALA C 81 9.81 -10.33 55.22
CA ALA C 81 10.17 -9.21 54.35
C ALA C 81 10.85 -9.71 53.08
N GLU C 82 11.31 -10.95 53.11
CA GLU C 82 11.97 -11.55 51.96
C GLU C 82 10.93 -12.02 50.95
N ALA C 83 10.01 -12.87 51.41
CA ALA C 83 8.95 -13.40 50.56
C ALA C 83 8.15 -12.31 49.86
N ALA C 84 7.88 -11.23 50.58
CA ALA C 84 7.11 -10.10 50.04
C ALA C 84 7.82 -9.44 48.87
N ALA C 85 9.08 -9.06 49.08
CA ALA C 85 9.86 -8.41 48.04
C ALA C 85 9.97 -9.31 46.82
N GLU C 86 10.03 -10.61 47.04
CA GLU C 86 10.13 -11.57 45.95
C GLU C 86 8.93 -11.38 45.00
N ASN C 87 7.79 -11.02 45.58
CA ASN C 87 6.57 -10.79 44.81
C ASN C 87 6.65 -9.48 44.07
N PHE C 88 6.96 -8.42 44.82
CA PHE C 88 7.07 -7.09 44.23
C PHE C 88 7.89 -7.16 42.95
N ARG C 89 9.03 -7.84 43.01
CA ARG C 89 9.92 -7.96 41.86
C ARG C 89 9.20 -8.63 40.70
N ALA C 90 8.70 -9.84 40.92
CA ALA C 90 8.01 -10.61 39.87
C ALA C 90 6.94 -9.78 39.18
N VAL C 91 6.30 -8.88 39.93
CA VAL C 91 5.27 -8.02 39.37
C VAL C 91 5.96 -6.99 38.48
N LEU C 92 6.77 -6.15 39.10
CA LEU C 92 7.50 -5.09 38.42
C LEU C 92 8.26 -5.57 37.17
N ASP C 93 8.59 -6.86 37.13
CA ASP C 93 9.29 -7.41 35.97
C ASP C 93 8.38 -7.42 34.75
N ASN C 94 7.17 -6.89 34.93
CA ASN C 94 6.16 -6.83 33.87
C ASN C 94 5.46 -5.48 33.95
N ARG C 95 6.13 -4.51 34.57
CA ARG C 95 5.60 -3.17 34.77
C ARG C 95 4.67 -2.63 33.69
N GLN C 96 5.03 -2.83 32.41
CA GLN C 96 4.22 -2.32 31.31
C GLN C 96 2.77 -2.75 31.36
N ARG C 97 2.50 -3.89 32.01
CA ARG C 97 1.12 -4.36 32.12
C ARG C 97 0.40 -3.50 33.16
N HIS C 98 1.01 -3.40 34.33
CA HIS C 98 0.46 -2.64 35.43
C HIS C 98 0.58 -1.12 35.22
N ALA C 99 0.87 -0.71 34.00
CA ALA C 99 1.02 0.71 33.69
C ALA C 99 -0.27 1.53 33.82
N TRP C 100 -1.42 0.85 33.88
CA TRP C 100 -2.69 1.57 34.03
C TRP C 100 -2.71 2.11 35.48
N LEU C 101 -2.04 1.39 36.38
CA LEU C 101 -1.92 1.77 37.78
C LEU C 101 -0.65 2.61 37.91
N GLU C 102 -0.79 3.84 38.37
CA GLU C 102 0.35 4.73 38.51
C GLU C 102 1.40 4.28 39.52
N LEU C 103 1.02 3.45 40.48
CA LEU C 103 1.98 2.99 41.47
C LEU C 103 2.93 1.95 40.89
N ALA C 104 2.50 1.27 39.84
CA ALA C 104 3.34 0.25 39.23
C ALA C 104 4.59 0.88 38.62
N ASN C 105 4.46 2.13 38.18
CA ASN C 105 5.62 2.83 37.61
C ASN C 105 6.10 3.99 38.50
N GLN C 106 6.04 3.75 39.80
CA GLN C 106 6.49 4.71 40.82
C GLN C 106 7.55 4.01 41.67
N ILE C 107 7.34 2.72 41.87
CA ILE C 107 8.23 1.90 42.67
C ILE C 107 9.54 1.61 41.96
N VAL C 108 10.63 2.20 42.49
CA VAL C 108 11.96 2.00 41.92
C VAL C 108 12.52 0.62 42.29
N ASP C 109 12.49 0.29 43.58
CA ASP C 109 12.98 -1.01 44.05
C ASP C 109 12.42 -1.36 45.43
N VAL C 110 12.44 -2.65 45.75
CA VAL C 110 11.92 -3.13 47.03
C VAL C 110 12.97 -3.99 47.76
N LYS C 111 13.69 -3.37 48.67
CA LYS C 111 14.72 -4.08 49.44
C LYS C 111 14.10 -4.81 50.62
N ALA C 112 14.54 -6.05 50.83
CA ALA C 112 14.05 -6.85 51.95
C ALA C 112 15.03 -6.61 53.11
N LEU C 113 14.87 -5.46 53.77
CA LEU C 113 15.73 -5.06 54.88
C LEU C 113 16.12 -6.20 55.83
N SER C 114 15.15 -7.02 56.21
CA SER C 114 15.42 -8.14 57.09
C SER C 114 14.41 -9.26 56.88
N LYS C 115 13.64 -9.57 57.92
CA LYS C 115 12.62 -10.61 57.82
C LYS C 115 11.29 -9.95 58.17
N THR C 116 11.37 -8.83 58.88
CA THR C 116 10.19 -8.07 59.29
C THR C 116 10.12 -6.69 58.64
N GLU C 117 11.22 -6.26 58.03
CA GLU C 117 11.28 -4.95 57.39
C GLU C 117 11.29 -4.98 55.87
N LEU C 118 10.30 -4.33 55.27
CA LEU C 118 10.18 -4.26 53.82
C LEU C 118 10.36 -2.80 53.40
N GLN C 119 11.27 -2.56 52.45
CA GLN C 119 11.55 -1.22 51.96
C GLN C 119 11.08 -0.97 50.54
N ILE C 120 10.29 0.08 50.37
CA ILE C 120 9.78 0.46 49.06
C ILE C 120 10.12 1.93 48.81
N THR C 121 10.89 2.17 47.77
CA THR C 121 11.32 3.51 47.40
C THR C 121 10.67 3.98 46.10
N LEU C 122 10.05 5.16 46.15
CA LEU C 122 9.36 5.71 45.00
C LEU C 122 10.10 6.87 44.33
N LYS C 123 9.64 7.23 43.14
CA LYS C 123 10.20 8.33 42.35
C LYS C 123 9.62 9.66 42.84
N SER C 124 8.66 9.57 43.76
CA SER C 124 8.00 10.75 44.31
C SER C 124 7.08 10.41 45.48
N ALA C 125 6.52 11.46 46.08
CA ALA C 125 5.58 11.31 47.18
C ALA C 125 4.20 11.02 46.60
N TYR C 126 3.95 9.75 46.27
CA TYR C 126 2.67 9.34 45.68
C TYR C 126 1.58 9.30 46.76
N TYR C 127 0.73 10.31 46.79
CA TYR C 127 -0.33 10.38 47.80
C TYR C 127 -1.27 9.17 47.84
N PRO C 128 -1.57 8.56 46.68
CA PRO C 128 -2.47 7.40 46.74
C PRO C 128 -1.67 6.10 46.84
N PHE C 129 -0.45 6.20 47.37
CA PHE C 129 0.45 5.06 47.54
C PHE C 129 -0.20 3.90 48.28
N LEU C 130 -0.70 4.18 49.47
CA LEU C 130 -1.34 3.18 50.31
C LEU C 130 -2.61 2.60 49.68
N GLN C 131 -3.46 3.47 49.14
CA GLN C 131 -4.71 3.02 48.51
C GLN C 131 -4.48 1.97 47.45
N GLU C 132 -3.60 2.28 46.49
CA GLU C 132 -3.33 1.37 45.39
C GLU C 132 -2.60 0.13 45.82
N LEU C 133 -1.81 0.25 46.88
CA LEU C 133 -1.05 -0.87 47.43
C LEU C 133 -2.04 -1.84 48.07
N ALA C 134 -3.27 -1.37 48.28
CA ALA C 134 -4.35 -2.13 48.90
C ALA C 134 -5.40 -2.71 47.96
N LEU C 135 -5.18 -2.62 46.65
CA LEU C 135 -6.16 -3.11 45.69
C LEU C 135 -6.07 -4.62 45.48
N PRO C 136 -7.12 -5.25 44.95
CA PRO C 136 -7.13 -6.69 44.71
C PRO C 136 -5.90 -7.21 43.98
N ARG C 137 -5.31 -6.37 43.14
CA ARG C 137 -4.14 -6.77 42.38
C ARG C 137 -3.52 -5.53 41.75
N PRO C 138 -2.26 -5.64 41.29
CA PRO C 138 -1.42 -6.85 41.31
C PRO C 138 -0.47 -7.00 42.52
N PHE C 139 -0.63 -6.13 43.51
CA PHE C 139 0.24 -6.14 44.70
C PHE C 139 -0.07 -7.15 45.82
N ARG C 140 -0.55 -8.34 45.46
CA ARG C 140 -0.86 -9.38 46.46
C ARG C 140 0.23 -10.46 46.38
N PHE C 141 0.54 -11.08 47.51
CA PHE C 141 1.60 -12.08 47.56
C PHE C 141 1.21 -13.54 47.49
N ILE C 142 2.01 -14.28 46.73
CA ILE C 142 1.86 -15.71 46.55
C ILE C 142 3.09 -16.30 47.25
N ALA C 143 3.46 -17.53 46.89
CA ALA C 143 4.65 -18.15 47.49
C ALA C 143 5.80 -18.02 46.51
N PRO C 144 6.89 -17.35 46.92
CA PRO C 144 8.03 -17.19 46.01
C PRO C 144 8.34 -18.54 45.35
N SER C 145 8.11 -19.61 46.10
CA SER C 145 8.35 -20.95 45.60
C SER C 145 7.41 -21.26 44.44
N GLN C 146 6.24 -20.62 44.48
CA GLN C 146 5.22 -20.82 43.45
C GLN C 146 5.48 -20.00 42.20
N PHE C 147 6.70 -19.50 42.06
CA PHE C 147 7.07 -18.73 40.88
C PHE C 147 7.47 -19.70 39.77
N LYS C 148 6.83 -19.58 38.62
CA LYS C 148 7.17 -20.44 37.50
C LYS C 148 8.54 -19.91 37.09
N ASN C 149 9.56 -20.76 37.14
CA ASN C 149 10.92 -20.34 36.83
C ASN C 149 11.36 -19.51 38.05
N HIS C 150 11.21 -18.20 37.95
CA HIS C 150 11.56 -17.28 39.04
C HIS C 150 10.70 -16.05 38.82
N GLU C 151 9.63 -16.25 38.05
CA GLU C 151 8.69 -15.18 37.71
C GLU C 151 7.24 -15.65 37.83
N THR C 152 6.32 -14.79 37.38
CA THR C 152 4.89 -15.08 37.42
C THR C 152 4.22 -14.61 36.13
N MET C 153 5.02 -14.05 35.22
CA MET C 153 4.53 -13.53 33.95
C MET C 153 3.92 -14.60 33.05
N ASN C 154 4.50 -15.80 33.07
CA ASN C 154 3.99 -16.86 32.20
C ASN C 154 3.35 -18.03 32.92
N GLY C 155 3.11 -17.86 34.22
CA GLY C 155 2.49 -18.92 34.98
C GLY C 155 2.92 -19.02 36.41
N ILE C 156 2.19 -19.83 37.16
CA ILE C 156 2.46 -20.07 38.56
C ILE C 156 2.17 -21.53 38.85
N LYS C 157 2.85 -22.10 39.84
CA LYS C 157 2.66 -23.49 40.20
C LYS C 157 1.28 -23.70 40.81
N ALA C 158 1.04 -23.03 41.94
CA ALA C 158 -0.23 -23.12 42.63
C ALA C 158 -0.63 -21.77 43.22
N PRO C 159 -1.94 -21.47 43.23
CA PRO C 159 -2.44 -20.20 43.76
C PRO C 159 -2.29 -20.15 45.27
N ILE C 160 -1.11 -20.47 45.76
CA ILE C 160 -0.86 -20.50 47.19
C ILE C 160 -0.54 -19.15 47.81
N GLY C 161 -1.48 -18.66 48.60
CA GLY C 161 -1.32 -17.38 49.27
C GLY C 161 -1.58 -17.51 50.76
N THR C 162 -1.58 -16.38 51.44
CA THR C 162 -1.81 -16.34 52.87
C THR C 162 -3.26 -16.02 53.21
N GLY C 163 -4.09 -15.91 52.19
CA GLY C 163 -5.50 -15.59 52.38
C GLY C 163 -6.38 -16.57 53.13
N PRO C 164 -7.50 -16.09 53.72
CA PRO C 164 -8.47 -16.86 54.48
C PRO C 164 -9.07 -18.07 53.77
N TRP C 165 -8.91 -18.13 52.45
CA TRP C 165 -9.46 -19.25 51.69
C TRP C 165 -8.43 -19.93 50.78
N ILE C 166 -8.75 -21.14 50.34
CA ILE C 166 -7.86 -21.93 49.48
C ILE C 166 -8.60 -22.60 48.34
N LEU C 167 -8.24 -22.25 47.11
CA LEU C 167 -8.88 -22.85 45.95
C LEU C 167 -8.49 -24.33 46.00
N GLN C 168 -9.34 -25.15 46.59
CA GLN C 168 -9.04 -26.57 46.72
C GLN C 168 -9.16 -27.40 45.43
N GLU C 169 -10.07 -27.00 44.54
CA GLU C 169 -10.27 -27.73 43.29
C GLU C 169 -11.04 -26.89 42.28
N SER C 170 -10.96 -27.27 41.00
CA SER C 170 -11.67 -26.53 39.97
C SER C 170 -11.84 -27.36 38.71
N LYS C 171 -12.94 -27.12 38.01
CA LYS C 171 -13.24 -27.82 36.77
C LYS C 171 -13.72 -26.77 35.80
N LEU C 172 -13.11 -26.74 34.62
CA LEU C 172 -13.47 -25.76 33.60
C LEU C 172 -14.92 -25.92 33.19
N ASN C 173 -15.69 -24.84 33.34
CA ASN C 173 -17.10 -24.85 33.01
C ASN C 173 -17.88 -25.80 33.90
N GLN C 174 -17.49 -25.86 35.17
CA GLN C 174 -18.15 -26.73 36.14
C GLN C 174 -18.22 -26.07 37.51
N TYR C 175 -17.10 -26.10 38.23
CA TYR C 175 -17.06 -25.51 39.55
C TYR C 175 -15.66 -25.05 39.95
N ASP C 176 -15.57 -24.51 41.16
CA ASP C 176 -14.32 -24.03 41.74
C ASP C 176 -14.53 -24.07 43.25
N VAL C 177 -14.06 -25.15 43.87
CA VAL C 177 -14.23 -25.33 45.31
C VAL C 177 -13.18 -24.64 46.16
N PHE C 178 -13.65 -23.89 47.15
CA PHE C 178 -12.76 -23.21 48.09
C PHE C 178 -13.04 -23.80 49.47
N VAL C 179 -11.99 -23.92 50.27
CA VAL C 179 -12.15 -24.46 51.61
C VAL C 179 -11.50 -23.48 52.57
N ARG C 180 -12.00 -23.38 53.79
CA ARG C 180 -11.43 -22.44 54.74
C ARG C 180 -10.01 -22.83 55.07
N ASN C 181 -9.15 -21.83 55.28
CA ASN C 181 -7.76 -22.09 55.63
C ASN C 181 -7.58 -22.00 57.13
N GLU C 182 -7.50 -23.15 57.78
CA GLU C 182 -7.34 -23.21 59.24
C GLU C 182 -6.05 -22.56 59.72
N ASN C 183 -5.06 -22.45 58.84
CA ASN C 183 -3.78 -21.84 59.20
C ASN C 183 -3.71 -20.36 58.86
N TYR C 184 -4.87 -19.74 58.63
CA TYR C 184 -4.92 -18.32 58.32
C TYR C 184 -4.50 -17.55 59.56
N TRP C 185 -3.69 -16.51 59.36
CA TRP C 185 -3.16 -15.70 60.46
C TRP C 185 -4.15 -14.83 61.26
N GLY C 186 -5.27 -14.44 60.65
CA GLY C 186 -6.21 -13.59 61.36
C GLY C 186 -7.47 -14.27 61.85
N GLU C 187 -8.55 -13.49 61.92
CA GLU C 187 -9.85 -13.99 62.36
C GLU C 187 -10.25 -15.28 61.65
N LYS C 188 -11.13 -16.05 62.26
CA LYS C 188 -11.59 -17.31 61.69
C LYS C 188 -12.97 -17.14 61.06
N PRO C 189 -13.12 -17.53 59.78
CA PRO C 189 -14.40 -17.42 59.08
C PRO C 189 -15.32 -18.62 59.34
N ALA C 190 -16.49 -18.34 59.90
CA ALA C 190 -17.46 -19.38 60.21
C ALA C 190 -17.63 -20.44 59.12
N ILE C 191 -17.92 -20.00 57.91
CA ILE C 191 -18.13 -20.92 56.79
C ILE C 191 -16.88 -21.75 56.50
N LYS C 192 -17.09 -23.05 56.32
CA LYS C 192 -16.01 -23.98 56.04
C LYS C 192 -15.72 -24.18 54.56
N LYS C 193 -16.74 -24.06 53.71
CA LYS C 193 -16.54 -24.25 52.27
C LYS C 193 -17.41 -23.32 51.39
N ILE C 194 -16.97 -23.13 50.15
CA ILE C 194 -17.68 -22.30 49.17
C ILE C 194 -17.56 -22.91 47.78
N THR C 195 -18.67 -23.31 47.18
CA THR C 195 -18.64 -23.91 45.84
C THR C 195 -19.30 -23.06 44.76
N PHE C 196 -18.51 -22.52 43.85
CA PHE C 196 -19.08 -21.70 42.79
C PHE C 196 -19.51 -22.55 41.60
N ASN C 197 -20.81 -22.70 41.41
CA ASN C 197 -21.30 -23.47 40.29
C ASN C 197 -21.19 -22.60 39.04
N VAL C 198 -20.20 -22.90 38.21
CA VAL C 198 -19.99 -22.14 36.99
C VAL C 198 -21.20 -22.29 36.08
N ILE C 199 -22.06 -21.29 36.11
CA ILE C 199 -23.27 -21.31 35.29
C ILE C 199 -23.39 -19.99 34.51
N PRO C 200 -23.26 -20.07 33.18
CA PRO C 200 -23.33 -18.96 32.23
C PRO C 200 -24.69 -18.27 32.04
N ASP C 201 -25.77 -19.03 32.02
CA ASP C 201 -27.09 -18.44 31.80
C ASP C 201 -27.78 -17.88 33.05
N PRO C 202 -28.08 -16.56 33.04
CA PRO C 202 -28.74 -15.81 34.12
C PRO C 202 -30.13 -16.29 34.47
N THR C 203 -30.73 -17.08 33.59
CA THR C 203 -32.07 -17.58 33.85
C THR C 203 -31.91 -18.85 34.68
N THR C 204 -30.93 -19.65 34.32
CA THR C 204 -30.68 -20.88 35.04
C THR C 204 -30.03 -20.60 36.38
N ARG C 205 -29.38 -19.45 36.49
CA ARG C 205 -28.74 -19.07 37.74
C ARG C 205 -29.83 -18.68 38.72
N ALA C 206 -30.97 -18.27 38.18
CA ALA C 206 -32.09 -17.88 39.00
C ALA C 206 -32.79 -19.15 39.47
N VAL C 207 -33.14 -20.00 38.51
CA VAL C 207 -33.80 -21.26 38.81
C VAL C 207 -32.98 -22.03 39.85
N ALA C 208 -31.68 -22.07 39.63
CA ALA C 208 -30.75 -22.74 40.53
C ALA C 208 -30.83 -22.23 41.97
N PHE C 209 -31.30 -21.00 42.14
CA PHE C 209 -31.41 -20.45 43.48
C PHE C 209 -32.78 -20.81 44.08
N GLU C 210 -33.83 -20.66 43.26
CA GLU C 210 -35.19 -20.93 43.70
C GLU C 210 -35.48 -22.41 43.92
N THR C 211 -34.48 -23.26 43.72
CA THR C 211 -34.65 -24.69 43.93
C THR C 211 -33.82 -25.11 45.14
N GLY C 212 -32.87 -24.25 45.51
CA GLY C 212 -32.02 -24.54 46.65
C GLY C 212 -30.65 -25.06 46.25
N ASP C 213 -30.46 -25.38 44.97
CA ASP C 213 -29.18 -25.88 44.48
C ASP C 213 -28.06 -24.92 44.84
N ILE C 214 -28.41 -23.64 44.89
CA ILE C 214 -27.49 -22.57 45.25
C ILE C 214 -28.17 -21.88 46.42
N ASP C 215 -27.40 -21.29 47.33
CA ASP C 215 -28.02 -20.60 48.46
C ASP C 215 -27.59 -19.14 48.58
N LEU C 216 -26.60 -18.73 47.80
CA LEU C 216 -26.14 -17.35 47.82
C LEU C 216 -25.86 -16.84 46.41
N LEU C 217 -25.95 -15.52 46.23
CA LEU C 217 -25.68 -14.87 44.95
C LEU C 217 -25.25 -13.45 45.22
N TYR C 218 -23.95 -13.25 45.40
CA TYR C 218 -23.43 -11.93 45.65
C TYR C 218 -22.84 -11.43 44.35
N GLY C 219 -23.19 -10.20 43.98
CA GLY C 219 -22.66 -9.65 42.75
C GLY C 219 -23.34 -8.38 42.27
N ASN C 220 -22.75 -7.75 41.28
CA ASN C 220 -23.30 -6.52 40.70
C ASN C 220 -24.65 -6.84 40.07
N GLU C 221 -25.54 -5.87 40.01
CA GLU C 221 -26.84 -6.10 39.42
C GLU C 221 -26.63 -6.75 38.06
N GLY C 222 -26.77 -8.07 37.99
CA GLY C 222 -26.58 -8.74 36.73
C GLY C 222 -26.45 -10.24 36.76
N LEU C 223 -25.98 -10.82 37.87
CA LEU C 223 -25.90 -12.28 37.91
C LEU C 223 -27.27 -12.84 38.21
N LEU C 224 -28.29 -12.01 37.95
CA LEU C 224 -29.67 -12.37 38.17
C LEU C 224 -30.56 -11.37 37.42
N PRO C 225 -31.46 -11.86 36.55
CA PRO C 225 -32.34 -10.93 35.83
C PRO C 225 -33.12 -10.18 36.89
N LEU C 226 -33.09 -8.86 36.86
CA LEU C 226 -33.79 -8.10 37.88
C LEU C 226 -35.30 -8.34 37.98
N ASP C 227 -35.96 -8.66 36.87
CA ASP C 227 -37.40 -8.93 36.95
C ASP C 227 -37.61 -10.05 37.98
N THR C 228 -36.73 -11.04 37.93
CA THR C 228 -36.78 -12.16 38.87
C THR C 228 -36.46 -11.63 40.26
N PHE C 229 -35.36 -10.88 40.35
CA PHE C 229 -34.89 -10.27 41.58
C PHE C 229 -36.01 -9.48 42.29
N ALA C 230 -36.80 -8.78 41.49
CA ALA C 230 -37.90 -7.99 42.02
C ALA C 230 -38.96 -8.89 42.62
N ARG C 231 -39.07 -10.11 42.09
CA ARG C 231 -40.04 -11.06 42.61
C ARG C 231 -39.50 -11.61 43.92
N PHE C 232 -38.23 -12.02 43.92
CA PHE C 232 -37.59 -12.58 45.11
C PHE C 232 -37.71 -11.64 46.31
N SER C 233 -37.59 -10.34 46.03
CA SER C 233 -37.65 -9.33 47.08
C SER C 233 -39.06 -9.08 47.59
N GLN C 234 -40.01 -9.91 47.17
CA GLN C 234 -41.39 -9.80 47.62
C GLN C 234 -41.83 -11.13 48.23
N ASN C 235 -40.93 -12.10 48.19
CA ASN C 235 -41.21 -13.42 48.74
C ASN C 235 -40.31 -13.59 49.95
N PRO C 236 -40.90 -13.63 51.16
CA PRO C 236 -40.12 -13.78 52.40
C PRO C 236 -39.41 -15.13 52.55
N ALA C 237 -39.35 -15.88 51.45
CA ALA C 237 -38.66 -17.17 51.44
C ALA C 237 -37.20 -16.84 51.13
N TYR C 238 -37.00 -15.64 50.61
CA TYR C 238 -35.68 -15.16 50.26
C TYR C 238 -35.38 -13.86 50.99
N HIS C 239 -34.11 -13.50 51.00
CA HIS C 239 -33.63 -12.26 51.60
C HIS C 239 -32.90 -11.59 50.44
N THR C 240 -33.21 -10.34 50.18
CA THR C 240 -32.56 -9.64 49.09
C THR C 240 -32.03 -8.31 49.59
N GLN C 241 -30.96 -7.83 48.96
CA GLN C 241 -30.37 -6.56 49.33
C GLN C 241 -29.94 -5.80 48.09
N LEU C 242 -29.99 -4.48 48.17
CA LEU C 242 -29.54 -3.61 47.12
C LEU C 242 -28.69 -2.60 47.88
N SER C 243 -27.45 -2.41 47.46
CA SER C 243 -26.56 -1.46 48.13
C SER C 243 -26.77 -0.05 47.60
N GLN C 244 -25.98 0.87 48.12
CA GLN C 244 -26.01 2.23 47.63
C GLN C 244 -25.29 2.06 46.29
N PRO C 245 -25.60 2.91 45.29
CA PRO C 245 -24.93 2.79 44.00
C PRO C 245 -23.40 2.77 44.17
N ILE C 246 -22.70 2.00 43.36
CA ILE C 246 -21.24 1.89 43.49
C ILE C 246 -20.42 2.27 42.26
N GLU C 247 -20.98 2.04 41.09
CA GLU C 247 -20.28 2.33 39.86
C GLU C 247 -21.29 2.85 38.85
N THR C 248 -20.79 3.32 37.72
CA THR C 248 -21.67 3.78 36.69
C THR C 248 -21.42 2.83 35.52
N VAL C 249 -22.48 2.53 34.78
CA VAL C 249 -22.43 1.64 33.63
C VAL C 249 -22.83 2.53 32.47
N MET C 250 -22.01 2.50 31.43
CA MET C 250 -22.25 3.34 30.28
C MET C 250 -21.80 2.64 29.01
N LEU C 251 -21.89 3.38 27.92
CA LEU C 251 -21.43 2.88 26.65
C LEU C 251 -20.21 3.72 26.36
N ALA C 252 -19.09 3.07 26.09
CA ALA C 252 -17.88 3.81 25.71
C ALA C 252 -18.03 4.01 24.17
N LEU C 253 -18.07 5.26 23.73
CA LEU C 253 -18.23 5.57 22.31
C LEU C 253 -16.89 5.72 21.57
N ASN C 254 -16.65 4.90 20.55
CA ASN C 254 -15.39 4.97 19.81
C ASN C 254 -15.28 6.19 18.88
N THR C 255 -14.55 7.19 19.36
CA THR C 255 -14.38 8.43 18.64
C THR C 255 -13.36 8.33 17.50
N ALA C 256 -12.66 7.20 17.42
CA ALA C 256 -11.68 7.00 16.38
C ALA C 256 -12.27 6.27 15.17
N LYS C 257 -13.21 5.36 15.39
CA LYS C 257 -13.83 4.63 14.28
C LYS C 257 -15.09 5.34 13.77
N ALA C 258 -15.51 5.08 12.55
CA ALA C 258 -16.73 5.72 12.05
C ALA C 258 -17.91 4.77 12.25
N PRO C 259 -19.13 5.31 12.39
CA PRO C 259 -19.44 6.75 12.36
C PRO C 259 -19.39 7.38 13.74
N THR C 260 -18.94 6.60 14.72
CA THR C 260 -18.86 7.03 16.10
C THR C 260 -17.90 8.20 16.26
N ASN C 261 -16.99 8.34 15.29
CA ASN C 261 -16.01 9.43 15.33
C ASN C 261 -16.61 10.82 15.15
N GLU C 262 -17.82 10.89 14.59
CA GLU C 262 -18.52 12.18 14.42
C GLU C 262 -19.15 12.61 15.75
N LEU C 263 -19.07 13.90 16.09
CA LEU C 263 -19.64 14.38 17.35
C LEU C 263 -21.16 14.50 17.29
N ALA C 264 -21.67 15.00 16.17
CA ALA C 264 -23.10 15.15 16.00
C ALA C 264 -23.75 13.80 16.20
N VAL C 265 -23.04 12.74 15.86
CA VAL C 265 -23.59 11.41 16.03
C VAL C 265 -23.57 10.97 17.48
N ARG C 266 -22.42 11.10 18.14
CA ARG C 266 -22.32 10.70 19.54
C ARG C 266 -23.31 11.49 20.38
N GLU C 267 -23.63 12.70 19.94
CA GLU C 267 -24.58 13.53 20.69
C GLU C 267 -25.97 13.05 20.35
N ALA C 268 -26.19 12.73 19.08
CA ALA C 268 -27.49 12.23 18.67
C ALA C 268 -27.80 10.93 19.44
N LEU C 269 -26.80 10.09 19.63
CA LEU C 269 -26.97 8.84 20.34
C LEU C 269 -27.28 9.07 21.81
N ASN C 270 -26.80 10.19 22.33
CA ASN C 270 -27.04 10.53 23.72
C ASN C 270 -28.44 11.11 23.93
N TYR C 271 -29.16 11.33 22.85
CA TYR C 271 -30.51 11.88 22.91
C TYR C 271 -31.49 10.79 22.53
N ALA C 272 -30.95 9.70 21.99
CA ALA C 272 -31.75 8.59 21.51
C ALA C 272 -32.21 7.55 22.53
N VAL C 273 -31.59 7.52 23.69
CA VAL C 273 -31.96 6.53 24.68
C VAL C 273 -32.86 7.09 25.75
N ASN C 274 -34.01 6.45 25.94
CA ASN C 274 -34.95 6.86 26.96
C ASN C 274 -34.39 6.18 28.20
N LYS C 275 -33.53 6.89 28.93
CA LYS C 275 -32.90 6.37 30.13
C LYS C 275 -33.88 5.86 31.19
N LYS C 276 -34.81 6.73 31.61
CA LYS C 276 -35.79 6.36 32.62
C LYS C 276 -36.53 5.09 32.22
N SER C 277 -37.01 5.04 30.99
CA SER C 277 -37.75 3.88 30.50
C SER C 277 -36.90 2.63 30.31
N LEU C 278 -35.59 2.81 30.19
CA LEU C 278 -34.64 1.70 30.02
C LEU C 278 -34.29 1.15 31.39
N ILE C 279 -34.52 1.95 32.42
CA ILE C 279 -34.24 1.58 33.79
C ILE C 279 -35.46 0.87 34.37
N ASP C 280 -36.60 0.99 33.71
CA ASP C 280 -37.82 0.33 34.16
C ASP C 280 -37.97 -1.05 33.53
N ASN C 281 -36.97 -1.44 32.77
CA ASN C 281 -36.92 -2.75 32.13
C ASN C 281 -35.46 -3.12 32.33
N ALA C 282 -35.16 -4.39 32.51
CA ALA C 282 -33.77 -4.80 32.72
C ALA C 282 -33.23 -4.36 34.09
N LEU C 283 -33.72 -3.23 34.60
CA LEU C 283 -33.31 -2.72 35.91
C LEU C 283 -34.54 -2.55 36.82
N TYR C 284 -35.69 -2.88 36.27
CA TYR C 284 -36.97 -2.81 36.98
C TYR C 284 -37.09 -1.60 37.91
N GLY C 285 -36.75 -0.42 37.40
CA GLY C 285 -36.84 0.81 38.17
C GLY C 285 -36.16 0.78 39.53
N THR C 286 -35.01 0.15 39.63
CA THR C 286 -34.31 0.09 40.91
C THR C 286 -33.17 1.12 41.04
N GLN C 287 -32.64 1.57 39.90
CA GLN C 287 -31.53 2.53 39.89
C GLN C 287 -31.88 3.92 39.38
N GLN C 288 -30.87 4.79 39.28
CA GLN C 288 -31.06 6.15 38.82
C GLN C 288 -30.28 6.54 37.55
N VAL C 289 -30.95 7.23 36.64
CA VAL C 289 -30.37 7.68 35.38
C VAL C 289 -29.01 8.35 35.56
N ALA C 290 -28.05 7.95 34.74
CA ALA C 290 -26.71 8.52 34.78
C ALA C 290 -26.60 9.57 33.67
N ASP C 291 -26.04 10.72 34.00
CA ASP C 291 -25.89 11.79 33.00
C ASP C 291 -24.43 12.12 32.76
N THR C 292 -23.58 11.59 33.63
CA THR C 292 -22.15 11.86 33.57
C THR C 292 -21.32 10.63 33.89
N LEU C 293 -20.13 10.56 33.30
CA LEU C 293 -19.22 9.46 33.53
C LEU C 293 -19.13 9.15 35.03
N PHE C 294 -19.21 10.18 35.86
CA PHE C 294 -19.15 10.01 37.30
C PHE C 294 -20.33 10.67 38.01
N ALA C 295 -20.87 9.99 39.03
CA ALA C 295 -21.98 10.56 39.79
C ALA C 295 -21.48 11.72 40.65
N PRO C 296 -22.25 12.81 40.72
CA PRO C 296 -21.92 13.99 41.52
C PRO C 296 -21.45 13.67 42.93
N SER C 297 -21.79 12.48 43.42
CA SER C 297 -21.41 12.07 44.76
C SER C 297 -19.97 11.57 44.82
N VAL C 298 -19.36 11.35 43.65
CA VAL C 298 -17.99 10.89 43.61
C VAL C 298 -17.07 12.08 43.83
N PRO C 299 -15.94 11.87 44.54
CA PRO C 299 -15.01 12.97 44.79
C PRO C 299 -14.59 13.72 43.52
N TYR C 300 -14.65 15.05 43.59
CA TYR C 300 -14.28 15.94 42.48
C TYR C 300 -15.22 15.94 41.27
N ALA C 301 -16.22 15.08 41.28
CA ALA C 301 -17.15 14.95 40.15
C ALA C 301 -18.40 15.83 40.15
N ASN C 302 -18.61 16.61 41.20
CA ASN C 302 -19.79 17.46 41.30
C ASN C 302 -19.54 18.80 40.59
N LEU C 303 -19.72 18.80 39.26
CA LEU C 303 -19.45 20.00 38.46
C LEU C 303 -20.64 20.71 37.80
N GLY C 304 -21.85 20.21 38.03
CA GLY C 304 -23.01 20.87 37.45
C GLY C 304 -23.05 20.80 35.94
N LEU C 305 -22.35 19.81 35.37
CA LEU C 305 -22.33 19.63 33.93
C LEU C 305 -23.76 19.41 33.46
N LYS C 306 -24.13 19.99 32.34
CA LYS C 306 -25.51 19.84 31.87
C LYS C 306 -25.78 18.40 31.44
N PRO C 307 -26.91 17.83 31.90
CA PRO C 307 -27.36 16.47 31.61
C PRO C 307 -27.98 16.35 30.23
N SER C 308 -28.22 15.10 29.81
CA SER C 308 -28.83 14.88 28.51
C SER C 308 -30.30 14.55 28.69
N GLN C 309 -31.12 15.05 27.77
CA GLN C 309 -32.54 14.83 27.79
C GLN C 309 -32.85 13.82 26.71
N TYR C 310 -33.97 13.09 26.85
CA TYR C 310 -34.40 12.13 25.83
C TYR C 310 -35.08 13.02 24.82
N ASP C 311 -34.53 13.08 23.61
CA ASP C 311 -35.08 13.95 22.60
C ASP C 311 -34.85 13.37 21.22
N PRO C 312 -35.59 12.32 20.88
CA PRO C 312 -35.42 11.70 19.57
C PRO C 312 -35.44 12.74 18.46
N GLN C 313 -36.14 13.84 18.70
CA GLN C 313 -36.24 14.91 17.71
C GLN C 313 -34.88 15.59 17.53
N LYS C 314 -34.33 16.11 18.62
CA LYS C 314 -33.05 16.78 18.58
C LYS C 314 -32.03 15.86 17.90
N ALA C 315 -32.09 14.59 18.26
CA ALA C 315 -31.18 13.59 17.72
C ALA C 315 -31.29 13.49 16.21
N LYS C 316 -32.48 13.26 15.73
CA LYS C 316 -32.76 13.13 14.32
C LYS C 316 -32.39 14.40 13.61
N ALA C 317 -32.19 15.48 14.34
CA ALA C 317 -31.83 16.77 13.75
C ALA C 317 -30.31 16.85 13.60
N LEU C 318 -29.60 16.46 14.64
CA LEU C 318 -28.15 16.48 14.62
C LEU C 318 -27.69 15.57 13.49
N LEU C 319 -28.40 14.46 13.35
CA LEU C 319 -28.08 13.44 12.37
C LEU C 319 -28.26 13.85 10.91
N GLU C 320 -29.41 14.39 10.55
CA GLU C 320 -29.58 14.76 9.16
C GLU C 320 -28.69 15.94 8.85
N LYS C 321 -28.42 16.78 9.85
CA LYS C 321 -27.56 17.92 9.58
C LYS C 321 -26.14 17.42 9.32
N ALA C 322 -25.76 16.34 10.01
CA ALA C 322 -24.44 15.76 9.85
C ALA C 322 -24.38 14.95 8.56
N GLY C 323 -25.45 15.00 7.78
CA GLY C 323 -25.48 14.28 6.51
C GLY C 323 -26.17 12.94 6.44
N TRP C 324 -26.57 12.41 7.59
CA TRP C 324 -27.24 11.13 7.58
C TRP C 324 -28.70 11.35 7.19
N THR C 325 -29.02 10.90 5.99
CA THR C 325 -30.33 11.08 5.41
C THR C 325 -31.13 9.79 5.19
N LEU C 326 -32.43 9.87 5.45
CA LEU C 326 -33.33 8.75 5.28
C LEU C 326 -33.68 8.52 3.82
N PRO C 327 -33.20 7.41 3.24
CA PRO C 327 -33.48 7.07 1.84
C PRO C 327 -34.96 6.76 1.67
N ALA C 328 -35.39 6.54 0.45
CA ALA C 328 -36.79 6.23 0.20
C ALA C 328 -37.08 4.78 0.57
N GLY C 329 -38.11 4.59 1.38
CA GLY C 329 -38.51 3.25 1.78
C GLY C 329 -37.64 2.58 2.82
N LYS C 330 -36.81 3.37 3.51
CA LYS C 330 -35.95 2.80 4.53
C LYS C 330 -36.01 3.54 5.87
N ASP C 331 -35.73 2.82 6.94
CA ASP C 331 -35.77 3.39 8.28
C ASP C 331 -34.39 3.79 8.73
N ILE C 332 -33.40 3.27 8.03
CA ILE C 332 -32.01 3.53 8.38
C ILE C 332 -31.29 4.53 7.47
N ARG C 333 -30.91 5.65 8.07
CA ARG C 333 -30.19 6.71 7.40
C ARG C 333 -28.93 6.27 6.64
N GLU C 334 -28.53 7.10 5.69
CA GLU C 334 -27.34 6.85 4.91
C GLU C 334 -26.62 8.16 4.69
N LYS C 335 -25.33 8.04 4.38
CA LYS C 335 -24.46 9.18 4.10
C LYS C 335 -23.46 8.66 3.07
N ASN C 336 -23.34 9.37 1.96
CA ASN C 336 -22.46 8.98 0.87
C ASN C 336 -22.79 7.55 0.49
N GLY C 337 -24.09 7.22 0.51
CA GLY C 337 -24.54 5.89 0.15
C GLY C 337 -24.28 4.84 1.22
N GLN C 338 -23.73 5.25 2.36
CA GLN C 338 -23.44 4.32 3.45
C GLN C 338 -24.47 4.32 4.60
N PRO C 339 -25.12 3.18 4.88
CA PRO C 339 -26.13 3.02 5.94
C PRO C 339 -25.56 3.34 7.31
N LEU C 340 -26.32 4.04 8.15
CA LEU C 340 -25.83 4.36 9.48
C LEU C 340 -25.79 3.05 10.29
N ARG C 341 -24.62 2.43 10.35
CA ARG C 341 -24.46 1.18 11.08
C ARG C 341 -23.37 1.22 12.15
N ILE C 342 -23.78 1.02 13.39
CA ILE C 342 -22.88 1.05 14.52
C ILE C 342 -22.90 -0.33 15.17
N GLU C 343 -21.77 -0.74 15.74
CA GLU C 343 -21.70 -2.04 16.38
C GLU C 343 -21.60 -1.87 17.90
N LEU C 344 -22.49 -2.57 18.61
CA LEU C 344 -22.53 -2.50 20.07
C LEU C 344 -22.13 -3.83 20.67
N SER C 345 -21.03 -3.84 21.41
CA SER C 345 -20.55 -5.07 22.02
C SER C 345 -20.69 -5.06 23.55
N PHE C 346 -20.87 -6.26 24.10
CA PHE C 346 -21.06 -6.47 25.53
C PHE C 346 -20.57 -7.89 25.81
N ILE C 347 -20.35 -8.21 27.07
CA ILE C 347 -19.87 -9.52 27.48
C ILE C 347 -20.69 -10.71 26.96
N GLY C 348 -21.96 -10.77 27.33
CA GLY C 348 -22.78 -11.88 26.86
C GLY C 348 -23.37 -12.67 28.01
N THR C 349 -22.60 -12.82 29.09
CA THR C 349 -23.07 -13.55 30.27
C THR C 349 -23.68 -12.53 31.22
N ASP C 350 -23.68 -11.27 30.81
CA ASP C 350 -24.23 -10.19 31.62
C ASP C 350 -25.69 -9.88 31.24
N ALA C 351 -26.62 -10.25 32.11
CA ALA C 351 -28.03 -10.00 31.86
C ALA C 351 -28.27 -8.51 31.67
N LEU C 352 -27.77 -7.72 32.61
CA LEU C 352 -27.94 -6.27 32.58
C LEU C 352 -27.49 -5.65 31.25
N SER C 353 -26.40 -6.18 30.70
CA SER C 353 -25.90 -5.67 29.44
C SER C 353 -26.78 -6.19 28.31
N LYS C 354 -26.76 -7.51 28.11
CA LYS C 354 -27.55 -8.16 27.08
C LYS C 354 -28.94 -7.55 27.05
N SER C 355 -29.41 -7.18 28.23
CA SER C 355 -30.73 -6.59 28.38
C SER C 355 -30.77 -5.20 27.78
N MET C 356 -30.06 -4.26 28.41
CA MET C 356 -30.00 -2.88 27.94
C MET C 356 -29.62 -2.81 26.46
N ALA C 357 -28.76 -3.73 26.04
CA ALA C 357 -28.31 -3.80 24.66
C ALA C 357 -29.55 -3.82 23.75
N GLU C 358 -30.38 -4.83 23.93
CA GLU C 358 -31.61 -4.98 23.15
C GLU C 358 -32.46 -3.71 23.12
N ILE C 359 -32.55 -3.04 24.27
CA ILE C 359 -33.33 -1.82 24.35
C ILE C 359 -32.64 -0.68 23.60
N ILE C 360 -31.36 -0.45 23.91
CA ILE C 360 -30.59 0.60 23.26
C ILE C 360 -30.72 0.43 21.76
N GLN C 361 -30.57 -0.80 21.29
CA GLN C 361 -30.69 -1.09 19.87
C GLN C 361 -32.02 -0.61 19.32
N ALA C 362 -33.07 -0.83 20.09
CA ALA C 362 -34.42 -0.44 19.69
C ALA C 362 -34.58 1.07 19.67
N ASP C 363 -34.08 1.74 20.69
CA ASP C 363 -34.18 3.20 20.73
C ASP C 363 -33.44 3.81 19.54
N MET C 364 -32.31 3.21 19.14
CA MET C 364 -31.52 3.73 18.03
C MET C 364 -32.23 3.57 16.68
N ARG C 365 -32.88 2.43 16.48
CA ARG C 365 -33.54 2.22 15.20
C ARG C 365 -34.65 3.23 15.02
N GLN C 366 -35.05 3.85 16.13
CA GLN C 366 -36.11 4.85 16.11
C GLN C 366 -35.60 6.17 15.54
N ILE C 367 -34.29 6.30 15.44
CA ILE C 367 -33.70 7.53 14.92
C ILE C 367 -32.88 7.29 13.66
N GLY C 368 -33.02 6.11 13.06
CA GLY C 368 -32.29 5.83 11.85
C GLY C 368 -30.97 5.07 11.98
N ALA C 369 -30.52 4.87 13.22
CA ALA C 369 -29.26 4.16 13.44
C ALA C 369 -29.51 2.68 13.59
N ASP C 370 -28.84 1.89 12.75
CA ASP C 370 -28.97 0.45 12.81
C ASP C 370 -27.79 -0.14 13.54
N VAL C 371 -28.01 -0.61 14.76
CA VAL C 371 -26.93 -1.19 15.53
C VAL C 371 -27.03 -2.71 15.65
N SER C 372 -25.89 -3.37 15.52
CA SER C 372 -25.78 -4.81 15.62
C SER C 372 -25.24 -5.13 16.99
N LEU C 373 -25.76 -6.20 17.58
CA LEU C 373 -25.33 -6.58 18.91
C LEU C 373 -24.30 -7.68 18.87
N ILE C 374 -23.31 -7.61 19.75
CA ILE C 374 -22.28 -8.64 19.80
C ILE C 374 -21.77 -8.96 21.20
N GLY C 375 -22.14 -10.14 21.68
CA GLY C 375 -21.71 -10.58 22.99
C GLY C 375 -20.54 -11.53 22.76
N GLU C 376 -19.59 -11.52 23.68
CA GLU C 376 -18.41 -12.37 23.54
C GLU C 376 -17.76 -12.76 24.87
N GLU C 377 -16.87 -13.73 24.80
CA GLU C 377 -16.15 -14.22 25.96
C GLU C 377 -15.47 -13.02 26.60
N GLU C 378 -15.42 -13.01 27.92
CA GLU C 378 -14.78 -11.92 28.67
C GLU C 378 -13.48 -11.50 27.97
N SER C 379 -12.71 -12.49 27.53
CA SER C 379 -11.45 -12.25 26.84
C SER C 379 -11.60 -11.41 25.56
N SER C 380 -12.44 -11.87 24.64
CA SER C 380 -12.68 -11.18 23.38
C SER C 380 -13.14 -9.76 23.59
N ILE C 381 -13.87 -9.55 24.68
CA ILE C 381 -14.39 -8.23 25.00
C ILE C 381 -13.34 -7.31 25.63
N TYR C 382 -12.34 -7.90 26.28
CA TYR C 382 -11.28 -7.10 26.87
C TYR C 382 -10.24 -6.84 25.79
N ALA C 383 -10.20 -7.73 24.81
CA ALA C 383 -9.27 -7.61 23.68
C ALA C 383 -9.73 -6.50 22.74
N ARG C 384 -11.03 -6.39 22.54
CA ARG C 384 -11.55 -5.35 21.67
C ARG C 384 -11.33 -3.98 22.33
N GLN C 385 -11.52 -3.92 23.64
CA GLN C 385 -11.34 -2.68 24.37
C GLN C 385 -9.89 -2.21 24.32
N ARG C 386 -8.96 -3.16 24.29
CA ARG C 386 -7.56 -2.78 24.23
C ARG C 386 -7.17 -2.50 22.79
N ASP C 387 -7.78 -3.23 21.86
CA ASP C 387 -7.50 -3.08 20.43
C ASP C 387 -8.19 -1.94 19.73
N GLY C 388 -9.34 -1.53 20.24
CA GLY C 388 -10.09 -0.47 19.59
C GLY C 388 -11.09 -1.06 18.61
N ARG C 389 -11.17 -2.38 18.54
CA ARG C 389 -12.10 -3.04 17.63
C ARG C 389 -13.52 -2.92 18.18
N PHE C 390 -14.16 -1.78 17.92
CA PHE C 390 -15.52 -1.54 18.39
C PHE C 390 -16.10 -0.16 18.06
N GLY C 391 -17.41 -0.13 17.89
CA GLY C 391 -18.10 1.12 17.62
C GLY C 391 -18.63 1.65 18.95
N MET C 392 -19.32 0.78 19.68
CA MET C 392 -19.86 1.09 21.00
C MET C 392 -19.63 -0.16 21.84
N ILE C 393 -19.16 0.01 23.05
CA ILE C 393 -18.95 -1.15 23.91
C ILE C 393 -19.43 -0.87 25.33
N PHE C 394 -19.95 -1.88 26.01
CA PHE C 394 -20.41 -1.67 27.37
C PHE C 394 -19.21 -1.44 28.23
N HIS C 395 -19.38 -0.59 29.23
CA HIS C 395 -18.27 -0.23 30.10
C HIS C 395 -18.80 0.26 31.44
N ARG C 396 -17.97 0.18 32.48
CA ARG C 396 -18.37 0.65 33.80
C ARG C 396 -17.16 1.16 34.59
N THR C 397 -17.40 1.99 35.60
CA THR C 397 -16.32 2.47 36.44
C THR C 397 -16.08 1.33 37.45
N TRP C 398 -15.20 1.53 38.42
CA TRP C 398 -14.90 0.44 39.34
C TRP C 398 -15.13 0.75 40.80
N GLY C 399 -16.01 1.70 41.06
CA GLY C 399 -16.27 2.06 42.45
C GLY C 399 -14.99 2.47 43.16
N ALA C 400 -15.09 2.70 44.47
CA ALA C 400 -13.94 3.10 45.24
C ALA C 400 -13.04 1.90 45.48
N PRO C 401 -11.73 2.14 45.66
CA PRO C 401 -11.06 3.46 45.65
C PRO C 401 -10.74 3.99 44.23
N TYR C 402 -10.87 3.12 43.22
CA TYR C 402 -10.56 3.49 41.85
C TYR C 402 -11.14 4.79 41.34
N ASP C 403 -12.41 5.06 41.60
CA ASP C 403 -12.99 6.31 41.10
C ASP C 403 -12.74 7.46 42.06
N PRO C 404 -12.24 8.60 41.57
CA PRO C 404 -11.90 8.84 40.15
C PRO C 404 -10.44 8.61 39.71
N HIS C 405 -9.48 9.04 40.55
CA HIS C 405 -8.05 8.95 40.25
C HIS C 405 -7.50 7.72 39.50
N ALA C 406 -7.79 6.52 39.99
CA ALA C 406 -7.29 5.32 39.33
C ALA C 406 -8.02 5.06 38.03
N PHE C 407 -9.31 5.39 37.97
CA PHE C 407 -10.05 5.15 36.74
C PHE C 407 -9.43 6.01 35.64
N LEU C 408 -9.19 7.28 35.96
CA LEU C 408 -8.60 8.21 34.99
C LEU C 408 -7.15 7.82 34.62
N SER C 409 -6.44 7.27 35.58
CA SER C 409 -5.06 6.87 35.35
C SER C 409 -4.92 5.79 34.28
N SER C 410 -5.93 4.93 34.19
CA SER C 410 -5.89 3.85 33.23
C SER C 410 -6.30 4.29 31.83
N MET C 411 -6.84 5.49 31.74
CA MET C 411 -7.27 6.01 30.43
C MET C 411 -6.05 6.35 29.59
N ARG C 412 -4.88 6.36 30.22
CA ARG C 412 -3.65 6.70 29.54
C ARG C 412 -2.94 5.53 28.86
N VAL C 413 -3.57 4.37 28.84
CA VAL C 413 -2.96 3.18 28.24
C VAL C 413 -3.99 2.24 27.62
N PRO C 414 -3.64 1.61 26.48
CA PRO C 414 -4.55 0.69 25.80
C PRO C 414 -4.85 -0.59 26.59
N SER C 415 -5.40 -0.42 27.79
CA SER C 415 -5.76 -1.57 28.63
C SER C 415 -7.27 -1.74 28.77
N HIS C 416 -8.01 -0.65 28.61
CA HIS C 416 -9.46 -0.68 28.67
C HIS C 416 -10.03 0.18 27.54
N ALA C 417 -11.33 0.10 27.33
CA ALA C 417 -12.00 0.85 26.28
C ALA C 417 -11.51 2.29 26.09
N ASP C 418 -11.43 3.02 27.21
CA ASP C 418 -11.06 4.42 27.22
C ASP C 418 -9.95 4.93 26.30
N PHE C 419 -8.76 4.36 26.42
CA PHE C 419 -7.64 4.79 25.60
C PHE C 419 -7.98 4.84 24.12
N GLN C 420 -8.39 3.71 23.56
CA GLN C 420 -8.77 3.66 22.16
C GLN C 420 -9.97 4.54 21.91
N ALA C 421 -10.93 4.49 22.81
CA ALA C 421 -12.16 5.27 22.67
C ALA C 421 -11.95 6.75 22.42
N GLN C 422 -10.84 7.28 22.90
CA GLN C 422 -10.55 8.70 22.78
C GLN C 422 -9.58 9.14 21.71
N GLN C 423 -8.90 8.17 21.09
CA GLN C 423 -7.91 8.44 20.06
C GLN C 423 -8.35 9.43 18.99
N GLY C 424 -9.65 9.67 18.91
CA GLY C 424 -10.15 10.59 17.90
C GLY C 424 -10.40 11.99 18.42
N LEU C 425 -10.06 12.24 19.67
CA LEU C 425 -10.25 13.56 20.25
C LEU C 425 -8.97 14.38 20.16
N ALA C 426 -9.08 15.61 19.68
CA ALA C 426 -7.92 16.49 19.54
C ALA C 426 -7.17 16.70 20.85
N ASP C 427 -7.91 16.85 21.95
CA ASP C 427 -7.30 17.05 23.25
C ASP C 427 -6.95 15.77 24.00
N LYS C 428 -7.02 14.63 23.33
CA LYS C 428 -6.69 13.39 24.02
C LYS C 428 -5.34 13.47 24.71
N PRO C 429 -4.33 14.12 24.07
CA PRO C 429 -3.01 14.23 24.70
C PRO C 429 -3.06 15.25 25.85
N LEU C 430 -3.75 16.36 25.62
CA LEU C 430 -3.90 17.38 26.65
C LEU C 430 -4.51 16.77 27.91
N ILE C 431 -5.44 15.84 27.71
CA ILE C 431 -6.12 15.18 28.81
C ILE C 431 -5.17 14.21 29.52
N ASP C 432 -4.50 13.34 28.79
CA ASP C 432 -3.60 12.39 29.46
C ASP C 432 -2.53 13.13 30.28
N LYS C 433 -2.17 14.33 29.84
CA LYS C 433 -1.17 15.10 30.55
C LYS C 433 -1.80 15.66 31.81
N GLU C 434 -3.06 16.09 31.71
CA GLU C 434 -3.76 16.61 32.88
C GLU C 434 -4.00 15.49 33.89
N ILE C 435 -4.40 14.31 33.41
CA ILE C 435 -4.61 13.18 34.30
C ILE C 435 -3.33 12.95 35.11
N GLY C 436 -2.19 13.07 34.43
CA GLY C 436 -0.91 12.87 35.08
C GLY C 436 -0.54 13.96 36.07
N GLU C 437 -0.98 15.17 35.78
CA GLU C 437 -0.72 16.29 36.65
C GLU C 437 -1.55 16.18 37.92
N VAL C 438 -2.83 15.86 37.74
CA VAL C 438 -3.73 15.74 38.88
C VAL C 438 -3.25 14.61 39.78
N LEU C 439 -2.75 13.55 39.16
CA LEU C 439 -2.30 12.37 39.89
C LEU C 439 -1.02 12.65 40.69
N ALA C 440 -0.44 13.84 40.49
CA ALA C 440 0.80 14.17 41.20
C ALA C 440 0.79 15.46 42.00
N THR C 441 -0.06 16.41 41.63
CA THR C 441 -0.10 17.65 42.37
C THR C 441 -0.52 17.40 43.81
N HIS C 442 -0.20 18.34 44.70
CA HIS C 442 -0.56 18.22 46.10
C HIS C 442 -1.45 19.39 46.48
N ASP C 443 -1.69 20.29 45.53
CA ASP C 443 -2.57 21.41 45.80
C ASP C 443 -4.00 20.93 45.66
N GLU C 444 -4.85 21.38 46.58
CA GLU C 444 -6.24 20.97 46.56
C GLU C 444 -7.03 21.65 45.46
N THR C 445 -6.94 22.98 45.41
CA THR C 445 -7.69 23.72 44.40
C THR C 445 -7.29 23.27 43.01
N GLN C 446 -6.00 23.03 42.79
CA GLN C 446 -5.54 22.60 41.48
C GLN C 446 -6.16 21.26 41.13
N ARG C 447 -6.07 20.32 42.06
CA ARG C 447 -6.63 18.99 41.86
C ARG C 447 -8.11 19.06 41.46
N GLN C 448 -8.81 20.08 41.95
CA GLN C 448 -10.21 20.25 41.62
C GLN C 448 -10.29 20.81 40.21
N ALA C 449 -9.52 21.86 39.97
CA ALA C 449 -9.50 22.49 38.65
C ALA C 449 -9.15 21.48 37.55
N LEU C 450 -8.19 20.60 37.82
CA LEU C 450 -7.76 19.60 36.85
C LEU C 450 -8.82 18.52 36.58
N TYR C 451 -9.40 17.95 37.64
CA TYR C 451 -10.46 16.95 37.51
C TYR C 451 -11.63 17.59 36.78
N ARG C 452 -11.95 18.82 37.19
CA ARG C 452 -13.04 19.52 36.55
C ARG C 452 -12.85 19.54 35.03
N ASP C 453 -11.68 19.99 34.59
CA ASP C 453 -11.35 20.12 33.18
C ASP C 453 -11.40 18.81 32.41
N ILE C 454 -10.65 17.83 32.90
CA ILE C 454 -10.61 16.52 32.26
C ILE C 454 -12.02 16.00 32.02
N LEU C 455 -12.82 16.01 33.10
CA LEU C 455 -14.19 15.53 33.10
C LEU C 455 -15.18 16.37 32.31
N THR C 456 -14.99 17.68 32.30
CA THR C 456 -15.89 18.54 31.54
C THR C 456 -15.58 18.31 30.05
N ARG C 457 -14.31 18.04 29.75
CA ARG C 457 -13.89 17.79 28.37
C ARG C 457 -14.52 16.48 27.90
N LEU C 458 -14.23 15.41 28.61
CA LEU C 458 -14.78 14.12 28.28
C LEU C 458 -16.30 14.17 28.09
N HIS C 459 -16.94 15.12 28.75
CA HIS C 459 -18.39 15.26 28.69
C HIS C 459 -18.88 16.12 27.54
N ASP C 460 -18.23 17.24 27.31
CA ASP C 460 -18.62 18.12 26.24
C ASP C 460 -18.35 17.46 24.90
N GLU C 461 -17.41 16.52 24.89
CA GLU C 461 -17.08 15.82 23.66
C GLU C 461 -17.88 14.54 23.46
N ALA C 462 -18.79 14.28 24.39
CA ALA C 462 -19.65 13.10 24.34
C ALA C 462 -18.90 11.78 24.16
N VAL C 463 -17.79 11.62 24.85
CA VAL C 463 -17.03 10.39 24.74
C VAL C 463 -17.87 9.19 25.09
N TYR C 464 -18.69 9.34 26.13
CA TYR C 464 -19.51 8.23 26.59
C TYR C 464 -21.00 8.42 26.42
N LEU C 465 -21.72 7.32 26.69
CA LEU C 465 -23.18 7.29 26.68
C LEU C 465 -23.52 6.70 28.04
N PRO C 466 -23.67 7.56 29.06
CA PRO C 466 -24.00 7.19 30.44
C PRO C 466 -25.42 6.63 30.57
N ILE C 467 -25.52 5.38 31.00
CA ILE C 467 -26.83 4.73 31.16
C ILE C 467 -27.36 4.95 32.59
N SER C 468 -26.84 4.22 33.56
CA SER C 468 -27.30 4.37 34.94
C SER C 468 -26.24 4.02 35.97
N TYR C 469 -26.49 4.39 37.22
CA TYR C 469 -25.59 4.09 38.33
C TYR C 469 -26.09 2.79 38.96
N ILE C 470 -25.23 1.81 39.08
CA ILE C 470 -25.65 0.53 39.62
C ILE C 470 -25.06 0.16 40.96
N SER C 471 -25.70 -0.80 41.62
CA SER C 471 -25.23 -1.22 42.93
C SER C 471 -25.19 -2.72 43.09
N MET C 472 -24.55 -3.13 44.18
CA MET C 472 -24.44 -4.55 44.51
C MET C 472 -25.81 -5.08 44.90
N MET C 473 -26.09 -6.32 44.54
CA MET C 473 -27.35 -6.92 44.91
C MET C 473 -26.99 -8.21 45.61
N VAL C 474 -27.87 -8.68 46.49
CA VAL C 474 -27.63 -9.94 47.19
C VAL C 474 -28.92 -10.72 47.19
N VAL C 475 -28.81 -12.03 47.18
CA VAL C 475 -29.96 -12.91 47.19
C VAL C 475 -29.51 -14.14 47.94
N SER C 476 -29.96 -14.27 49.20
CA SER C 476 -29.55 -15.42 50.02
C SER C 476 -30.67 -16.02 50.87
N LYS C 477 -30.46 -17.25 51.34
CA LYS C 477 -31.44 -17.91 52.19
C LYS C 477 -31.49 -16.99 53.41
N PRO C 478 -32.68 -16.87 54.03
CA PRO C 478 -32.84 -16.02 55.22
C PRO C 478 -31.95 -16.38 56.41
N GLU C 479 -31.52 -17.64 56.51
CA GLU C 479 -30.67 -18.07 57.60
C GLU C 479 -29.27 -17.47 57.55
N LEU C 480 -28.75 -17.28 56.34
CA LEU C 480 -27.41 -16.73 56.12
C LEU C 480 -27.19 -15.39 56.81
N GLY C 481 -28.29 -14.71 57.12
CA GLY C 481 -28.20 -13.43 57.81
C GLY C 481 -28.16 -12.19 56.95
N ASN C 482 -27.73 -11.08 57.55
CA ASN C 482 -27.63 -9.83 56.82
C ASN C 482 -26.21 -9.74 56.27
N ILE C 483 -26.08 -9.75 54.94
CA ILE C 483 -24.78 -9.70 54.26
C ILE C 483 -24.21 -8.29 54.15
N PRO C 484 -22.96 -8.10 54.60
CA PRO C 484 -22.30 -6.80 54.54
C PRO C 484 -21.68 -6.61 53.16
N TYR C 485 -21.11 -5.43 52.93
CA TYR C 485 -20.48 -5.15 51.65
C TYR C 485 -19.02 -4.79 51.86
N ALA C 486 -18.12 -5.46 51.16
CA ALA C 486 -16.71 -5.14 51.30
C ALA C 486 -16.54 -3.72 50.74
N PRO C 487 -15.68 -2.91 51.36
CA PRO C 487 -15.46 -1.53 50.89
C PRO C 487 -14.98 -1.54 49.43
N ILE C 488 -14.28 -2.59 49.05
CA ILE C 488 -13.77 -2.72 47.69
C ILE C 488 -14.82 -3.40 46.83
N ALA C 489 -15.59 -2.57 46.13
CA ALA C 489 -16.69 -3.01 45.29
C ALA C 489 -16.49 -4.29 44.51
N THR C 490 -15.27 -4.77 44.38
CA THR C 490 -15.07 -5.99 43.60
C THR C 490 -14.94 -7.23 44.46
N GLU C 491 -14.67 -7.02 45.75
CA GLU C 491 -14.50 -8.11 46.68
C GLU C 491 -15.81 -8.53 47.35
N ILE C 492 -15.91 -9.80 47.73
CA ILE C 492 -17.09 -10.33 48.38
C ILE C 492 -16.72 -10.77 49.79
N PRO C 493 -17.15 -10.00 50.81
CA PRO C 493 -16.87 -10.26 52.23
C PRO C 493 -17.29 -11.63 52.76
N PHE C 494 -16.96 -12.69 52.03
CA PHE C 494 -17.30 -14.04 52.45
C PHE C 494 -16.93 -14.34 53.89
N GLU C 495 -15.63 -14.35 54.19
CA GLU C 495 -15.17 -14.68 55.54
C GLU C 495 -16.09 -14.23 56.67
N GLN C 496 -16.58 -13.01 56.63
CA GLN C 496 -17.43 -12.56 57.73
C GLN C 496 -18.92 -12.78 57.58
N ILE C 497 -19.30 -13.70 56.70
CA ILE C 497 -20.71 -14.03 56.54
C ILE C 497 -21.01 -15.09 57.59
N LYS C 498 -21.83 -14.74 58.57
CA LYS C 498 -22.18 -15.65 59.66
C LYS C 498 -23.60 -16.20 59.54
N PRO C 499 -23.75 -17.54 59.66
CA PRO C 499 -25.05 -18.20 59.58
C PRO C 499 -25.74 -18.24 60.94
C1 GOL D . 30.56 -0.97 -42.60
O1 GOL D . 29.93 -2.08 -42.00
C2 GOL D . 31.11 -1.34 -43.98
O2 GOL D . 31.60 -2.66 -43.99
C3 GOL D . 30.01 -1.20 -45.04
O3 GOL D . 30.54 -0.56 -46.18
C1 GOL E . 19.58 20.56 -24.04
O1 GOL E . 19.95 20.72 -22.69
C2 GOL E . 20.80 20.55 -24.96
O2 GOL E . 20.38 20.28 -26.28
C3 GOL E . 21.51 21.91 -24.90
O3 GOL E . 22.26 22.02 -23.72
C ACT F . 30.06 -22.81 -39.12
O ACT F . 30.53 -21.74 -38.69
OXT ACT F . 30.28 -23.82 -38.41
CH3 ACT F . 29.27 -22.89 -40.39
S SO4 G . 5.89 35.40 -38.78
O1 SO4 G . 5.07 34.54 -37.92
O2 SO4 G . 5.14 36.62 -39.08
O3 SO4 G . 7.11 35.77 -38.08
O4 SO4 G . 6.24 34.70 -40.01
C1 HCT H . 12.80 6.85 -42.32
C2 HCT H . 11.82 7.49 -41.29
C3 HCT H . 11.28 6.51 -40.22
C4 HCT H . 10.68 5.27 -40.89
C5 HCT H . 11.08 4.00 -40.14
C6 HCT H . 10.00 2.92 -40.30
C7 HCT H . 10.21 7.19 -39.31
O1 HCT H . 12.53 7.01 -43.54
O2 HCT H . 13.80 6.25 -41.87
O3 HCT H . 8.95 3.27 -40.87
O4 HCT H . 10.25 1.77 -39.85
O5 HCT H . 9.80 8.32 -39.65
O6 HCT H . 9.82 6.55 -38.31
CL CL I . -21.07 -9.82 -13.36
C1 GOL J . -18.99 -28.60 -16.52
O1 GOL J . -18.84 -27.41 -15.79
C2 GOL J . -17.63 -29.30 -16.61
O2 GOL J . -17.46 -30.15 -15.50
C3 GOL J . -17.56 -30.11 -17.90
O3 GOL J . -17.19 -29.26 -18.97
C ACT K . -6.39 15.43 -2.42
O ACT K . -6.82 15.93 -1.37
OXT ACT K . -5.93 14.26 -2.34
CH3 ACT K . -6.40 16.19 -3.71
C ACT L . 9.05 -32.50 13.33
O ACT L . 9.02 -31.31 12.93
OXT ACT L . 7.93 -33.01 13.55
CH3 ACT L . 10.32 -33.24 13.56
C ACT M . 4.39 19.72 26.31
O ACT M . 3.82 20.82 26.11
OXT ACT M . 3.63 18.75 26.56
CH3 ACT M . 5.88 19.56 26.27
C1 HCT N . 0.74 -8.54 4.05
C1 HCT N . 0.58 -8.65 4.40
C2 HCT N . 0.56 -8.61 2.55
C2 HCT N . 0.56 -8.38 2.93
C3 HCT N . 1.33 -7.54 1.78
C3 HCT N . 1.92 -7.85 2.61
C4 HCT N . 2.48 -8.17 1.01
C4 HCT N . 2.20 -8.04 1.13
C5 HCT N . 2.21 -8.43 -0.45
C5 HCT N . 3.22 -9.13 0.86
C6 HCT N . 2.93 -9.71 -0.66
C6 HCT N . 2.90 -9.39 -0.56
C7 HCT N . 1.94 -6.54 2.74
C7 HCT N . 2.00 -6.40 2.90
O1 HCT N . -0.14 -9.02 4.76
O1 HCT N . -0.29 -9.34 4.90
O2 HCT N . 1.78 -8.04 4.47
O2 HCT N . 1.48 -8.15 5.07
O3 HCT N . 3.71 -9.96 0.23
O3 HCT N . 2.99 -10.50 -1.08
O4 HCT N . 2.67 -10.43 -1.66
O4 HCT N . 2.50 -8.39 -1.12
O5 HCT N . 1.23 -5.61 3.14
O5 HCT N . 0.98 -5.77 3.18
O6 HCT N . 3.11 -6.76 3.04
O6 HCT N . 3.10 -5.88 2.83
CL CL O . -34.76 -0.36 6.61
CL CL P . -28.56 -8.09 15.56
CL CL Q . -21.03 -1.58 8.30
C ACT R . -24.27 -4.86 2.48
O ACT R . -25.35 -4.27 2.25
OXT ACT R . -23.48 -4.28 3.24
CH3 ACT R . -23.95 -6.20 1.87
C ACT S . -14.92 -2.73 32.17
O ACT S . -15.56 -2.83 31.10
OXT ACT S . -14.21 -1.71 32.30
CH3 ACT S . -15.00 -3.78 33.24
C1 HCT T . -5.27 -4.80 32.09
C2 HCT T . -6.63 -4.93 32.79
C3 HCT T . -6.82 -4.03 34.04
C4 HCT T . -8.00 -4.58 34.86
C5 HCT T . -8.48 -3.69 36.01
C6 HCT T . -8.34 -4.34 37.38
C7 HCT T . -7.03 -2.56 33.63
O1 HCT T . -4.75 -3.66 31.99
O2 HCT T . -4.75 -5.86 31.66
O3 HCT T . -8.22 -5.58 37.43
O4 HCT T . -8.36 -3.59 38.38
O5 HCT T . -6.85 -1.69 34.51
O6 HCT T . -7.34 -2.32 32.44
#